data_4CYZ
#
_entry.id   4CYZ
#
_cell.length_a   67.070
_cell.length_b   230.580
_cell.length_c   68.460
_cell.angle_alpha   90.00
_cell.angle_beta   110.41
_cell.angle_gamma   90.00
#
_symmetry.space_group_name_H-M   'P 1 21 1'
#
loop_
_entity.id
_entity.type
_entity.pdbx_description
1 polymer HEMAGGLUTININ
2 polymer HEMAGGLUTININ
3 branched 'N-acetyl-alpha-neuraminic acid-(2-3)-beta-D-galactopyranose-(1-3)-2-acetamido-2-deoxy-beta-D-glucopyranose'
4 branched alpha-D-mannopyranose-(1-3)-[alpha-D-mannopyranose-(1-6)]beta-D-mannopyranose-(1-4)-2-acetamido-2-deoxy-beta-D-glucopyranose-(1-4)-2-acetamido-2-deoxy-beta-D-glucopyranose
5 branched 2-acetamido-2-deoxy-beta-D-glucopyranose-(1-4)-2-acetamido-2-deoxy-beta-D-glucopyranose
6 branched 'N-acetyl-alpha-neuraminic acid-(2-3)-beta-D-galactopyranose'
7 branched alpha-D-mannopyranose-(1-3)-beta-D-mannopyranose-(1-4)-2-acetamido-2-deoxy-beta-D-glucopyranose-(1-4)-2-acetamido-2-deoxy-beta-D-glucopyranose
8 non-polymer 2-acetamido-2-deoxy-beta-D-glucopyranose
9 non-polymer 1,2-ETHANEDIOL
10 water water
#
loop_
_entity_poly.entity_id
_entity_poly.type
_entity_poly.pdbx_seq_one_letter_code
_entity_poly.pdbx_strand_id
1 'polypeptide(L)'
;DKICLGHHAVANGTIVKTLTNEQEEVTNATETVESTSLDRLCMKGRSHKDLGNCHPIGMLIGTPACDLHLTGTWDTLIER
ENAIAYCYPGATVNEEALRQKIMESGGISKISTGFTYGSSINSAGTTKACMRNGGNSFYAELKWLVSKSKGQNFPQTTNT
YRNTDTAEHLIMWGIHHPSSTQEKNDLYGTQSLSISVGSSTYQSNFVPVVGARPQVNGQSGRIDFHWTLVQPGDNITFSH
NGGLIAPSRVSKLIGRGLGIQSDAPIDNNCESKCFWRGGSINTRLPFQNLSPRTVGQCPKYVNKKSLMLATGMRNVPE
;
A,C,E
2 'polypeptide(L)'
;GLFGAIAGFIENGWEGMVDGWYGFRHQNAQGTGQAADYKSTQAAIDQITGKLNRLIEKTNTEFESIESEFSEIEHQIGNV
INWTKDSITDIWTYQAELLVAMENQHTIDMADSEMLNLYERVRKQLRQNAEEDGKGCFEIYHACDDSCMESIRNNTYDHS
QYREEALLNRLN
;
B,D,F
#
loop_
_chem_comp.id
_chem_comp.type
_chem_comp.name
_chem_comp.formula
BMA D-saccharide, beta linking beta-D-mannopyranose 'C6 H12 O6'
EDO non-polymer 1,2-ETHANEDIOL 'C2 H6 O2'
GAL D-saccharide, beta linking beta-D-galactopyranose 'C6 H12 O6'
MAN D-saccharide, alpha linking alpha-D-mannopyranose 'C6 H12 O6'
NAG D-saccharide, beta linking 2-acetamido-2-deoxy-beta-D-glucopyranose 'C8 H15 N O6'
SIA D-saccharide, alpha linking 'N-acetyl-alpha-neuraminic acid' 'C11 H19 N O9'
#
# COMPACT_ATOMS: atom_id res chain seq x y z
N ASP A 1 51.06 -6.29 -38.07
CA ASP A 1 51.54 -5.77 -36.75
C ASP A 1 50.45 -5.15 -35.86
N LYS A 2 49.18 -5.33 -36.23
CA LYS A 2 48.09 -4.65 -35.53
C LYS A 2 46.93 -5.59 -35.18
N ILE A 3 46.63 -5.69 -33.89
CA ILE A 3 45.48 -6.48 -33.42
C ILE A 3 44.48 -5.61 -32.64
N CYS A 4 43.24 -5.57 -33.13
CA CYS A 4 42.20 -4.67 -32.60
C CYS A 4 41.09 -5.40 -31.87
N LEU A 5 40.74 -4.88 -30.71
CA LEU A 5 39.62 -5.40 -29.91
C LEU A 5 38.36 -4.61 -30.20
N GLY A 6 37.24 -5.30 -30.18
CA GLY A 6 35.96 -4.67 -30.49
C GLY A 6 34.74 -5.46 -30.05
N HIS A 7 33.57 -4.88 -30.30
CA HIS A 7 32.31 -5.47 -29.91
C HIS A 7 31.36 -5.41 -31.09
N HIS A 8 30.24 -6.11 -30.97
CA HIS A 8 29.27 -6.17 -32.06
C HIS A 8 28.29 -5.00 -32.00
N ALA A 9 27.66 -4.72 -33.14
CA ALA A 9 26.58 -3.76 -33.21
C ALA A 9 25.54 -4.27 -34.19
N VAL A 10 24.36 -3.67 -34.16
CA VAL A 10 23.30 -3.98 -35.11
C VAL A 10 22.90 -2.71 -35.84
N ALA A 11 22.29 -2.85 -37.01
CA ALA A 11 21.84 -1.71 -37.78
C ALA A 11 20.74 -0.94 -37.04
N ASN A 12 19.66 -1.65 -36.72
CA ASN A 12 18.50 -1.05 -36.07
C ASN A 12 18.41 -1.46 -34.59
N GLY A 13 18.89 -0.58 -33.70
CA GLY A 13 18.87 -0.82 -32.26
C GLY A 13 17.50 -0.58 -31.63
N THR A 14 17.45 -0.66 -30.29
CA THR A 14 16.23 -0.42 -29.51
C THR A 14 16.46 0.64 -28.44
N ILE A 15 15.46 1.48 -28.22
CA ILE A 15 15.51 2.52 -27.19
C ILE A 15 15.07 1.94 -25.84
N VAL A 16 15.89 2.14 -24.82
CA VAL A 16 15.53 1.85 -23.43
C VAL A 16 15.80 3.08 -22.57
N LYS A 17 15.19 3.12 -21.38
CA LYS A 17 15.50 4.14 -20.38
C LYS A 17 16.51 3.60 -19.38
N THR A 18 17.48 4.44 -19.03
CA THR A 18 18.41 4.16 -17.95
C THR A 18 18.20 5.20 -16.86
N LEU A 19 19.01 5.16 -15.80
CA LEU A 19 18.95 6.15 -14.73
C LEU A 19 19.27 7.56 -15.20
N THR A 20 20.07 7.66 -16.26
CA THR A 20 20.62 8.95 -16.67
C THR A 20 20.25 9.34 -18.09
N ASN A 21 19.49 8.48 -18.77
CA ASN A 21 19.23 8.64 -20.19
C ASN A 21 17.88 8.05 -20.57
N GLU A 22 16.97 8.92 -20.99
CA GLU A 22 15.64 8.50 -21.42
C GLU A 22 15.66 7.85 -22.80
N GLN A 23 16.69 8.17 -23.59
CA GLN A 23 16.74 7.78 -24.99
C GLN A 23 18.05 7.02 -25.33
N GLU A 24 18.26 5.90 -24.67
CA GLU A 24 19.48 5.11 -24.83
C GLU A 24 19.29 3.96 -25.82
N GLU A 25 20.21 3.84 -26.77
CA GLU A 25 20.15 2.78 -27.78
C GLU A 25 20.99 1.55 -27.40
N VAL A 26 20.33 0.39 -27.33
CA VAL A 26 21.01 -0.87 -27.01
C VAL A 26 20.85 -1.88 -28.16
N THR A 27 21.70 -2.91 -28.16
CA THR A 27 21.67 -3.91 -29.26
C THR A 27 20.41 -4.78 -29.24
N ASN A 28 19.82 -4.98 -28.07
CA ASN A 28 18.58 -5.73 -27.93
C ASN A 28 17.87 -5.42 -26.61
N ALA A 29 16.56 -5.67 -26.55
CA ALA A 29 15.78 -5.50 -25.33
C ALA A 29 14.48 -6.30 -25.35
N THR A 30 13.91 -6.54 -24.17
CA THR A 30 12.71 -7.35 -24.04
C THR A 30 11.66 -6.66 -23.16
N GLU A 31 10.38 -6.91 -23.45
CA GLU A 31 9.27 -6.27 -22.75
C GLU A 31 9.07 -6.85 -21.35
N THR A 32 8.71 -6.00 -20.37
CA THR A 32 8.42 -6.46 -18.99
C THR A 32 6.98 -6.25 -18.56
N VAL A 33 6.18 -5.61 -19.41
CA VAL A 33 4.78 -5.37 -19.12
C VAL A 33 3.90 -6.12 -20.12
N GLU A 34 3.08 -7.03 -19.60
CA GLU A 34 2.17 -7.80 -20.41
C GLU A 34 0.98 -6.95 -20.88
N SER A 35 0.80 -6.86 -22.20
CA SER A 35 -0.33 -6.14 -22.79
C SER A 35 -1.36 -7.07 -23.41
N THR A 36 -1.04 -8.36 -23.48
CA THR A 36 -1.87 -9.33 -24.18
C THR A 36 -2.74 -10.12 -23.21
N SER A 37 -4.00 -10.29 -23.58
CA SER A 37 -4.92 -11.11 -22.80
C SER A 37 -5.57 -12.17 -23.67
N LEU A 38 -5.82 -13.34 -23.08
CA LEU A 38 -6.63 -14.38 -23.69
C LEU A 38 -8.10 -14.11 -23.35
N ASP A 39 -8.93 -13.91 -24.37
CA ASP A 39 -10.35 -13.59 -24.15
C ASP A 39 -11.18 -14.84 -23.86
N ARG A 40 -10.68 -15.65 -22.94
CA ARG A 40 -11.30 -16.90 -22.56
C ARG A 40 -10.98 -17.12 -21.09
N LEU A 41 -11.84 -17.88 -20.41
CA LEU A 41 -11.52 -18.36 -19.08
C LEU A 41 -10.82 -19.71 -19.19
N CYS A 42 -9.54 -19.74 -18.89
CA CYS A 42 -8.71 -20.93 -18.99
C CYS A 42 -8.91 -21.86 -17.79
N MET A 43 -9.61 -22.96 -18.01
CA MET A 43 -10.08 -23.80 -16.89
C MET A 43 -9.41 -25.17 -16.76
N LYS A 44 -8.36 -25.41 -17.53
CA LYS A 44 -7.61 -26.66 -17.43
C LYS A 44 -7.00 -26.84 -16.04
N GLY A 45 -7.23 -28.01 -15.44
CA GLY A 45 -6.77 -28.31 -14.09
C GLY A 45 -7.73 -27.87 -12.98
N ARG A 46 -8.86 -27.30 -13.37
CA ARG A 46 -9.79 -26.71 -12.40
C ARG A 46 -11.15 -27.36 -12.39
N SER A 47 -11.58 -27.81 -11.21
CA SER A 47 -12.95 -28.24 -10.99
C SER A 47 -13.81 -26.98 -10.84
N HIS A 48 -14.44 -26.57 -11.93
CA HIS A 48 -15.13 -25.29 -11.98
C HIS A 48 -16.63 -25.40 -12.17
N LYS A 49 -17.37 -24.43 -11.60
CA LYS A 49 -18.79 -24.31 -11.83
C LYS A 49 -19.08 -22.95 -12.47
N ASP A 50 -19.67 -23.00 -13.66
CA ASP A 50 -20.17 -21.82 -14.35
C ASP A 50 -21.62 -21.62 -13.96
N LEU A 51 -21.91 -20.53 -13.27
CA LEU A 51 -23.24 -20.28 -12.75
C LEU A 51 -24.26 -19.86 -13.82
N GLY A 52 -23.79 -19.50 -15.01
CA GLY A 52 -24.64 -19.01 -16.12
C GLY A 52 -25.59 -17.92 -15.66
N ASN A 53 -26.89 -18.20 -15.79
CA ASN A 53 -28.01 -17.39 -15.29
C ASN A 53 -28.07 -17.10 -13.80
N CYS A 54 -27.38 -17.92 -13.02
CA CYS A 54 -27.61 -17.99 -11.58
C CYS A 54 -26.71 -17.05 -10.77
N HIS A 55 -27.33 -16.25 -9.92
CA HIS A 55 -26.57 -15.39 -9.02
C HIS A 55 -26.16 -16.19 -7.78
N PRO A 56 -24.92 -16.00 -7.30
CA PRO A 56 -24.44 -16.79 -6.15
C PRO A 56 -25.39 -16.85 -4.94
N ILE A 57 -26.10 -15.76 -4.67
CA ILE A 57 -27.06 -15.72 -3.56
C ILE A 57 -28.27 -16.61 -3.84
N GLY A 58 -28.63 -16.74 -5.12
CA GLY A 58 -29.71 -17.63 -5.54
C GLY A 58 -29.46 -19.10 -5.25
N MET A 59 -28.19 -19.48 -5.08
CA MET A 59 -27.80 -20.84 -4.71
C MET A 59 -28.27 -21.15 -3.31
N LEU A 60 -28.22 -20.15 -2.45
CA LEU A 60 -28.62 -20.31 -1.07
C LEU A 60 -30.13 -20.38 -0.90
N ILE A 61 -30.85 -19.54 -1.62
CA ILE A 61 -32.30 -19.43 -1.47
C ILE A 61 -33.10 -20.28 -2.46
N GLY A 62 -32.46 -20.70 -3.55
CA GLY A 62 -33.12 -21.60 -4.50
C GLY A 62 -34.04 -20.94 -5.52
N THR A 63 -33.58 -19.85 -6.13
CA THR A 63 -34.25 -19.27 -7.29
C THR A 63 -34.21 -20.34 -8.38
N PRO A 64 -35.28 -20.44 -9.19
CA PRO A 64 -35.34 -21.45 -10.28
C PRO A 64 -34.14 -21.49 -11.22
N ALA A 65 -33.58 -20.31 -11.52
CA ALA A 65 -32.44 -20.23 -12.43
C ALA A 65 -31.20 -20.82 -11.78
N CYS A 66 -31.32 -21.15 -10.50
CA CYS A 66 -30.22 -21.74 -9.73
C CYS A 66 -30.46 -23.22 -9.38
N ASP A 67 -31.46 -23.84 -10.00
CA ASP A 67 -31.79 -25.23 -9.69
C ASP A 67 -30.65 -26.25 -9.89
N LEU A 68 -29.75 -25.99 -10.83
CA LEU A 68 -28.60 -26.86 -11.06
C LEU A 68 -27.42 -26.52 -10.14
N HIS A 69 -27.59 -25.51 -9.29
CA HIS A 69 -26.50 -25.01 -8.47
C HIS A 69 -26.84 -24.89 -6.98
N LEU A 70 -27.71 -25.76 -6.49
CA LEU A 70 -28.12 -25.70 -5.08
C LEU A 70 -27.11 -26.39 -4.15
N THR A 71 -26.45 -27.41 -4.67
CA THR A 71 -25.38 -28.11 -3.95
C THR A 71 -24.19 -28.28 -4.89
N GLY A 72 -23.04 -28.66 -4.34
CA GLY A 72 -21.91 -29.03 -5.19
C GLY A 72 -20.57 -28.73 -4.57
N THR A 73 -19.50 -29.03 -5.31
CA THR A 73 -18.14 -28.66 -4.93
C THR A 73 -17.39 -28.16 -6.17
N TRP A 74 -16.45 -27.25 -5.95
CA TRP A 74 -15.68 -26.62 -7.04
C TRP A 74 -14.42 -26.01 -6.43
N ASP A 75 -13.39 -25.78 -7.23
CA ASP A 75 -12.27 -24.95 -6.79
C ASP A 75 -12.36 -23.57 -7.42
N THR A 76 -13.25 -23.43 -8.40
CA THR A 76 -13.41 -22.20 -9.16
C THR A 76 -14.89 -21.92 -9.46
N LEU A 77 -15.36 -20.75 -9.03
CA LEU A 77 -16.75 -20.39 -9.22
C LEU A 77 -16.88 -19.18 -10.16
N ILE A 78 -17.65 -19.35 -11.23
CA ILE A 78 -17.76 -18.30 -12.24
C ILE A 78 -19.13 -17.64 -12.24
N GLU A 79 -19.16 -16.35 -11.95
CA GLU A 79 -20.39 -15.54 -11.98
C GLU A 79 -20.48 -14.69 -13.27
N ARG A 80 -21.65 -14.69 -13.91
CA ARG A 80 -21.87 -13.96 -15.16
C ARG A 80 -22.72 -12.70 -14.95
N GLU A 81 -22.67 -11.79 -15.93
CA GLU A 81 -23.46 -10.55 -15.90
C GLU A 81 -24.96 -10.80 -16.04
N ASN A 82 -25.76 -10.02 -15.32
CA ASN A 82 -27.24 -10.11 -15.36
C ASN A 82 -27.79 -11.37 -14.71
N ALA A 83 -26.98 -12.03 -13.88
CA ALA A 83 -27.42 -13.24 -13.24
C ALA A 83 -28.57 -12.91 -12.27
N ILE A 84 -29.48 -13.87 -12.12
CA ILE A 84 -30.72 -13.63 -11.37
C ILE A 84 -30.61 -14.24 -9.97
N ALA A 85 -30.87 -13.42 -8.96
CA ALA A 85 -30.97 -13.86 -7.58
C ALA A 85 -32.43 -13.89 -7.12
N TYR A 86 -33.21 -12.91 -7.54
CA TYR A 86 -34.54 -12.68 -6.99
C TYR A 86 -35.62 -12.72 -8.05
N CYS A 87 -36.27 -13.89 -8.19
CA CYS A 87 -37.39 -14.02 -9.11
C CYS A 87 -38.54 -13.12 -8.63
N TYR A 88 -38.86 -13.22 -7.35
CA TYR A 88 -39.78 -12.30 -6.69
C TYR A 88 -38.96 -11.09 -6.23
N PRO A 89 -39.48 -9.87 -6.45
CA PRO A 89 -38.67 -8.69 -6.16
C PRO A 89 -38.23 -8.57 -4.70
N GLY A 90 -37.03 -8.03 -4.51
CA GLY A 90 -36.48 -7.75 -3.19
C GLY A 90 -34.97 -7.68 -3.25
N ALA A 91 -34.36 -7.79 -2.07
CA ALA A 91 -32.90 -7.80 -1.94
C ALA A 91 -32.50 -8.39 -0.60
N THR A 92 -31.22 -8.77 -0.48
CA THR A 92 -30.64 -9.23 0.77
C THR A 92 -29.91 -8.08 1.48
N VAL A 93 -30.17 -7.93 2.77
CA VAL A 93 -29.36 -7.07 3.64
C VAL A 93 -27.97 -7.72 3.76
N ASN A 94 -26.92 -6.90 3.66
CA ASN A 94 -25.52 -7.37 3.64
C ASN A 94 -25.24 -8.30 2.47
N GLU A 95 -25.77 -7.92 1.32
CA GLU A 95 -25.73 -8.69 0.10
C GLU A 95 -24.30 -8.98 -0.36
N GLU A 96 -23.45 -7.96 -0.30
CA GLU A 96 -22.14 -8.07 -0.91
C GLU A 96 -21.22 -8.90 -0.02
N ALA A 97 -21.36 -8.76 1.29
CA ALA A 97 -20.66 -9.63 2.24
C ALA A 97 -21.02 -11.10 1.99
N LEU A 98 -22.29 -11.37 1.74
CA LEU A 98 -22.76 -12.73 1.45
C LEU A 98 -22.22 -13.24 0.11
N ARG A 99 -22.32 -12.41 -0.92
CA ARG A 99 -21.83 -12.77 -2.24
C ARG A 99 -20.36 -13.17 -2.12
N GLN A 100 -19.59 -12.36 -1.39
CA GLN A 100 -18.16 -12.58 -1.24
C GLN A 100 -17.83 -13.89 -0.52
N LYS A 101 -18.63 -14.24 0.50
CA LYS A 101 -18.48 -15.52 1.23
C LYS A 101 -18.66 -16.73 0.31
N ILE A 102 -19.68 -16.68 -0.54
CA ILE A 102 -19.97 -17.78 -1.45
C ILE A 102 -18.86 -17.93 -2.49
N MET A 103 -18.26 -16.80 -2.89
CA MET A 103 -17.22 -16.80 -3.91
C MET A 103 -15.80 -17.06 -3.34
N GLU A 104 -15.69 -17.13 -2.01
CA GLU A 104 -14.47 -17.50 -1.26
C GLU A 104 -14.55 -19.03 -0.98
N SER A 105 -15.70 -19.65 -1.28
CA SER A 105 -15.94 -21.05 -0.93
C SER A 105 -15.61 -22.06 -2.03
N GLY A 106 -15.51 -23.32 -1.61
CA GLY A 106 -15.27 -24.44 -2.53
C GLY A 106 -16.41 -25.41 -2.65
N GLY A 107 -17.61 -25.00 -2.25
CA GLY A 107 -18.77 -25.87 -2.34
C GLY A 107 -19.90 -25.49 -1.42
N ILE A 108 -21.05 -26.13 -1.59
CA ILE A 108 -22.25 -25.87 -0.80
C ILE A 108 -22.97 -27.19 -0.51
N SER A 109 -23.34 -27.41 0.75
CA SER A 109 -24.20 -28.52 1.17
C SER A 109 -25.48 -27.94 1.73
N LYS A 110 -26.56 -28.71 1.67
CA LYS A 110 -27.85 -28.24 2.16
C LYS A 110 -28.43 -29.19 3.19
N ILE A 111 -28.93 -28.61 4.29
CA ILE A 111 -29.45 -29.38 5.41
C ILE A 111 -30.87 -28.90 5.75
N SER A 112 -31.77 -29.85 6.00
CA SER A 112 -33.16 -29.52 6.31
C SER A 112 -33.31 -28.87 7.67
N THR A 113 -34.25 -27.93 7.75
CA THR A 113 -34.58 -27.29 9.01
C THR A 113 -35.51 -28.18 9.81
N GLY A 114 -36.32 -28.94 9.09
CA GLY A 114 -37.29 -29.84 9.69
C GLY A 114 -38.58 -29.15 10.12
N PHE A 115 -38.73 -27.87 9.78
CA PHE A 115 -39.86 -27.08 10.23
C PHE A 115 -41.20 -27.64 9.75
N THR A 116 -42.17 -27.70 10.66
CA THR A 116 -43.53 -28.11 10.31
C THR A 116 -44.52 -27.08 10.84
N TYR A 117 -45.73 -27.10 10.30
CA TYR A 117 -46.73 -26.06 10.58
C TYR A 117 -48.14 -26.62 10.79
N GLY A 118 -48.85 -26.08 11.77
CA GLY A 118 -50.22 -26.47 12.07
C GLY A 118 -51.14 -26.23 10.89
N SER A 119 -52.33 -26.82 10.93
CA SER A 119 -53.27 -26.76 9.80
C SER A 119 -53.80 -25.35 9.49
N SER A 120 -53.65 -24.41 10.41
CA SER A 120 -54.04 -23.02 10.14
C SER A 120 -53.00 -22.27 9.26
N ILE A 121 -51.88 -22.94 8.93
CA ILE A 121 -50.87 -22.34 8.06
C ILE A 121 -50.83 -23.02 6.70
N ASN A 122 -50.93 -22.22 5.65
CA ASN A 122 -50.63 -22.67 4.30
C ASN A 122 -49.16 -22.35 4.04
N SER A 123 -48.35 -23.39 3.92
CA SER A 123 -46.91 -23.23 3.73
C SER A 123 -46.51 -23.32 2.26
N ALA A 124 -47.48 -23.63 1.41
CA ALA A 124 -47.23 -23.81 -0.04
C ALA A 124 -47.58 -22.57 -0.87
N GLY A 125 -47.42 -21.38 -0.30
CA GLY A 125 -47.66 -20.14 -1.03
C GLY A 125 -46.68 -19.94 -2.17
N THR A 126 -47.19 -19.51 -3.32
CA THR A 126 -46.39 -19.41 -4.53
C THR A 126 -46.61 -18.11 -5.29
N THR A 127 -45.79 -17.87 -6.29
CA THR A 127 -45.87 -16.65 -7.08
C THR A 127 -45.58 -16.92 -8.56
N LYS A 128 -46.27 -16.18 -9.41
CA LYS A 128 -46.05 -16.20 -10.85
C LYS A 128 -44.64 -15.71 -11.19
N ALA A 129 -44.02 -14.99 -10.25
CA ALA A 129 -42.67 -14.44 -10.45
C ALA A 129 -41.57 -15.50 -10.43
N CYS A 130 -41.82 -16.62 -9.73
CA CYS A 130 -40.87 -17.73 -9.67
C CYS A 130 -41.49 -18.95 -10.34
N MET A 131 -41.41 -19.00 -11.67
CA MET A 131 -42.01 -20.05 -12.48
C MET A 131 -41.17 -21.32 -12.46
N ARG A 132 -41.83 -22.46 -12.34
CA ARG A 132 -41.18 -23.76 -12.53
C ARG A 132 -42.12 -24.71 -13.28
N ASN A 133 -41.62 -25.31 -14.35
CA ASN A 133 -42.41 -26.24 -15.16
C ASN A 133 -43.75 -25.64 -15.63
N GLY A 134 -43.73 -24.34 -15.95
CA GLY A 134 -44.94 -23.62 -16.40
C GLY A 134 -45.95 -23.34 -15.29
N GLY A 135 -45.51 -23.49 -14.03
CA GLY A 135 -46.38 -23.28 -12.88
C GLY A 135 -45.81 -22.30 -11.86
N ASN A 136 -46.71 -21.62 -11.15
CA ASN A 136 -46.33 -20.72 -10.08
C ASN A 136 -45.63 -21.50 -8.99
N SER A 137 -44.46 -21.02 -8.59
CA SER A 137 -43.64 -21.72 -7.63
C SER A 137 -43.05 -20.73 -6.62
N PHE A 138 -42.00 -21.15 -5.94
CA PHE A 138 -41.35 -20.33 -4.94
C PHE A 138 -39.91 -20.80 -4.76
N TYR A 139 -39.10 -19.99 -4.06
CA TYR A 139 -37.72 -20.35 -3.74
C TYR A 139 -37.68 -21.73 -3.10
N ALA A 140 -36.82 -22.60 -3.64
CA ALA A 140 -36.77 -24.03 -3.24
C ALA A 140 -36.37 -24.27 -1.78
N GLU A 141 -35.66 -23.34 -1.17
CA GLU A 141 -35.14 -23.54 0.18
C GLU A 141 -35.95 -22.83 1.24
N LEU A 142 -37.01 -22.14 0.83
CA LEU A 142 -37.82 -21.35 1.74
C LEU A 142 -39.30 -21.60 1.53
N LYS A 143 -40.11 -21.30 2.55
CA LYS A 143 -41.56 -21.49 2.44
C LYS A 143 -42.29 -20.19 2.70
N TRP A 144 -43.20 -19.84 1.79
CA TRP A 144 -44.07 -18.70 1.97
C TRP A 144 -45.27 -19.11 2.81
N LEU A 145 -45.28 -18.65 4.06
CA LEU A 145 -46.29 -19.01 5.02
C LEU A 145 -47.40 -17.97 5.06
N VAL A 146 -48.60 -18.38 4.73
CA VAL A 146 -49.76 -17.50 4.87
C VAL A 146 -50.86 -18.24 5.61
N SER A 147 -51.85 -17.49 6.10
CA SER A 147 -53.02 -18.12 6.75
C SER A 147 -53.72 -19.08 5.78
N LYS A 148 -54.07 -20.27 6.26
CA LYS A 148 -54.87 -21.20 5.47
C LYS A 148 -56.18 -20.52 5.02
N SER A 149 -56.86 -19.88 5.96
CA SER A 149 -58.10 -19.16 5.68
C SER A 149 -57.86 -17.67 5.47
N LYS A 150 -58.33 -17.16 4.32
CA LYS A 150 -58.15 -15.76 3.93
C LYS A 150 -58.74 -14.79 4.96
N GLY A 151 -57.94 -13.81 5.36
CA GLY A 151 -58.37 -12.79 6.31
C GLY A 151 -58.19 -13.20 7.76
N GLN A 152 -58.06 -14.49 8.02
CA GLN A 152 -57.88 -14.99 9.38
C GLN A 152 -56.51 -14.62 9.95
N ASN A 153 -56.44 -14.53 11.28
CA ASN A 153 -55.20 -14.19 11.97
C ASN A 153 -54.20 -15.34 11.87
N PHE A 154 -53.03 -15.01 11.34
CA PHE A 154 -51.92 -15.93 11.30
C PHE A 154 -51.56 -16.23 12.75
N PRO A 155 -51.47 -17.52 13.11
CA PRO A 155 -51.29 -17.88 14.53
C PRO A 155 -49.90 -17.49 15.04
N GLN A 156 -49.74 -17.42 16.36
CA GLN A 156 -48.42 -17.23 16.96
C GLN A 156 -47.64 -18.55 16.82
N THR A 157 -46.46 -18.46 16.19
CA THR A 157 -45.73 -19.66 15.79
C THR A 157 -44.25 -19.59 16.19
N THR A 158 -43.74 -20.72 16.67
CA THR A 158 -42.33 -20.86 17.00
C THR A 158 -41.72 -22.05 16.27
N ASN A 159 -40.57 -21.81 15.63
CA ASN A 159 -39.79 -22.83 14.95
C ASN A 159 -38.32 -22.69 15.34
N THR A 160 -37.71 -23.79 15.76
CA THR A 160 -36.31 -23.77 16.14
C THR A 160 -35.48 -24.75 15.31
N TYR A 161 -34.43 -24.23 14.68
CA TYR A 161 -33.46 -25.06 13.99
C TYR A 161 -32.29 -25.30 14.92
N ARG A 162 -31.81 -26.54 14.95
CA ARG A 162 -30.70 -26.91 15.81
C ARG A 162 -29.54 -27.41 14.96
N ASN A 163 -28.37 -26.85 15.20
CA ASN A 163 -27.18 -27.28 14.49
C ASN A 163 -26.51 -28.43 15.25
N THR A 164 -26.62 -29.64 14.70
CA THR A 164 -26.05 -30.83 15.34
C THR A 164 -24.73 -31.23 14.69
N ASP A 165 -24.34 -30.46 13.67
CA ASP A 165 -23.11 -30.69 12.93
C ASP A 165 -21.93 -30.04 13.65
N THR A 166 -20.70 -30.33 13.20
CA THR A 166 -19.50 -29.77 13.81
C THR A 166 -18.96 -28.54 13.05
N ALA A 167 -19.81 -27.94 12.23
CA ALA A 167 -19.46 -26.71 11.52
C ALA A 167 -20.60 -25.70 11.68
N GLU A 168 -20.28 -24.42 11.47
CA GLU A 168 -21.31 -23.40 11.44
C GLU A 168 -22.15 -23.54 10.18
N HIS A 169 -23.45 -23.27 10.33
CA HIS A 169 -24.37 -23.30 9.20
C HIS A 169 -24.84 -21.89 8.89
N LEU A 170 -25.04 -21.62 7.60
CA LEU A 170 -25.56 -20.34 7.14
C LEU A 170 -27.07 -20.46 6.95
N ILE A 171 -27.84 -19.74 7.77
CA ILE A 171 -29.30 -19.74 7.68
C ILE A 171 -29.82 -18.44 7.07
N MET A 172 -30.82 -18.55 6.20
CA MET A 172 -31.46 -17.39 5.59
C MET A 172 -32.97 -17.41 5.78
N TRP A 173 -33.56 -16.23 5.82
CA TRP A 173 -35.00 -16.08 5.91
C TRP A 173 -35.40 -14.81 5.21
N GLY A 174 -36.69 -14.68 4.93
CA GLY A 174 -37.22 -13.48 4.27
C GLY A 174 -38.36 -12.83 5.03
N ILE A 175 -38.57 -11.55 4.75
CA ILE A 175 -39.70 -10.82 5.31
C ILE A 175 -40.53 -10.33 4.12
N HIS A 176 -41.78 -10.75 4.05
CA HIS A 176 -42.63 -10.25 2.99
C HIS A 176 -43.14 -8.88 3.34
N HIS A 177 -43.07 -7.98 2.37
CA HIS A 177 -43.55 -6.61 2.54
C HIS A 177 -44.69 -6.36 1.57
N PRO A 178 -45.95 -6.45 2.05
CA PRO A 178 -47.15 -6.29 1.24
C PRO A 178 -47.27 -4.91 0.60
N SER A 179 -48.01 -4.83 -0.51
CA SER A 179 -48.21 -3.57 -1.22
C SER A 179 -49.43 -2.78 -0.75
N SER A 180 -50.23 -3.39 0.13
CA SER A 180 -51.43 -2.74 0.69
C SER A 180 -51.83 -3.38 2.01
N THR A 181 -52.65 -2.67 2.80
CA THR A 181 -53.15 -3.24 4.04
C THR A 181 -54.17 -4.34 3.74
N GLN A 182 -54.95 -4.16 2.67
CA GLN A 182 -55.91 -5.17 2.20
C GLN A 182 -55.23 -6.51 1.91
N GLU A 183 -54.12 -6.44 1.20
CA GLU A 183 -53.32 -7.64 0.93
C GLU A 183 -52.72 -8.18 2.23
N LYS A 184 -52.16 -7.30 3.05
CA LYS A 184 -51.62 -7.68 4.36
C LYS A 184 -52.68 -8.38 5.22
N ASN A 185 -53.90 -7.84 5.24
CA ASN A 185 -54.99 -8.45 6.00
C ASN A 185 -55.40 -9.80 5.43
N ASP A 186 -55.47 -9.89 4.11
CA ASP A 186 -55.83 -11.13 3.42
C ASP A 186 -54.84 -12.24 3.73
N LEU A 187 -53.55 -11.89 3.70
CA LEU A 187 -52.49 -12.88 3.84
C LEU A 187 -52.22 -13.27 5.29
N TYR A 188 -52.24 -12.30 6.20
CA TYR A 188 -51.76 -12.53 7.58
C TYR A 188 -52.75 -12.22 8.70
N GLY A 189 -53.88 -11.61 8.36
CA GLY A 189 -54.84 -11.16 9.38
C GLY A 189 -54.64 -9.70 9.74
N THR A 190 -55.51 -9.18 10.60
CA THR A 190 -55.50 -7.76 10.94
C THR A 190 -54.58 -7.40 12.10
N GLN A 191 -53.98 -8.42 12.73
CA GLN A 191 -53.04 -8.22 13.84
C GLN A 191 -51.77 -7.47 13.45
N SER A 192 -51.09 -6.89 14.46
CA SER A 192 -49.79 -6.27 14.25
C SER A 192 -48.75 -7.37 14.06
N LEU A 193 -47.95 -7.22 13.01
CA LEU A 193 -47.04 -8.28 12.61
C LEU A 193 -45.67 -8.08 13.22
N SER A 194 -45.17 -9.13 13.84
CA SER A 194 -43.85 -9.11 14.45
C SER A 194 -43.07 -10.40 14.15
N ILE A 195 -41.84 -10.24 13.68
CA ILE A 195 -40.95 -11.40 13.47
C ILE A 195 -39.69 -11.23 14.31
N SER A 196 -39.53 -12.10 15.30
CA SER A 196 -38.32 -12.14 16.13
C SER A 196 -37.49 -13.38 15.80
N VAL A 197 -36.20 -13.16 15.62
CA VAL A 197 -35.25 -14.23 15.36
C VAL A 197 -34.19 -14.19 16.46
N GLY A 198 -33.96 -15.32 17.11
CA GLY A 198 -32.98 -15.39 18.20
C GLY A 198 -32.15 -16.66 18.25
N SER A 199 -30.83 -16.47 18.28
CA SER A 199 -29.88 -17.55 18.56
C SER A 199 -29.10 -17.15 19.81
N SER A 200 -27.98 -17.81 20.08
CA SER A 200 -27.19 -17.47 21.25
C SER A 200 -26.18 -16.35 20.97
N THR A 201 -25.99 -16.04 19.69
CA THR A 201 -25.06 -15.01 19.26
C THR A 201 -25.71 -13.98 18.31
N TYR A 202 -27.03 -14.02 18.19
CA TYR A 202 -27.77 -13.12 17.30
C TYR A 202 -29.22 -12.98 17.75
N GLN A 203 -29.76 -11.75 17.68
CA GLN A 203 -31.20 -11.50 17.77
C GLN A 203 -31.62 -10.18 17.14
N SER A 204 -32.81 -10.18 16.54
CA SER A 204 -33.38 -9.01 15.86
C SER A 204 -34.89 -9.15 15.69
N ASN A 205 -35.60 -8.03 15.67
CA ASN A 205 -37.02 -8.02 15.32
C ASN A 205 -37.19 -7.52 13.89
N PHE A 206 -38.28 -7.95 13.25
CA PHE A 206 -38.59 -7.52 11.89
C PHE A 206 -40.07 -7.23 11.77
N VAL A 207 -40.40 -6.11 11.14
CA VAL A 207 -41.80 -5.76 10.86
C VAL A 207 -41.97 -5.51 9.36
N PRO A 208 -42.96 -6.18 8.73
CA PRO A 208 -43.27 -5.99 7.31
C PRO A 208 -43.69 -4.54 6.99
N VAL A 209 -42.94 -3.95 6.06
CA VAL A 209 -43.25 -2.63 5.52
C VAL A 209 -44.41 -2.81 4.55
N VAL A 210 -45.49 -2.08 4.78
CA VAL A 210 -46.60 -2.10 3.82
C VAL A 210 -46.81 -0.73 3.21
N GLY A 211 -46.93 -0.72 1.88
CA GLY A 211 -47.21 0.50 1.13
C GLY A 211 -47.16 0.25 -0.36
N ALA A 212 -47.79 1.15 -1.12
CA ALA A 212 -47.77 1.11 -2.57
C ALA A 212 -46.37 1.33 -3.09
N ARG A 213 -46.05 0.66 -4.19
CA ARG A 213 -44.74 0.76 -4.81
C ARG A 213 -44.78 0.08 -6.18
N PRO A 214 -43.79 0.39 -7.04
CA PRO A 214 -43.77 -0.15 -8.40
C PRO A 214 -43.83 -1.66 -8.46
N GLN A 215 -44.52 -2.17 -9.48
CA GLN A 215 -44.49 -3.58 -9.79
C GLN A 215 -43.15 -3.93 -10.42
N VAL A 216 -42.47 -4.91 -9.83
CA VAL A 216 -41.26 -5.50 -10.40
C VAL A 216 -41.53 -6.98 -10.68
N ASN A 217 -41.33 -7.38 -11.94
CA ASN A 217 -41.75 -8.70 -12.46
C ASN A 217 -43.24 -8.96 -12.17
N GLY A 218 -44.03 -7.90 -12.17
CA GLY A 218 -45.47 -7.97 -11.94
C GLY A 218 -45.93 -7.89 -10.49
N GLN A 219 -44.99 -7.70 -9.57
CA GLN A 219 -45.34 -7.72 -8.14
C GLN A 219 -44.89 -6.46 -7.39
N SER A 220 -45.83 -5.87 -6.66
CA SER A 220 -45.55 -4.69 -5.83
C SER A 220 -45.09 -5.06 -4.43
N GLY A 221 -45.35 -6.30 -4.04
CA GLY A 221 -44.81 -6.85 -2.79
C GLY A 221 -43.31 -7.04 -2.93
N ARG A 222 -42.66 -7.28 -1.79
CA ARG A 222 -41.22 -7.54 -1.75
C ARG A 222 -40.93 -8.59 -0.71
N ILE A 223 -39.88 -9.36 -0.94
CA ILE A 223 -39.34 -10.26 0.05
C ILE A 223 -37.86 -9.94 0.19
N ASP A 224 -37.51 -9.36 1.33
CA ASP A 224 -36.12 -9.09 1.64
C ASP A 224 -35.53 -10.24 2.44
N PHE A 225 -34.27 -10.59 2.17
CA PHE A 225 -33.64 -11.68 2.88
C PHE A 225 -32.64 -11.22 3.93
N HIS A 226 -32.52 -12.03 4.96
CA HIS A 226 -31.62 -11.78 6.06
C HIS A 226 -30.86 -13.07 6.34
N TRP A 227 -29.64 -12.94 6.83
CA TRP A 227 -28.86 -14.12 7.13
C TRP A 227 -28.01 -13.98 8.38
N THR A 228 -27.67 -15.13 8.96
CA THR A 228 -26.71 -15.19 10.03
C THR A 228 -26.12 -16.59 10.08
N LEU A 229 -25.09 -16.73 10.90
CA LEU A 229 -24.44 -18.00 11.07
C LEU A 229 -24.90 -18.60 12.37
N VAL A 230 -25.20 -19.90 12.34
CA VAL A 230 -25.52 -20.65 13.55
C VAL A 230 -24.34 -21.57 13.90
N GLN A 231 -23.83 -21.43 15.12
CA GLN A 231 -22.64 -22.15 15.53
C GLN A 231 -22.89 -23.63 15.85
N PRO A 232 -21.87 -24.49 15.71
CA PRO A 232 -22.00 -25.90 16.08
C PRO A 232 -22.62 -26.05 17.46
N GLY A 233 -23.62 -26.90 17.58
CA GLY A 233 -24.31 -27.11 18.85
C GLY A 233 -25.27 -26.01 19.26
N ASP A 234 -25.50 -25.04 18.38
CA ASP A 234 -26.42 -23.95 18.71
C ASP A 234 -27.77 -24.03 18.02
N ASN A 235 -28.73 -23.32 18.61
CA ASN A 235 -30.08 -23.28 18.12
C ASN A 235 -30.48 -21.87 17.69
N ILE A 236 -31.37 -21.78 16.71
CA ILE A 236 -31.94 -20.52 16.30
C ILE A 236 -33.46 -20.65 16.27
N THR A 237 -34.13 -19.76 16.99
CA THR A 237 -35.59 -19.77 17.12
C THR A 237 -36.22 -18.64 16.31
N PHE A 238 -37.34 -18.94 15.67
CA PHE A 238 -38.13 -17.93 14.98
C PHE A 238 -39.47 -17.79 15.68
N SER A 239 -39.80 -16.57 16.08
CA SER A 239 -41.12 -16.26 16.65
C SER A 239 -41.84 -15.27 15.75
N HIS A 240 -43.03 -15.66 15.29
CA HIS A 240 -43.67 -14.92 14.21
C HIS A 240 -45.18 -15.13 14.14
N ASN A 241 -45.87 -14.08 13.73
CA ASN A 241 -47.31 -14.13 13.56
C ASN A 241 -47.69 -13.63 12.16
N GLY A 242 -46.80 -13.87 11.20
CA GLY A 242 -47.06 -13.57 9.80
C GLY A 242 -46.01 -12.64 9.22
N GLY A 243 -45.58 -12.93 8.00
CA GLY A 243 -44.60 -12.13 7.31
C GLY A 243 -43.26 -12.84 7.16
N LEU A 244 -43.09 -13.93 7.89
CA LEU A 244 -41.86 -14.70 7.80
C LEU A 244 -41.86 -15.62 6.57
N ILE A 245 -40.84 -15.46 5.74
CA ILE A 245 -40.56 -16.44 4.70
C ILE A 245 -39.56 -17.37 5.35
N ALA A 246 -40.04 -18.55 5.71
CA ALA A 246 -39.28 -19.45 6.57
C ALA A 246 -38.40 -20.43 5.78
N PRO A 247 -37.19 -20.70 6.28
CA PRO A 247 -36.31 -21.65 5.63
C PRO A 247 -36.78 -23.09 5.79
N SER A 248 -36.59 -23.88 4.75
CA SER A 248 -36.82 -25.31 4.81
C SER A 248 -35.47 -26.00 4.76
N ARG A 249 -34.47 -25.31 4.21
CA ARG A 249 -33.10 -25.81 4.18
C ARG A 249 -32.11 -24.70 4.56
N VAL A 250 -31.04 -25.07 5.27
CA VAL A 250 -29.93 -24.16 5.56
C VAL A 250 -28.67 -24.64 4.85
N SER A 251 -27.67 -23.78 4.74
CA SER A 251 -26.49 -24.08 3.93
C SER A 251 -25.24 -24.28 4.75
N LYS A 252 -24.27 -24.95 4.12
CA LYS A 252 -22.96 -25.15 4.71
C LYS A 252 -21.90 -24.89 3.62
N LEU A 253 -21.03 -23.91 3.85
CA LEU A 253 -20.02 -23.58 2.86
C LEU A 253 -18.79 -24.46 3.04
N ILE A 254 -18.37 -25.11 1.95
CA ILE A 254 -17.33 -26.11 2.03
C ILE A 254 -16.04 -25.55 1.48
N GLY A 255 -14.96 -25.72 2.22
CA GLY A 255 -13.60 -25.41 1.75
C GLY A 255 -13.39 -24.03 1.16
N ARG A 256 -12.38 -23.92 0.30
CA ARG A 256 -11.99 -22.68 -0.34
C ARG A 256 -12.01 -22.83 -1.85
N GLY A 257 -12.34 -21.75 -2.55
CA GLY A 257 -12.30 -21.73 -3.99
C GLY A 257 -12.09 -20.31 -4.49
N LEU A 258 -11.85 -20.17 -5.80
CA LEU A 258 -11.60 -18.87 -6.39
C LEU A 258 -12.82 -18.37 -7.14
N GLY A 259 -13.22 -17.14 -6.84
CA GLY A 259 -14.39 -16.55 -7.49
C GLY A 259 -14.06 -15.58 -8.60
N ILE A 260 -14.64 -15.82 -9.77
CA ILE A 260 -14.37 -15.02 -10.96
C ILE A 260 -15.67 -14.41 -11.47
N GLN A 261 -15.62 -13.12 -11.82
CA GLN A 261 -16.72 -12.41 -12.49
C GLN A 261 -16.24 -12.08 -13.90
N SER A 262 -16.86 -12.70 -14.90
CA SER A 262 -16.47 -12.50 -16.28
C SER A 262 -17.53 -13.06 -17.19
N ASP A 263 -17.65 -12.49 -18.40
CA ASP A 263 -18.51 -13.08 -19.43
C ASP A 263 -17.76 -13.85 -20.52
N ALA A 264 -16.44 -13.97 -20.37
CA ALA A 264 -15.63 -14.70 -21.33
C ALA A 264 -15.98 -16.21 -21.37
N PRO A 265 -15.95 -16.82 -22.57
CA PRO A 265 -16.26 -18.25 -22.69
C PRO A 265 -15.20 -19.14 -22.05
N ILE A 266 -15.63 -20.27 -21.48
CA ILE A 266 -14.72 -21.23 -20.84
C ILE A 266 -13.91 -21.99 -21.89
N ASP A 267 -12.63 -22.24 -21.58
CA ASP A 267 -11.74 -23.04 -22.42
C ASP A 267 -11.02 -24.05 -21.53
N ASN A 268 -11.25 -25.33 -21.80
CA ASN A 268 -10.70 -26.41 -21.00
C ASN A 268 -9.31 -26.88 -21.42
N ASN A 269 -8.74 -26.24 -22.44
CA ASN A 269 -7.44 -26.67 -22.97
C ASN A 269 -6.27 -25.74 -22.64
N CYS A 270 -6.56 -24.52 -22.18
CA CYS A 270 -5.53 -23.66 -21.59
C CYS A 270 -5.66 -23.60 -20.07
N GLU A 271 -4.52 -23.43 -19.39
CA GLU A 271 -4.52 -23.24 -17.94
C GLU A 271 -4.06 -21.85 -17.55
N SER A 272 -4.60 -21.32 -16.46
CA SER A 272 -4.26 -19.98 -16.02
C SER A 272 -4.35 -19.86 -14.51
N LYS A 273 -3.65 -18.86 -13.97
CA LYS A 273 -3.71 -18.60 -12.54
C LYS A 273 -4.20 -17.19 -12.25
N CYS A 274 -4.40 -16.41 -13.32
CA CYS A 274 -4.81 -15.02 -13.21
C CYS A 274 -5.99 -14.75 -14.12
N PHE A 275 -7.00 -14.09 -13.57
CA PHE A 275 -8.22 -13.88 -14.31
C PHE A 275 -8.71 -12.45 -14.16
N TRP A 276 -9.44 -11.97 -15.16
CA TRP A 276 -10.07 -10.66 -15.07
C TRP A 276 -11.36 -10.66 -15.87
N ARG A 277 -12.08 -9.55 -15.85
CA ARG A 277 -13.37 -9.45 -16.54
C ARG A 277 -13.30 -9.88 -18.00
N GLY A 278 -12.19 -9.55 -18.66
CA GLY A 278 -12.00 -9.86 -20.08
C GLY A 278 -11.42 -11.23 -20.40
N GLY A 279 -10.97 -11.95 -19.38
CA GLY A 279 -10.51 -13.33 -19.56
C GLY A 279 -9.38 -13.79 -18.68
N SER A 280 -8.34 -14.34 -19.31
CA SER A 280 -7.20 -14.90 -18.60
C SER A 280 -5.90 -14.22 -19.00
N ILE A 281 -5.00 -14.06 -18.03
CA ILE A 281 -3.68 -13.54 -18.27
C ILE A 281 -2.67 -14.65 -17.99
N ASN A 282 -2.02 -15.12 -19.06
CA ASN A 282 -0.96 -16.13 -18.98
C ASN A 282 0.37 -15.52 -19.38
N THR A 283 1.13 -15.08 -18.39
CA THR A 283 2.42 -14.46 -18.66
C THR A 283 3.48 -14.87 -17.66
N ARG A 284 4.73 -14.85 -18.11
CA ARG A 284 5.84 -14.99 -17.19
C ARG A 284 6.28 -13.60 -16.70
N LEU A 285 5.78 -12.55 -17.34
CA LEU A 285 6.17 -11.19 -17.00
C LEU A 285 5.61 -10.72 -15.65
N PRO A 286 6.36 -9.84 -14.94
CA PRO A 286 5.93 -9.44 -13.60
C PRO A 286 4.89 -8.34 -13.56
N PHE A 287 4.65 -7.66 -14.67
CA PHE A 287 3.72 -6.55 -14.73
C PHE A 287 2.71 -6.68 -15.86
N GLN A 288 1.58 -6.03 -15.72
CA GLN A 288 0.55 -6.03 -16.76
C GLN A 288 -0.21 -4.71 -16.77
N ASN A 289 -0.62 -4.27 -17.96
CA ASN A 289 -1.37 -3.03 -18.14
C ASN A 289 -2.80 -3.31 -18.59
N LEU A 290 -3.24 -4.54 -18.39
CA LEU A 290 -4.55 -4.98 -18.86
C LEU A 290 -5.69 -4.39 -18.02
N SER A 291 -5.61 -4.59 -16.71
CA SER A 291 -6.67 -4.18 -15.80
C SER A 291 -6.16 -4.09 -14.37
N PRO A 292 -6.64 -3.08 -13.63
CA PRO A 292 -6.44 -3.01 -12.17
C PRO A 292 -7.24 -4.08 -11.41
N ARG A 293 -8.24 -4.69 -12.02
CA ARG A 293 -9.08 -5.65 -11.32
C ARG A 293 -8.88 -7.04 -11.87
N THR A 294 -8.08 -7.82 -11.15
CA THR A 294 -7.79 -9.19 -11.49
C THR A 294 -7.97 -10.03 -10.24
N VAL A 295 -8.15 -11.34 -10.42
CA VAL A 295 -8.10 -12.31 -9.31
C VAL A 295 -7.13 -13.45 -9.59
N GLY A 296 -6.60 -14.02 -8.52
CA GLY A 296 -5.68 -15.15 -8.61
C GLY A 296 -4.27 -14.75 -8.26
N GLN A 297 -3.31 -15.40 -8.92
CA GLN A 297 -1.90 -15.05 -8.78
C GLN A 297 -1.52 -14.34 -10.05
N CYS A 298 -1.32 -13.04 -9.91
CA CYS A 298 -1.33 -12.14 -11.03
C CYS A 298 -0.10 -11.27 -11.08
N PRO A 299 0.33 -10.89 -12.30
CA PRO A 299 1.33 -9.85 -12.43
C PRO A 299 0.73 -8.55 -11.89
N LYS A 300 1.57 -7.69 -11.33
CA LYS A 300 1.08 -6.45 -10.76
C LYS A 300 0.67 -5.46 -11.86
N TYR A 301 -0.45 -4.79 -11.65
CA TYR A 301 -0.91 -3.79 -12.59
C TYR A 301 -0.08 -2.51 -12.50
N VAL A 302 0.35 -1.99 -13.64
CA VAL A 302 1.15 -0.79 -13.69
C VAL A 302 0.55 0.18 -14.72
N ASN A 303 0.66 1.47 -14.44
CA ASN A 303 0.19 2.49 -15.39
C ASN A 303 1.23 2.77 -16.46
N LYS A 304 1.59 1.74 -17.21
CA LYS A 304 2.61 1.83 -18.26
C LYS A 304 2.24 0.94 -19.42
N LYS A 305 2.34 1.50 -20.63
CA LYS A 305 2.14 0.72 -21.84
C LYS A 305 3.32 -0.22 -22.07
N SER A 306 4.52 0.27 -21.79
CA SER A 306 5.74 -0.42 -22.17
C SER A 306 6.93 -0.10 -21.25
N LEU A 307 7.67 -1.13 -20.88
CA LEU A 307 8.93 -0.97 -20.16
C LEU A 307 9.93 -1.97 -20.68
N MET A 308 10.82 -1.47 -21.53
CA MET A 308 11.81 -2.30 -22.17
C MET A 308 13.00 -2.49 -21.26
N LEU A 309 13.42 -3.73 -21.10
CA LEU A 309 14.60 -4.06 -20.33
C LEU A 309 15.72 -4.50 -21.28
N ALA A 310 16.85 -3.81 -21.22
CA ALA A 310 18.00 -4.11 -22.07
C ALA A 310 18.52 -5.52 -21.87
N THR A 311 18.78 -6.20 -22.98
CA THR A 311 19.39 -7.53 -22.98
C THR A 311 20.64 -7.52 -23.85
N GLY A 312 21.26 -6.35 -23.96
CA GLY A 312 22.47 -6.17 -24.75
C GLY A 312 23.23 -4.94 -24.33
N MET A 313 24.34 -4.68 -25.00
CA MET A 313 25.15 -3.50 -24.73
C MET A 313 24.62 -2.27 -25.48
N ARG A 314 25.20 -1.11 -25.20
CA ARG A 314 25.04 0.08 -26.04
C ARG A 314 25.30 -0.27 -27.50
N ASN A 315 24.36 0.11 -28.36
CA ASN A 315 24.52 -0.03 -29.80
C ASN A 315 25.25 1.19 -30.34
N VAL A 316 26.45 0.98 -30.87
CA VAL A 316 27.22 2.06 -31.47
C VAL A 316 27.48 1.72 -32.93
N PRO A 317 26.54 2.08 -33.82
CA PRO A 317 26.66 1.73 -35.25
C PRO A 317 27.85 2.41 -35.92
N GLU A 318 28.16 1.97 -37.13
CA GLU A 318 29.32 2.47 -37.87
C GLU A 318 29.05 3.84 -38.51
N GLY B 1 31.02 5.71 -21.14
CA GLY B 1 30.34 5.02 -20.00
C GLY B 1 31.28 4.77 -18.84
N LEU B 2 30.82 3.96 -17.87
CA LEU B 2 31.57 3.73 -16.63
C LEU B 2 32.99 3.20 -16.83
N PHE B 3 33.18 2.30 -17.80
CA PHE B 3 34.49 1.65 -17.98
C PHE B 3 35.26 2.17 -19.19
N GLY B 4 34.65 3.08 -19.95
CA GLY B 4 35.36 3.87 -20.95
C GLY B 4 35.67 3.20 -22.28
N ALA B 5 35.22 1.96 -22.46
CA ALA B 5 35.53 1.21 -23.69
C ALA B 5 34.42 1.31 -24.75
N ILE B 6 33.26 0.73 -24.46
CA ILE B 6 32.12 0.79 -25.37
C ILE B 6 31.54 2.22 -25.41
N ALA B 7 31.49 2.79 -26.62
CA ALA B 7 31.14 4.20 -26.83
C ALA B 7 32.12 5.11 -26.09
N GLY B 8 33.35 4.61 -25.94
CA GLY B 8 34.46 5.34 -25.33
C GLY B 8 35.61 5.32 -26.30
N PHE B 9 36.72 4.69 -25.92
CA PHE B 9 37.92 4.70 -26.75
C PHE B 9 37.82 3.76 -27.96
N ILE B 10 37.00 2.72 -27.85
CA ILE B 10 36.60 1.94 -29.02
C ILE B 10 35.53 2.75 -29.73
N GLU B 11 35.83 3.17 -30.95
CA GLU B 11 35.03 4.22 -31.60
C GLU B 11 33.62 3.79 -32.02
N ASN B 12 33.49 2.55 -32.48
CA ASN B 12 32.17 2.01 -32.81
C ASN B 12 32.14 0.48 -32.75
N GLY B 13 30.94 -0.08 -32.88
CA GLY B 13 30.77 -1.53 -32.93
C GLY B 13 30.94 -2.13 -34.32
N TRP B 14 31.14 -3.44 -34.37
CA TRP B 14 31.27 -4.16 -35.64
C TRP B 14 29.96 -4.85 -36.01
N GLU B 15 29.33 -4.37 -37.09
CA GLU B 15 28.02 -4.89 -37.50
C GLU B 15 28.11 -6.27 -38.15
N GLY B 16 29.28 -6.59 -38.70
CA GLY B 16 29.54 -7.88 -39.30
C GLY B 16 29.99 -8.94 -38.31
N MET B 17 29.93 -8.65 -37.01
CA MET B 17 30.26 -9.65 -36.00
C MET B 17 28.99 -10.27 -35.43
N VAL B 18 28.66 -11.46 -35.93
CA VAL B 18 27.38 -12.09 -35.64
C VAL B 18 27.49 -13.34 -34.75
N ASP B 19 28.72 -13.78 -34.48
CA ASP B 19 28.93 -15.01 -33.69
C ASP B 19 29.56 -14.74 -32.32
N GLY B 20 29.41 -13.51 -31.83
CA GLY B 20 29.92 -13.14 -30.53
C GLY B 20 29.63 -11.69 -30.24
N TRP B 21 29.80 -11.31 -28.98
CA TRP B 21 29.58 -9.96 -28.53
C TRP B 21 30.86 -9.16 -28.56
N TYR B 22 31.97 -9.84 -28.25
CA TYR B 22 33.29 -9.24 -28.25
C TYR B 22 34.20 -10.09 -29.12
N GLY B 23 35.25 -9.47 -29.65
CA GLY B 23 36.19 -10.22 -30.47
C GLY B 23 37.34 -9.42 -31.03
N PHE B 24 38.03 -10.03 -31.98
CA PHE B 24 39.29 -9.54 -32.50
C PHE B 24 39.19 -9.26 -33.98
N ARG B 25 39.77 -8.14 -34.40
CA ARG B 25 40.17 -7.94 -35.79
C ARG B 25 41.67 -7.83 -35.78
N HIS B 26 42.32 -8.43 -36.76
CA HIS B 26 43.76 -8.30 -36.92
C HIS B 26 44.10 -7.75 -38.29
N GLN B 27 45.35 -7.34 -38.44
CA GLN B 27 45.89 -6.90 -39.72
C GLN B 27 47.37 -7.27 -39.79
N ASN B 28 47.75 -7.98 -40.85
CA ASN B 28 49.15 -8.30 -41.14
C ASN B 28 49.32 -8.54 -42.62
N ALA B 29 50.56 -8.76 -43.07
CA ALA B 29 50.85 -9.01 -44.48
C ALA B 29 49.85 -9.97 -45.12
N GLN B 30 49.66 -11.13 -44.49
CA GLN B 30 48.75 -12.17 -44.96
C GLN B 30 47.27 -11.75 -45.12
N GLY B 31 46.87 -10.69 -44.43
CA GLY B 31 45.53 -10.13 -44.61
C GLY B 31 44.86 -9.67 -43.33
N THR B 32 43.55 -9.48 -43.39
CA THR B 32 42.77 -9.09 -42.23
C THR B 32 41.80 -10.21 -41.86
N GLY B 33 41.49 -10.32 -40.57
CA GLY B 33 40.58 -11.34 -40.09
C GLY B 33 39.71 -10.84 -38.95
N GLN B 34 38.72 -11.66 -38.59
CA GLN B 34 37.78 -11.34 -37.52
C GLN B 34 37.24 -12.60 -36.86
N ALA B 35 37.49 -12.74 -35.56
CA ALA B 35 36.95 -13.86 -34.77
C ALA B 35 36.41 -13.38 -33.42
N ALA B 36 35.33 -13.99 -32.96
CA ALA B 36 34.72 -13.62 -31.69
C ALA B 36 35.42 -14.30 -30.52
N ASP B 37 35.52 -13.60 -29.39
CA ASP B 37 35.99 -14.22 -28.15
C ASP B 37 34.83 -14.92 -27.45
N TYR B 38 35.05 -16.17 -27.07
CA TYR B 38 33.99 -16.99 -26.47
C TYR B 38 33.78 -16.67 -24.98
N LYS B 39 34.88 -16.61 -24.24
CA LYS B 39 34.84 -16.50 -22.78
C LYS B 39 34.16 -15.22 -22.27
N SER B 40 34.54 -14.07 -22.84
CA SER B 40 33.95 -12.78 -22.46
C SER B 40 32.50 -12.61 -22.94
N THR B 41 32.18 -13.22 -24.08
CA THR B 41 30.81 -13.18 -24.63
C THR B 41 29.85 -13.93 -23.72
N GLN B 42 30.27 -15.10 -23.24
CA GLN B 42 29.44 -15.88 -22.31
C GLN B 42 29.39 -15.23 -20.92
N ALA B 43 30.49 -14.61 -20.51
CA ALA B 43 30.52 -13.86 -19.25
C ALA B 43 29.41 -12.82 -19.23
N ALA B 44 29.28 -12.09 -20.32
CA ALA B 44 28.22 -11.09 -20.49
C ALA B 44 26.86 -11.75 -20.64
N ILE B 45 26.79 -12.77 -21.49
CA ILE B 45 25.52 -13.45 -21.77
C ILE B 45 24.94 -14.11 -20.52
N ASP B 46 25.78 -14.74 -19.71
CA ASP B 46 25.29 -15.44 -18.51
C ASP B 46 24.76 -14.49 -17.44
N GLN B 47 25.32 -13.28 -17.38
CA GLN B 47 24.85 -12.24 -16.47
C GLN B 47 23.50 -11.65 -16.88
N ILE B 48 23.28 -11.52 -18.20
CA ILE B 48 21.97 -11.13 -18.77
C ILE B 48 20.90 -12.20 -18.46
N THR B 49 21.30 -13.46 -18.57
CA THR B 49 20.43 -14.60 -18.30
C THR B 49 19.96 -14.58 -16.85
N GLY B 50 20.90 -14.34 -15.93
CA GLY B 50 20.59 -14.22 -14.52
C GLY B 50 19.49 -13.21 -14.25
N LYS B 51 19.59 -12.07 -14.93
CA LYS B 51 18.58 -11.01 -14.81
C LYS B 51 17.23 -11.44 -15.34
N LEU B 52 17.22 -12.10 -16.49
CA LEU B 52 15.97 -12.59 -17.06
C LEU B 52 15.30 -13.56 -16.09
N ASN B 53 16.08 -14.47 -15.50
CA ASN B 53 15.57 -15.43 -14.53
C ASN B 53 14.97 -14.76 -13.30
N ARG B 54 15.60 -13.69 -12.81
CA ARG B 54 15.05 -12.93 -11.68
C ARG B 54 13.75 -12.22 -12.04
N LEU B 55 13.70 -11.69 -13.25
CA LEU B 55 12.50 -11.03 -13.76
C LEU B 55 11.28 -11.94 -13.75
N ILE B 56 11.48 -13.22 -14.07
CA ILE B 56 10.35 -14.13 -14.29
C ILE B 56 9.98 -15.03 -13.11
N GLU B 57 10.71 -14.96 -12.00
CA GLU B 57 10.36 -15.78 -10.84
C GLU B 57 9.09 -15.24 -10.17
N LYS B 58 8.08 -16.10 -10.05
CA LYS B 58 6.72 -15.69 -9.65
C LYS B 58 6.43 -15.93 -8.17
N THR B 59 5.74 -14.97 -7.56
CA THR B 59 5.21 -15.17 -6.21
C THR B 59 4.03 -16.14 -6.24
N ASN B 60 3.31 -16.21 -5.14
CA ASN B 60 2.24 -17.18 -4.99
C ASN B 60 1.05 -16.61 -4.24
N THR B 61 1.02 -15.28 -4.09
CA THR B 61 -0.07 -14.67 -3.34
C THR B 61 -1.34 -14.71 -4.17
N GLU B 62 -2.33 -15.43 -3.65
CA GLU B 62 -3.64 -15.50 -4.26
C GLU B 62 -4.41 -14.28 -3.82
N PHE B 63 -5.01 -13.56 -4.78
CA PHE B 63 -5.90 -12.47 -4.44
C PHE B 63 -7.32 -12.76 -4.84
N GLU B 64 -8.24 -12.52 -3.92
CA GLU B 64 -9.66 -12.50 -4.23
C GLU B 64 -10.06 -11.09 -4.64
N SER B 65 -11.23 -10.98 -5.24
CA SER B 65 -11.82 -9.70 -5.64
C SER B 65 -12.44 -8.97 -4.45
N ILE B 66 -12.16 -7.68 -4.32
CA ILE B 66 -12.85 -6.86 -3.33
C ILE B 66 -13.79 -5.84 -3.99
N GLU B 67 -14.02 -6.02 -5.29
CA GLU B 67 -14.85 -5.11 -6.10
C GLU B 67 -15.74 -5.90 -7.03
N SER B 68 -17.05 -5.74 -6.88
CA SER B 68 -17.98 -6.39 -7.78
C SER B 68 -17.91 -5.77 -9.18
N GLU B 69 -17.80 -6.63 -10.20
CA GLU B 69 -17.86 -6.20 -11.59
C GLU B 69 -19.27 -5.88 -12.01
N PHE B 70 -20.25 -6.53 -11.38
CA PHE B 70 -21.62 -6.55 -11.90
C PHE B 70 -22.68 -5.94 -11.00
N SER B 71 -22.27 -5.47 -9.83
CA SER B 71 -23.21 -4.79 -8.95
C SER B 71 -22.55 -3.58 -8.30
N GLU B 72 -23.36 -2.77 -7.63
CA GLU B 72 -22.90 -1.54 -7.01
C GLU B 72 -22.33 -1.79 -5.62
N ILE B 73 -21.19 -1.20 -5.35
CA ILE B 73 -20.52 -1.23 -4.07
C ILE B 73 -21.03 -0.02 -3.31
N GLU B 74 -21.14 -0.11 -1.99
CA GLU B 74 -21.46 1.04 -1.12
C GLU B 74 -20.42 2.14 -1.34
N HIS B 75 -20.89 3.37 -1.46
CA HIS B 75 -20.03 4.49 -1.89
C HIS B 75 -18.79 4.76 -1.02
N GLN B 76 -18.96 4.78 0.29
CA GLN B 76 -17.83 5.07 1.17
C GLN B 76 -16.71 4.00 1.13
N ILE B 77 -17.09 2.73 1.22
CA ILE B 77 -16.12 1.64 1.10
C ILE B 77 -15.53 1.57 -0.32
N GLY B 78 -16.36 1.81 -1.34
CA GLY B 78 -15.88 1.93 -2.72
C GLY B 78 -14.75 2.93 -2.84
N ASN B 79 -14.88 4.06 -2.14
CA ASN B 79 -13.88 5.11 -2.18
C ASN B 79 -12.57 4.77 -1.49
N VAL B 80 -12.66 4.06 -0.36
CA VAL B 80 -11.48 3.53 0.33
C VAL B 80 -10.72 2.55 -0.57
N ILE B 81 -11.43 1.63 -1.20
CA ILE B 81 -10.83 0.63 -2.09
C ILE B 81 -10.10 1.28 -3.26
N ASN B 82 -10.79 2.20 -3.93
CA ASN B 82 -10.23 3.01 -5.02
C ASN B 82 -8.95 3.74 -4.63
N TRP B 83 -9.01 4.50 -3.54
CA TRP B 83 -7.83 5.17 -3.02
C TRP B 83 -6.66 4.18 -2.80
N THR B 84 -6.98 3.02 -2.20
CA THR B 84 -5.98 2.02 -1.82
C THR B 84 -5.41 1.34 -3.07
N LYS B 85 -6.29 0.90 -3.96
CA LYS B 85 -5.86 0.32 -5.21
C LYS B 85 -4.98 1.28 -6.02
N ASP B 86 -5.40 2.55 -6.12
CA ASP B 86 -4.61 3.55 -6.87
C ASP B 86 -3.26 3.79 -6.21
N SER B 87 -3.24 3.80 -4.89
CA SER B 87 -1.99 3.93 -4.14
C SER B 87 -1.03 2.76 -4.39
N ILE B 88 -1.56 1.54 -4.46
CA ILE B 88 -0.75 0.36 -4.75
C ILE B 88 -0.22 0.43 -6.18
N THR B 89 -1.08 0.82 -7.12
CA THR B 89 -0.70 0.95 -8.51
C THR B 89 0.42 1.99 -8.69
N ASP B 90 0.33 3.12 -8.00
CA ASP B 90 1.41 4.11 -8.07
C ASP B 90 2.74 3.55 -7.59
N ILE B 91 2.70 2.77 -6.51
CA ILE B 91 3.89 2.11 -5.98
C ILE B 91 4.54 1.16 -7.00
N TRP B 92 3.73 0.30 -7.63
CA TRP B 92 4.24 -0.67 -8.59
C TRP B 92 4.75 -0.04 -9.89
N THR B 93 4.05 0.99 -10.37
CA THR B 93 4.48 1.73 -11.54
C THR B 93 5.84 2.37 -11.29
N TYR B 94 5.96 3.05 -10.15
CA TYR B 94 7.24 3.61 -9.73
C TYR B 94 8.35 2.53 -9.58
N GLN B 95 7.98 1.39 -9.00
CA GLN B 95 8.94 0.30 -8.77
C GLN B 95 9.39 -0.32 -10.08
N ALA B 96 8.43 -0.63 -10.95
CA ALA B 96 8.71 -1.15 -12.27
C ALA B 96 9.68 -0.25 -13.02
N GLU B 97 9.43 1.07 -12.98
CA GLU B 97 10.28 2.04 -13.68
C GLU B 97 11.66 2.12 -13.06
N LEU B 98 11.72 2.16 -11.74
CA LEU B 98 13.00 2.15 -11.05
C LEU B 98 13.79 0.88 -11.35
N LEU B 99 13.12 -0.28 -11.29
CA LEU B 99 13.75 -1.56 -11.57
C LEU B 99 14.42 -1.53 -12.95
N VAL B 100 13.63 -1.19 -13.96
CA VAL B 100 14.10 -1.27 -15.33
C VAL B 100 15.17 -0.22 -15.63
N ALA B 101 15.03 0.99 -15.09
CA ALA B 101 16.03 2.04 -15.29
C ALA B 101 17.37 1.65 -14.64
N MET B 102 17.28 1.04 -13.48
CA MET B 102 18.42 0.58 -12.71
C MET B 102 19.13 -0.60 -13.38
N GLU B 103 18.36 -1.63 -13.74
CA GLU B 103 18.91 -2.82 -14.40
C GLU B 103 19.59 -2.44 -15.71
N ASN B 104 18.90 -1.64 -16.51
CA ASN B 104 19.44 -1.12 -17.76
C ASN B 104 20.79 -0.42 -17.58
N GLN B 105 20.89 0.46 -16.58
CA GLN B 105 22.11 1.17 -16.29
C GLN B 105 23.20 0.16 -16.01
N HIS B 106 22.86 -0.83 -15.18
CA HIS B 106 23.79 -1.87 -14.78
C HIS B 106 24.25 -2.77 -15.94
N THR B 107 23.34 -3.20 -16.80
CA THR B 107 23.73 -4.15 -17.86
C THR B 107 24.63 -3.49 -18.92
N ILE B 108 24.34 -2.23 -19.23
CA ILE B 108 25.18 -1.43 -20.10
C ILE B 108 26.60 -1.28 -19.54
N ASP B 109 26.71 -0.97 -18.26
CA ASP B 109 28.03 -0.82 -17.64
C ASP B 109 28.75 -2.16 -17.50
N MET B 110 28.00 -3.21 -17.17
CA MET B 110 28.52 -4.57 -17.12
C MET B 110 29.12 -4.95 -18.47
N ALA B 111 28.40 -4.63 -19.55
CA ALA B 111 28.83 -4.96 -20.89
C ALA B 111 30.12 -4.26 -21.24
N ASP B 112 30.25 -3.04 -20.73
CA ASP B 112 31.41 -2.20 -20.92
C ASP B 112 32.61 -2.79 -20.19
N SER B 113 32.38 -3.30 -18.98
CA SER B 113 33.47 -3.85 -18.17
C SER B 113 34.05 -5.14 -18.78
N GLU B 114 33.18 -5.97 -19.34
CA GLU B 114 33.64 -7.22 -19.97
C GLU B 114 34.52 -6.95 -21.19
N MET B 115 34.18 -5.89 -21.91
CA MET B 115 34.98 -5.41 -23.03
C MET B 115 36.34 -4.90 -22.52
N LEU B 116 36.32 -4.14 -21.42
CA LEU B 116 37.56 -3.64 -20.81
C LEU B 116 38.43 -4.79 -20.31
N ASN B 117 37.82 -5.73 -19.59
CA ASN B 117 38.55 -6.90 -19.08
C ASN B 117 39.28 -7.70 -20.17
N LEU B 118 38.63 -7.89 -21.31
CA LEU B 118 39.23 -8.57 -22.46
C LEU B 118 40.42 -7.78 -23.02
N TYR B 119 40.28 -6.46 -23.03
CA TYR B 119 41.34 -5.55 -23.43
C TYR B 119 42.53 -5.67 -22.50
N GLU B 120 42.28 -5.67 -21.19
CA GLU B 120 43.33 -5.78 -20.19
C GLU B 120 44.04 -7.13 -20.22
N ARG B 121 43.28 -8.17 -20.52
CA ARG B 121 43.81 -9.54 -20.59
C ARG B 121 44.82 -9.66 -21.74
N VAL B 122 44.47 -9.08 -22.88
CA VAL B 122 45.35 -9.07 -24.04
C VAL B 122 46.60 -8.24 -23.77
N ARG B 123 46.42 -7.07 -23.15
CA ARG B 123 47.52 -6.16 -22.84
C ARG B 123 48.60 -6.83 -21.99
N LYS B 124 48.16 -7.53 -20.93
CA LYS B 124 49.08 -8.20 -20.03
C LYS B 124 49.79 -9.38 -20.70
N GLN B 125 49.08 -10.09 -21.57
CA GLN B 125 49.68 -11.17 -22.34
C GLN B 125 50.78 -10.68 -23.27
N LEU B 126 50.53 -9.53 -23.91
CA LEU B 126 51.48 -8.96 -24.87
C LEU B 126 52.72 -8.36 -24.19
N ARG B 127 52.55 -7.97 -22.93
CA ARG B 127 53.62 -7.45 -22.08
C ARG B 127 54.43 -6.34 -22.77
N GLN B 128 55.72 -6.56 -22.99
CA GLN B 128 56.57 -5.50 -23.57
C GLN B 128 56.72 -5.57 -25.09
N ASN B 129 55.94 -6.44 -25.73
CA ASN B 129 56.04 -6.65 -27.16
C ASN B 129 55.12 -5.78 -28.00
N ALA B 130 54.23 -5.06 -27.33
CA ALA B 130 53.21 -4.25 -28.00
C ALA B 130 52.94 -2.91 -27.32
N GLU B 131 52.29 -2.01 -28.05
CA GLU B 131 51.91 -0.69 -27.53
C GLU B 131 50.46 -0.31 -27.87
N GLU B 132 49.77 0.29 -26.90
CA GLU B 132 48.39 0.74 -27.07
C GLU B 132 48.28 1.89 -28.09
N ASP B 133 47.32 1.77 -29.02
CA ASP B 133 47.07 2.83 -30.02
C ASP B 133 45.97 3.83 -29.59
N GLY B 134 45.27 3.50 -28.50
CA GLY B 134 44.25 4.40 -27.94
C GLY B 134 42.86 4.25 -28.52
N LYS B 135 42.75 3.47 -29.58
CA LYS B 135 41.48 3.18 -30.23
C LYS B 135 41.04 1.74 -29.93
N GLY B 136 41.72 1.11 -28.97
CA GLY B 136 41.46 -0.28 -28.62
C GLY B 136 42.27 -1.28 -29.41
N CYS B 137 43.30 -0.79 -30.11
CA CYS B 137 44.21 -1.67 -30.86
C CYS B 137 45.58 -1.74 -30.21
N PHE B 138 46.27 -2.84 -30.45
CA PHE B 138 47.63 -3.01 -30.01
C PHE B 138 48.52 -3.09 -31.24
N GLU B 139 49.57 -2.27 -31.27
CA GLU B 139 50.57 -2.32 -32.32
C GLU B 139 51.69 -3.24 -31.85
N ILE B 140 52.03 -4.23 -32.67
CA ILE B 140 52.93 -5.30 -32.28
C ILE B 140 54.28 -5.13 -32.95
N TYR B 141 55.33 -5.05 -32.15
CA TYR B 141 56.65 -4.65 -32.63
C TYR B 141 57.54 -5.81 -33.13
N HIS B 142 56.91 -6.94 -33.40
CA HIS B 142 57.58 -8.07 -34.04
C HIS B 142 56.66 -8.65 -35.13
N ALA B 143 57.24 -9.46 -36.01
CA ALA B 143 56.49 -10.12 -37.08
C ALA B 143 55.47 -11.07 -36.47
N CYS B 144 54.19 -10.77 -36.67
CA CYS B 144 53.10 -11.59 -36.12
C CYS B 144 52.22 -12.10 -37.25
N ASP B 145 52.49 -13.34 -37.67
CA ASP B 145 51.75 -13.98 -38.76
C ASP B 145 50.39 -14.49 -38.29
N ASP B 146 49.58 -15.03 -39.19
CA ASP B 146 48.24 -15.54 -38.85
C ASP B 146 48.24 -16.42 -37.61
N SER B 147 49.25 -17.28 -37.53
CA SER B 147 49.45 -18.21 -36.42
C SER B 147 49.75 -17.51 -35.09
N CYS B 148 50.60 -16.48 -35.16
CA CYS B 148 50.92 -15.63 -34.00
C CYS B 148 49.66 -14.91 -33.50
N MET B 149 48.93 -14.30 -34.43
CA MET B 149 47.63 -13.69 -34.15
C MET B 149 46.66 -14.66 -33.47
N GLU B 150 46.72 -15.92 -33.86
CA GLU B 150 45.83 -16.95 -33.31
C GLU B 150 46.15 -17.29 -31.85
N SER B 151 47.44 -17.33 -31.49
CA SER B 151 47.85 -17.65 -30.12
C SER B 151 47.43 -16.54 -29.15
N ILE B 152 47.41 -15.30 -29.65
CA ILE B 152 46.92 -14.15 -28.89
C ILE B 152 45.43 -14.30 -28.56
N ARG B 153 44.64 -14.63 -29.58
CA ARG B 153 43.20 -14.90 -29.41
C ARG B 153 42.93 -16.06 -28.45
N ASN B 154 43.82 -17.05 -28.46
CA ASN B 154 43.61 -18.27 -27.69
C ASN B 154 44.26 -18.27 -26.30
N ASN B 155 44.90 -17.15 -25.94
CA ASN B 155 45.54 -16.99 -24.62
C ASN B 155 46.74 -17.94 -24.41
N THR B 156 47.45 -18.25 -25.49
CA THR B 156 48.64 -19.11 -25.41
C THR B 156 49.89 -18.43 -25.95
N TYR B 157 49.79 -17.14 -26.21
CA TYR B 157 50.91 -16.31 -26.69
C TYR B 157 52.03 -16.27 -25.65
N ASP B 158 53.25 -16.58 -26.09
CA ASP B 158 54.40 -16.58 -25.19
C ASP B 158 55.31 -15.39 -25.52
N HIS B 159 55.31 -14.41 -24.61
CA HIS B 159 56.00 -13.14 -24.86
C HIS B 159 57.53 -13.28 -24.83
N SER B 160 58.02 -14.28 -24.09
CA SER B 160 59.46 -14.56 -23.97
C SER B 160 60.10 -14.94 -25.31
N GLN B 161 59.27 -15.39 -26.24
CA GLN B 161 59.72 -15.85 -27.55
C GLN B 161 60.01 -14.67 -28.48
N TYR B 162 59.22 -13.61 -28.36
CA TYR B 162 59.29 -12.46 -29.28
C TYR B 162 59.92 -11.22 -28.66
N ARG B 163 60.23 -11.29 -27.36
CA ARG B 163 60.70 -10.13 -26.61
C ARG B 163 61.93 -9.46 -27.22
N GLU B 164 62.95 -10.26 -27.59
CA GLU B 164 64.21 -9.76 -28.14
C GLU B 164 63.96 -8.90 -29.37
N GLU B 165 63.26 -9.45 -30.34
CA GLU B 165 62.95 -8.73 -31.57
C GLU B 165 62.14 -7.47 -31.30
N ALA B 166 61.11 -7.59 -30.49
CA ALA B 166 60.15 -6.51 -30.25
C ALA B 166 60.76 -5.34 -29.49
N LEU B 167 61.65 -5.62 -28.54
CA LEU B 167 62.33 -4.56 -27.78
C LEU B 167 63.24 -3.74 -28.67
N LEU B 168 63.97 -4.41 -29.58
CA LEU B 168 64.85 -3.73 -30.54
C LEU B 168 64.10 -2.77 -31.45
N ASN B 169 62.93 -3.18 -31.92
CA ASN B 169 62.09 -2.34 -32.76
C ASN B 169 61.51 -1.13 -32.03
N ARG B 170 61.11 -1.34 -30.77
CA ARG B 170 60.52 -0.27 -29.95
C ARG B 170 61.50 0.86 -29.71
N LEU B 171 62.78 0.52 -29.63
CA LEU B 171 63.84 1.51 -29.48
C LEU B 171 64.32 2.03 -30.83
N ASN B 172 63.99 1.30 -31.90
CA ASN B 172 64.39 1.62 -33.28
C ASN B 172 65.91 1.81 -33.44
N ASP C 1 58.39 20.27 -17.83
CA ASP C 1 58.16 18.96 -18.50
C ASP C 1 57.12 18.09 -17.80
N LYS C 2 56.03 18.70 -17.34
CA LYS C 2 55.05 17.99 -16.51
C LYS C 2 53.60 18.42 -16.77
N ILE C 3 52.70 17.45 -16.86
CA ILE C 3 51.27 17.73 -16.95
C ILE C 3 50.48 16.92 -15.92
N CYS C 4 49.52 17.58 -15.26
CA CYS C 4 48.84 17.01 -14.10
C CYS C 4 47.32 17.08 -14.30
N LEU C 5 46.65 16.00 -13.91
CA LEU C 5 45.20 15.92 -14.07
C LEU C 5 44.48 16.00 -12.74
N GLY C 6 43.35 16.69 -12.74
CA GLY C 6 42.59 16.87 -11.51
C GLY C 6 41.15 17.27 -11.73
N HIS C 7 40.46 17.50 -10.61
CA HIS C 7 39.05 17.81 -10.59
C HIS C 7 38.79 19.00 -9.67
N HIS C 8 37.61 19.60 -9.74
CA HIS C 8 37.31 20.77 -8.92
C HIS C 8 36.87 20.41 -7.52
N ALA C 9 36.85 21.43 -6.66
CA ALA C 9 36.42 21.32 -5.27
C ALA C 9 35.91 22.67 -4.78
N VAL C 10 35.09 22.63 -3.73
CA VAL C 10 34.59 23.85 -3.10
C VAL C 10 35.07 23.90 -1.64
N ALA C 11 35.06 25.09 -1.04
CA ALA C 11 35.53 25.28 0.34
C ALA C 11 34.83 24.32 1.31
N ASN C 12 33.50 24.42 1.38
CA ASN C 12 32.70 23.40 2.04
C ASN C 12 31.46 23.08 1.22
N GLY C 13 31.20 21.78 1.05
CA GLY C 13 30.08 21.34 0.26
C GLY C 13 28.90 20.97 1.15
N THR C 14 28.13 19.99 0.71
CA THR C 14 26.95 19.55 1.41
C THR C 14 27.13 18.09 1.78
N ILE C 15 26.46 17.66 2.82
CA ILE C 15 26.46 16.26 3.21
C ILE C 15 25.26 15.55 2.55
N VAL C 16 25.53 14.38 1.98
CA VAL C 16 24.47 13.51 1.49
C VAL C 16 24.66 12.12 2.09
N LYS C 17 23.59 11.31 2.02
CA LYS C 17 23.67 9.91 2.42
C LYS C 17 23.88 9.06 1.19
N THR C 18 24.81 8.11 1.29
CA THR C 18 24.99 7.05 0.30
C THR C 18 24.69 5.70 0.95
N LEU C 19 24.81 4.63 0.16
CA LEU C 19 24.57 3.28 0.65
C LEU C 19 25.59 2.86 1.72
N THR C 20 26.79 3.42 1.63
CA THR C 20 27.91 2.98 2.45
C THR C 20 28.37 4.06 3.45
N ASN C 21 27.75 5.23 3.39
CA ASN C 21 28.21 6.38 4.17
C ASN C 21 27.07 7.35 4.44
N GLU C 22 26.87 7.69 5.71
CA GLU C 22 25.78 8.58 6.09
C GLU C 22 26.22 10.05 6.11
N GLN C 23 27.53 10.28 6.19
CA GLN C 23 28.09 11.63 6.21
C GLN C 23 29.04 11.86 5.02
N GLU C 24 28.49 11.82 3.81
CA GLU C 24 29.30 11.96 2.60
C GLU C 24 29.25 13.38 2.02
N GLU C 25 30.42 14.01 1.91
CA GLU C 25 30.50 15.37 1.41
C GLU C 25 30.67 15.45 -0.11
N VAL C 26 29.76 16.17 -0.76
CA VAL C 26 29.79 16.35 -2.21
C VAL C 26 29.84 17.83 -2.56
N THR C 27 30.17 18.13 -3.81
CA THR C 27 30.35 19.52 -4.26
C THR C 27 29.03 20.28 -4.36
N ASN C 28 27.93 19.55 -4.52
CA ASN C 28 26.62 20.14 -4.73
C ASN C 28 25.51 19.10 -4.53
N ALA C 29 24.38 19.55 -4.00
CA ALA C 29 23.25 18.66 -3.75
C ALA C 29 21.95 19.45 -3.87
N THR C 30 20.86 18.74 -4.18
CA THR C 30 19.56 19.35 -4.33
C THR C 30 18.51 18.60 -3.50
N GLU C 31 17.51 19.34 -3.01
CA GLU C 31 16.45 18.79 -2.17
C GLU C 31 15.50 17.96 -3.01
N THR C 32 14.99 16.85 -2.47
CA THR C 32 13.99 16.03 -3.18
C THR C 32 12.62 16.03 -2.51
N VAL C 33 12.56 16.58 -1.29
CA VAL C 33 11.34 16.60 -0.50
C VAL C 33 10.80 18.03 -0.39
N GLU C 34 9.58 18.26 -0.87
CA GLU C 34 8.96 19.57 -0.75
C GLU C 34 8.54 19.90 0.69
N SER C 35 9.05 21.02 1.20
CA SER C 35 8.71 21.52 2.55
C SER C 35 7.78 22.73 2.54
N THR C 36 7.55 23.30 1.36
CA THR C 36 6.83 24.57 1.25
C THR C 36 5.48 24.44 0.57
N SER C 37 4.49 25.13 1.13
CA SER C 37 3.13 25.15 0.59
C SER C 37 2.75 26.57 0.22
N LEU C 38 1.90 26.70 -0.80
CA LEU C 38 1.20 27.93 -1.07
C LEU C 38 -0.02 27.99 -0.18
N ASP C 39 -0.11 29.02 0.67
CA ASP C 39 -1.20 29.11 1.64
C ASP C 39 -2.49 29.67 1.03
N ARG C 40 -2.80 29.20 -0.17
CA ARG C 40 -4.02 29.55 -0.86
C ARG C 40 -4.48 28.42 -1.79
N LEU C 41 -5.72 28.49 -2.24
CA LEU C 41 -6.22 27.51 -3.18
C LEU C 41 -6.09 28.02 -4.60
N CYS C 42 -5.19 27.42 -5.34
CA CYS C 42 -4.84 27.89 -6.68
C CYS C 42 -5.87 27.43 -7.71
N MET C 43 -6.70 28.35 -8.16
CA MET C 43 -7.89 28.02 -8.95
C MET C 43 -7.91 28.46 -10.41
N LYS C 44 -6.74 28.76 -10.98
CA LYS C 44 -6.63 29.15 -12.39
C LYS C 44 -6.95 27.98 -13.33
N GLY C 45 -7.79 28.23 -14.33
CA GLY C 45 -8.22 27.20 -15.27
C GLY C 45 -9.12 26.14 -14.63
N ARG C 46 -9.81 26.52 -13.57
CA ARG C 46 -10.75 25.66 -12.88
C ARG C 46 -12.09 26.36 -12.72
N SER C 47 -13.16 25.66 -13.12
CA SER C 47 -14.50 26.10 -12.86
C SER C 47 -14.86 25.68 -11.44
N HIS C 48 -14.72 26.59 -10.47
CA HIS C 48 -14.84 26.24 -9.07
C HIS C 48 -16.06 26.82 -8.38
N LYS C 49 -16.47 26.18 -7.28
CA LYS C 49 -17.51 26.73 -6.41
C LYS C 49 -17.04 26.68 -4.96
N ASP C 50 -16.93 27.87 -4.36
CA ASP C 50 -16.64 28.02 -2.96
C ASP C 50 -17.97 28.03 -2.23
N LEU C 51 -18.19 27.00 -1.42
CA LEU C 51 -19.45 26.86 -0.71
C LEU C 51 -19.58 27.80 0.50
N GLY C 52 -18.48 28.45 0.87
CA GLY C 52 -18.50 29.35 2.02
C GLY C 52 -19.17 28.68 3.21
N ASN C 53 -20.25 29.29 3.68
CA ASN C 53 -21.00 28.78 4.81
C ASN C 53 -21.93 27.58 4.53
N CYS C 54 -22.05 27.19 3.27
CA CYS C 54 -22.98 26.12 2.89
C CYS C 54 -22.34 24.74 2.95
N HIS C 55 -22.96 23.81 3.68
CA HIS C 55 -22.46 22.44 3.70
C HIS C 55 -23.05 21.67 2.50
N PRO C 56 -22.23 20.88 1.79
CA PRO C 56 -22.68 20.14 0.61
C PRO C 56 -24.08 19.52 0.70
N ILE C 57 -24.42 18.91 1.83
CA ILE C 57 -25.77 18.37 2.02
C ILE C 57 -26.88 19.43 2.01
N GLY C 58 -26.56 20.62 2.53
CA GLY C 58 -27.50 21.74 2.49
C GLY C 58 -27.90 22.21 1.09
N MET C 59 -27.04 21.93 0.10
CA MET C 59 -27.36 22.19 -1.30
C MET C 59 -28.58 21.41 -1.77
N LEU C 60 -28.73 20.18 -1.26
CA LEU C 60 -29.76 19.27 -1.72
C LEU C 60 -31.08 19.52 -1.04
N ILE C 61 -31.04 19.91 0.24
CA ILE C 61 -32.27 20.20 0.99
C ILE C 61 -32.65 21.67 1.01
N GLY C 62 -31.73 22.53 0.60
CA GLY C 62 -31.98 23.97 0.49
C GLY C 62 -32.05 24.71 1.80
N THR C 63 -31.03 24.57 2.63
CA THR C 63 -30.85 25.38 3.84
C THR C 63 -30.55 26.83 3.44
N PRO C 64 -31.03 27.83 4.21
CA PRO C 64 -30.81 29.24 3.84
C PRO C 64 -29.37 29.57 3.47
N ALA C 65 -28.43 29.12 4.30
CA ALA C 65 -26.99 29.35 4.06
C ALA C 65 -26.56 28.92 2.66
N CYS C 66 -27.37 28.04 2.06
CA CYS C 66 -27.07 27.41 0.78
C CYS C 66 -27.89 27.95 -0.39
N ASP C 67 -28.65 29.03 -0.17
CA ASP C 67 -29.59 29.55 -1.20
C ASP C 67 -28.96 29.88 -2.56
N LEU C 68 -27.71 30.37 -2.55
CA LEU C 68 -26.98 30.60 -3.79
C LEU C 68 -26.37 29.32 -4.38
N HIS C 69 -26.62 28.17 -3.75
CA HIS C 69 -25.94 26.92 -4.14
C HIS C 69 -26.86 25.74 -4.42
N LEU C 70 -28.12 26.02 -4.74
CA LEU C 70 -29.11 24.96 -5.01
C LEU C 70 -28.88 24.25 -6.34
N THR C 71 -28.18 24.91 -7.25
CA THR C 71 -27.87 24.34 -8.55
C THR C 71 -26.50 24.89 -8.94
N GLY C 72 -25.88 24.27 -9.93
CA GLY C 72 -24.63 24.79 -10.44
C GLY C 72 -23.83 23.73 -11.14
N THR C 73 -22.73 24.15 -11.75
CA THR C 73 -21.74 23.24 -12.31
C THR C 73 -20.36 23.73 -11.92
N TRP C 74 -19.43 22.80 -11.83
CA TRP C 74 -18.09 23.07 -11.36
C TRP C 74 -17.24 21.85 -11.68
N ASP C 75 -15.92 22.00 -11.66
CA ASP C 75 -15.05 20.83 -11.72
C ASP C 75 -14.27 20.69 -10.42
N THR C 76 -14.40 21.70 -9.56
CA THR C 76 -13.76 21.74 -8.26
C THR C 76 -14.77 22.32 -7.26
N LEU C 77 -14.97 21.62 -6.15
CA LEU C 77 -15.95 22.04 -5.15
C LEU C 77 -15.25 22.19 -3.83
N ILE C 78 -15.42 23.35 -3.20
CA ILE C 78 -14.66 23.69 -2.01
C ILE C 78 -15.56 23.84 -0.79
N GLU C 79 -15.28 23.03 0.23
CA GLU C 79 -16.04 22.98 1.48
C GLU C 79 -15.25 23.64 2.61
N ARG C 80 -15.94 24.46 3.40
CA ARG C 80 -15.31 25.21 4.48
C ARG C 80 -15.72 24.64 5.83
N GLU C 81 -14.86 24.85 6.82
CA GLU C 81 -15.15 24.43 8.18
C GLU C 81 -16.38 25.13 8.75
N ASN C 82 -17.19 24.39 9.51
CA ASN C 82 -18.38 24.90 10.20
C ASN C 82 -19.55 25.22 9.28
N ALA C 83 -19.46 24.78 8.04
CA ALA C 83 -20.54 24.98 7.08
C ALA C 83 -21.85 24.37 7.63
N ILE C 84 -22.97 24.98 7.25
CA ILE C 84 -24.26 24.62 7.82
C ILE C 84 -25.02 23.71 6.85
N ALA C 85 -25.48 22.59 7.36
CA ALA C 85 -26.36 21.70 6.62
C ALA C 85 -27.78 21.82 7.16
N TYR C 86 -27.91 21.85 8.48
CA TYR C 86 -29.21 21.81 9.14
C TYR C 86 -29.47 23.09 9.88
N CYS C 87 -30.56 23.76 9.51
CA CYS C 87 -31.04 24.91 10.25
C CYS C 87 -31.91 24.38 11.38
N TYR C 88 -32.95 23.63 11.01
CA TYR C 88 -33.71 22.86 11.98
C TYR C 88 -32.86 21.65 12.34
N PRO C 89 -32.68 21.39 13.65
CA PRO C 89 -31.76 20.36 14.09
C PRO C 89 -32.13 18.98 13.59
N GLY C 90 -31.11 18.20 13.24
CA GLY C 90 -31.30 16.87 12.71
C GLY C 90 -30.01 16.31 12.12
N ALA C 91 -30.16 15.23 11.36
CA ALA C 91 -29.02 14.52 10.77
C ALA C 91 -29.51 13.65 9.63
N THR C 92 -28.57 13.25 8.77
CA THR C 92 -28.89 12.41 7.64
C THR C 92 -28.29 11.01 7.82
N VAL C 93 -29.08 9.99 7.54
CA VAL C 93 -28.59 8.62 7.46
C VAL C 93 -27.62 8.49 6.27
N ASN C 94 -26.53 7.76 6.50
CA ASN C 94 -25.46 7.60 5.52
C ASN C 94 -24.95 8.95 5.02
N GLU C 95 -24.69 9.83 5.98
CA GLU C 95 -24.28 11.20 5.75
C GLU C 95 -22.92 11.31 5.06
N GLU C 96 -21.94 10.56 5.54
CA GLU C 96 -20.59 10.68 5.00
C GLU C 96 -20.50 10.17 3.56
N ALA C 97 -21.25 9.12 3.24
CA ALA C 97 -21.31 8.58 1.88
C ALA C 97 -21.95 9.62 0.96
N LEU C 98 -23.03 10.24 1.44
CA LEU C 98 -23.71 11.30 0.70
C LEU C 98 -22.82 12.52 0.48
N ARG C 99 -22.08 12.93 1.52
CA ARG C 99 -21.20 14.09 1.41
C ARG C 99 -20.15 13.81 0.32
N GLN C 100 -19.61 12.58 0.33
CA GLN C 100 -18.61 12.17 -0.66
C GLN C 100 -19.14 12.13 -2.09
N LYS C 101 -20.41 11.76 -2.26
CA LYS C 101 -21.00 11.70 -3.60
C LYS C 101 -21.05 13.09 -4.19
N ILE C 102 -21.57 14.04 -3.43
CA ILE C 102 -21.64 15.45 -3.83
C ILE C 102 -20.26 16.02 -4.21
N MET C 103 -19.23 15.64 -3.43
CA MET C 103 -17.88 16.16 -3.59
C MET C 103 -17.08 15.49 -4.72
N GLU C 104 -17.61 14.37 -5.23
CA GLU C 104 -17.01 13.58 -6.33
C GLU C 104 -17.68 14.15 -7.60
N SER C 105 -18.71 15.00 -7.43
CA SER C 105 -19.55 15.43 -8.57
C SER C 105 -19.13 16.74 -9.26
N GLY C 106 -19.70 17.00 -10.44
CA GLY C 106 -19.43 18.23 -11.19
C GLY C 106 -20.63 19.15 -11.35
N GLY C 107 -21.61 19.02 -10.47
CA GLY C 107 -22.80 19.86 -10.54
C GLY C 107 -24.04 19.28 -9.93
N ILE C 108 -25.07 20.11 -9.84
CA ILE C 108 -26.38 19.73 -9.28
C ILE C 108 -27.47 20.42 -10.09
N SER C 109 -28.42 19.63 -10.62
CA SER C 109 -29.66 20.17 -11.16
C SER C 109 -30.79 19.86 -10.19
N LYS C 110 -31.93 20.51 -10.37
CA LYS C 110 -33.10 20.25 -9.57
C LYS C 110 -34.28 19.96 -10.48
N ILE C 111 -35.10 19.00 -10.10
CA ILE C 111 -36.32 18.70 -10.84
C ILE C 111 -37.47 18.74 -9.85
N SER C 112 -38.56 19.40 -10.22
CA SER C 112 -39.73 19.45 -9.35
C SER C 112 -40.40 18.07 -9.24
N THR C 113 -40.85 17.74 -8.03
CA THR C 113 -41.55 16.48 -7.81
C THR C 113 -43.01 16.59 -8.29
N GLY C 114 -43.58 17.78 -8.16
CA GLY C 114 -44.97 18.01 -8.54
C GLY C 114 -45.98 17.68 -7.45
N PHE C 115 -45.49 17.24 -6.30
CA PHE C 115 -46.38 16.84 -5.20
C PHE C 115 -47.39 17.91 -4.84
N THR C 116 -48.66 17.52 -4.81
CA THR C 116 -49.72 18.40 -4.34
C THR C 116 -50.49 17.71 -3.23
N TYR C 117 -51.20 18.50 -2.42
CA TYR C 117 -51.84 18.01 -1.21
C TYR C 117 -53.24 18.58 -1.04
N GLY C 118 -54.16 17.74 -0.53
CA GLY C 118 -55.52 18.17 -0.24
C GLY C 118 -55.59 19.36 0.71
N SER C 119 -56.76 19.99 0.78
CA SER C 119 -56.95 21.20 1.59
C SER C 119 -56.90 20.97 3.11
N SER C 120 -56.99 19.72 3.56
CA SER C 120 -56.88 19.39 4.98
C SER C 120 -55.42 19.24 5.43
N ILE C 121 -54.49 19.34 4.46
CA ILE C 121 -53.06 19.40 4.74
C ILE C 121 -52.58 20.83 4.60
N ASN C 122 -51.77 21.29 5.55
CA ASN C 122 -51.04 22.53 5.40
C ASN C 122 -49.57 22.26 5.09
N SER C 123 -49.17 22.53 3.86
CA SER C 123 -47.81 22.28 3.42
C SER C 123 -46.84 23.44 3.71
N ALA C 124 -47.35 24.51 4.33
CA ALA C 124 -46.56 25.73 4.53
C ALA C 124 -45.88 25.88 5.89
N GLY C 125 -45.73 24.77 6.62
CA GLY C 125 -45.04 24.79 7.91
C GLY C 125 -43.71 25.52 7.84
N THR C 126 -43.45 26.39 8.82
CA THR C 126 -42.20 27.14 8.91
C THR C 126 -41.64 27.13 10.34
N THR C 127 -40.40 27.59 10.48
CA THR C 127 -39.72 27.61 11.78
C THR C 127 -38.75 28.81 11.90
N LYS C 128 -38.64 29.36 13.10
CA LYS C 128 -37.70 30.46 13.38
C LYS C 128 -36.24 29.99 13.41
N ALA C 129 -36.03 28.68 13.25
CA ALA C 129 -34.69 28.10 13.21
C ALA C 129 -34.12 28.12 11.79
N CYS C 130 -35.03 28.25 10.80
CA CYS C 130 -34.63 28.43 9.41
C CYS C 130 -35.09 29.83 8.94
N MET C 131 -34.28 30.84 9.25
CA MET C 131 -34.61 32.24 8.94
C MET C 131 -34.34 32.61 7.49
N ARG C 132 -35.32 33.24 6.86
CA ARG C 132 -35.13 33.85 5.55
C ARG C 132 -35.78 35.23 5.53
N ASN C 133 -35.00 36.24 5.10
CA ASN C 133 -35.47 37.64 4.98
C ASN C 133 -36.13 38.14 6.25
N GLY C 134 -35.46 37.91 7.38
CA GLY C 134 -35.97 38.29 8.70
C GLY C 134 -37.30 37.67 9.09
N GLY C 135 -37.63 36.51 8.49
CA GLY C 135 -38.90 35.83 8.74
C GLY C 135 -38.77 34.32 8.77
N ASN C 136 -39.75 33.66 9.40
CA ASN C 136 -39.81 32.21 9.48
C ASN C 136 -39.87 31.55 8.11
N SER C 137 -39.08 30.50 7.93
CA SER C 137 -39.03 29.79 6.66
C SER C 137 -38.76 28.31 6.87
N PHE C 138 -38.34 27.63 5.80
CA PHE C 138 -38.10 26.19 5.85
C PHE C 138 -37.14 25.81 4.73
N TYR C 139 -36.64 24.58 4.79
CA TYR C 139 -35.80 23.99 3.75
C TYR C 139 -36.43 24.18 2.39
N ALA C 140 -35.73 24.90 1.51
CA ALA C 140 -36.25 25.26 0.20
C ALA C 140 -36.78 24.08 -0.60
N GLU C 141 -36.11 22.93 -0.49
CA GLU C 141 -36.44 21.81 -1.36
C GLU C 141 -37.45 20.84 -0.79
N LEU C 142 -37.97 21.17 0.39
CA LEU C 142 -38.85 20.27 1.11
C LEU C 142 -40.04 21.02 1.70
N LYS C 143 -41.07 20.26 2.05
CA LYS C 143 -42.26 20.84 2.65
C LYS C 143 -42.63 20.16 3.95
N TRP C 144 -42.92 20.96 4.96
CA TRP C 144 -43.34 20.44 6.25
C TRP C 144 -44.84 20.35 6.29
N LEU C 145 -45.35 19.13 6.09
CA LEU C 145 -46.78 18.90 6.04
C LEU C 145 -47.33 18.72 7.46
N VAL C 146 -48.37 19.49 7.77
CA VAL C 146 -49.08 19.38 9.04
C VAL C 146 -50.58 19.50 8.77
N SER C 147 -51.40 19.00 9.69
CA SER C 147 -52.85 19.10 9.57
C SER C 147 -53.26 20.55 9.51
N LYS C 148 -54.14 20.89 8.55
CA LYS C 148 -54.59 22.27 8.36
C LYS C 148 -55.26 22.81 9.63
N SER C 149 -56.18 22.03 10.20
CA SER C 149 -56.81 22.39 11.47
C SER C 149 -56.12 21.70 12.65
N LYS C 150 -55.63 22.52 13.59
CA LYS C 150 -54.89 22.08 14.76
C LYS C 150 -55.54 20.90 15.49
N GLY C 151 -54.72 19.89 15.81
CA GLY C 151 -55.16 18.77 16.64
C GLY C 151 -55.85 17.60 15.94
N GLN C 152 -56.28 17.81 14.69
CA GLN C 152 -56.95 16.74 13.94
C GLN C 152 -55.98 15.79 13.27
N ASN C 153 -56.43 14.56 13.03
CA ASN C 153 -55.62 13.55 12.36
C ASN C 153 -55.26 13.93 10.93
N PHE C 154 -53.95 13.96 10.67
CA PHE C 154 -53.40 14.13 9.33
C PHE C 154 -53.94 13.00 8.45
N PRO C 155 -54.41 13.33 7.23
CA PRO C 155 -55.03 12.29 6.41
C PRO C 155 -54.05 11.33 5.76
N GLN C 156 -54.49 10.10 5.49
CA GLN C 156 -53.72 9.13 4.72
C GLN C 156 -53.48 9.70 3.33
N THR C 157 -52.21 9.70 2.90
CA THR C 157 -51.80 10.42 1.71
C THR C 157 -50.79 9.61 0.88
N THR C 158 -50.86 9.76 -0.43
CA THR C 158 -49.94 9.08 -1.34
C THR C 158 -49.32 10.06 -2.32
N ASN C 159 -48.00 10.04 -2.41
CA ASN C 159 -47.27 10.88 -3.36
C ASN C 159 -46.23 10.05 -4.09
N THR C 160 -46.33 10.05 -5.42
CA THR C 160 -45.41 9.31 -6.26
C THR C 160 -44.60 10.28 -7.13
N TYR C 161 -43.28 10.17 -7.06
CA TYR C 161 -42.42 10.90 -7.96
C TYR C 161 -41.96 9.98 -9.08
N ARG C 162 -42.16 10.42 -10.31
CA ARG C 162 -41.81 9.64 -11.48
C ARG C 162 -40.58 10.22 -12.15
N ASN C 163 -39.50 9.44 -12.21
CA ASN C 163 -38.29 9.83 -12.90
C ASN C 163 -38.43 9.57 -14.40
N THR C 164 -38.65 10.64 -15.17
CA THR C 164 -38.80 10.53 -16.63
C THR C 164 -37.50 10.81 -17.37
N ASP C 165 -36.45 11.13 -16.62
CA ASP C 165 -35.13 11.41 -17.19
C ASP C 165 -34.45 10.12 -17.67
N THR C 166 -33.29 10.25 -18.32
CA THR C 166 -32.47 9.11 -18.70
C THR C 166 -31.37 8.90 -17.67
N ALA C 167 -31.39 9.71 -16.61
CA ALA C 167 -30.40 9.61 -15.53
C ALA C 167 -31.07 9.42 -14.17
N GLU C 168 -30.33 8.83 -13.26
CA GLU C 168 -30.83 8.58 -11.91
C GLU C 168 -30.91 9.88 -11.11
N HIS C 169 -31.92 9.96 -10.26
CA HIS C 169 -32.17 11.15 -9.45
C HIS C 169 -32.03 10.86 -7.97
N LEU C 170 -31.49 11.85 -7.25
CA LEU C 170 -31.29 11.73 -5.83
C LEU C 170 -32.46 12.39 -5.12
N ILE C 171 -33.30 11.56 -4.48
CA ILE C 171 -34.45 12.07 -3.74
C ILE C 171 -34.14 12.07 -2.23
N MET C 172 -34.41 13.19 -1.58
CA MET C 172 -34.29 13.25 -0.13
C MET C 172 -35.62 13.53 0.51
N TRP C 173 -35.81 13.04 1.72
CA TRP C 173 -37.01 13.38 2.49
C TRP C 173 -36.67 13.40 3.98
N GLY C 174 -37.59 13.93 4.76
CA GLY C 174 -37.37 14.04 6.19
C GLY C 174 -38.47 13.42 7.02
N ILE C 175 -38.09 13.02 8.23
CA ILE C 175 -39.03 12.52 9.21
C ILE C 175 -38.88 13.41 10.44
N HIS C 176 -40.00 13.98 10.88
CA HIS C 176 -40.00 14.86 12.02
C HIS C 176 -40.27 14.08 13.30
N HIS C 177 -39.40 14.25 14.30
CA HIS C 177 -39.59 13.67 15.62
C HIS C 177 -39.89 14.78 16.64
N PRO C 178 -41.17 14.90 17.05
CA PRO C 178 -41.60 15.95 18.00
C PRO C 178 -40.97 15.84 19.39
N SER C 179 -41.00 16.95 20.11
CA SER C 179 -40.41 17.01 21.45
C SER C 179 -41.37 16.58 22.54
N SER C 180 -42.66 16.48 22.20
CA SER C 180 -43.70 16.07 23.15
C SER C 180 -44.93 15.51 22.43
N THR C 181 -45.76 14.77 23.16
CA THR C 181 -46.98 14.19 22.59
C THR C 181 -47.98 15.27 22.23
N GLN C 182 -48.06 16.33 23.04
CA GLN C 182 -48.97 17.44 22.80
C GLN C 182 -48.63 18.13 21.48
N GLU C 183 -47.34 18.39 21.27
CA GLU C 183 -46.81 18.86 19.99
C GLU C 183 -47.17 17.89 18.86
N LYS C 184 -46.92 16.60 19.09
CA LYS C 184 -47.24 15.55 18.11
C LYS C 184 -48.72 15.55 17.74
N ASN C 185 -49.59 15.67 18.75
CA ASN C 185 -51.03 15.69 18.53
C ASN C 185 -51.50 16.94 17.78
N ASP C 186 -50.97 18.10 18.14
CA ASP C 186 -51.31 19.35 17.48
C ASP C 186 -51.00 19.30 15.98
N LEU C 187 -49.84 18.74 15.66
CA LEU C 187 -49.31 18.70 14.32
C LEU C 187 -50.00 17.66 13.43
N TYR C 188 -50.20 16.45 13.97
CA TYR C 188 -50.66 15.34 13.14
C TYR C 188 -51.85 14.56 13.68
N GLY C 189 -52.27 14.86 14.90
CA GLY C 189 -53.37 14.14 15.54
C GLY C 189 -52.89 13.05 16.49
N THR C 190 -53.84 12.43 17.17
CA THR C 190 -53.54 11.43 18.19
C THR C 190 -53.27 10.03 17.61
N GLN C 191 -53.58 9.86 16.33
CA GLN C 191 -53.38 8.58 15.62
C GLN C 191 -51.91 8.11 15.62
N SER C 192 -51.71 6.80 15.54
CA SER C 192 -50.37 6.25 15.31
C SER C 192 -49.86 6.67 13.94
N LEU C 193 -48.61 7.12 13.91
CA LEU C 193 -48.00 7.71 12.71
C LEU C 193 -47.16 6.70 11.96
N SER C 194 -47.31 6.66 10.64
CA SER C 194 -46.51 5.77 9.81
C SER C 194 -46.17 6.37 8.45
N ILE C 195 -44.89 6.27 8.08
CA ILE C 195 -44.43 6.72 6.77
C ILE C 195 -43.73 5.56 6.05
N SER C 196 -44.32 5.14 4.93
CA SER C 196 -43.71 4.12 4.10
C SER C 196 -43.26 4.71 2.78
N VAL C 197 -42.08 4.28 2.35
CA VAL C 197 -41.49 4.77 1.11
C VAL C 197 -41.13 3.58 0.22
N GLY C 198 -41.48 3.64 -1.07
CA GLY C 198 -41.26 2.52 -1.97
C GLY C 198 -40.93 2.82 -3.43
N SER C 199 -39.74 2.41 -3.85
CA SER C 199 -39.36 2.40 -5.25
C SER C 199 -39.29 0.94 -5.71
N SER C 200 -38.65 0.68 -6.84
CA SER C 200 -38.48 -0.70 -7.28
C SER C 200 -37.10 -1.24 -6.86
N THR C 201 -36.34 -0.43 -6.14
CA THR C 201 -35.03 -0.81 -5.66
C THR C 201 -34.86 -0.50 -4.17
N TYR C 202 -35.90 0.07 -3.56
CA TYR C 202 -35.81 0.52 -2.18
C TYR C 202 -37.19 0.55 -1.55
N GLN C 203 -37.30 0.05 -0.31
CA GLN C 203 -38.47 0.33 0.53
C GLN C 203 -38.10 0.47 2.00
N SER C 204 -38.90 1.22 2.73
CA SER C 204 -38.68 1.40 4.15
C SER C 204 -39.87 2.02 4.87
N ASN C 205 -39.86 1.87 6.18
CA ASN C 205 -40.90 2.44 7.01
C ASN C 205 -40.23 3.33 8.03
N PHE C 206 -40.94 4.37 8.45
CA PHE C 206 -40.41 5.29 9.43
C PHE C 206 -41.53 5.64 10.41
N VAL C 207 -41.17 5.72 11.68
CA VAL C 207 -42.10 6.18 12.69
C VAL C 207 -41.52 7.38 13.46
N PRO C 208 -42.25 8.51 13.45
CA PRO C 208 -41.92 9.68 14.27
C PRO C 208 -41.84 9.27 15.74
N VAL C 209 -40.79 9.72 16.42
CA VAL C 209 -40.59 9.40 17.83
C VAL C 209 -40.64 10.67 18.65
N VAL C 210 -41.67 10.78 19.50
CA VAL C 210 -41.75 11.87 20.46
C VAL C 210 -40.77 11.60 21.61
N GLY C 211 -40.07 12.66 22.05
CA GLY C 211 -39.09 12.54 23.11
C GLY C 211 -38.45 13.85 23.52
N ALA C 212 -38.32 14.05 24.83
CA ALA C 212 -37.66 15.23 25.36
C ALA C 212 -36.18 15.18 25.02
N ARG C 213 -35.65 16.29 24.51
CA ARG C 213 -34.23 16.42 24.19
C ARG C 213 -33.76 17.89 24.18
N PRO C 214 -32.43 18.11 24.29
CA PRO C 214 -31.90 19.47 24.37
C PRO C 214 -32.24 20.33 23.15
N GLN C 215 -32.23 21.63 23.35
CA GLN C 215 -32.50 22.58 22.28
C GLN C 215 -31.25 22.80 21.46
N VAL C 216 -31.41 22.73 20.14
CA VAL C 216 -30.38 23.11 19.18
C VAL C 216 -31.07 24.13 18.29
N ASN C 217 -30.45 25.30 18.14
CA ASN C 217 -31.09 26.45 17.48
C ASN C 217 -32.53 26.68 17.98
N GLY C 218 -32.72 26.55 19.29
CA GLY C 218 -34.02 26.80 19.93
C GLY C 218 -35.08 25.72 19.79
N GLN C 219 -34.72 24.59 19.18
CA GLN C 219 -35.70 23.54 18.88
C GLN C 219 -35.35 22.20 19.53
N SER C 220 -36.34 21.60 20.18
CA SER C 220 -36.15 20.32 20.83
C SER C 220 -36.60 19.19 19.92
N GLY C 221 -37.37 19.52 18.90
CA GLY C 221 -37.75 18.56 17.86
C GLY C 221 -36.56 18.28 16.97
N ARG C 222 -36.67 17.23 16.15
CA ARG C 222 -35.62 16.89 15.20
C ARG C 222 -36.24 16.47 13.87
N ILE C 223 -35.51 16.71 12.78
CA ILE C 223 -35.88 16.23 11.46
C ILE C 223 -34.74 15.38 10.94
N ASP C 224 -34.95 14.08 10.82
CA ASP C 224 -33.92 13.24 10.27
C ASP C 224 -34.12 12.93 8.79
N PHE C 225 -33.04 13.08 8.03
CA PHE C 225 -33.11 12.98 6.58
C PHE C 225 -32.70 11.63 6.04
N HIS C 226 -33.40 11.21 4.98
CA HIS C 226 -33.10 9.98 4.29
C HIS C 226 -33.04 10.25 2.80
N TRP C 227 -32.21 9.48 2.11
CA TRP C 227 -32.05 9.62 0.68
C TRP C 227 -31.94 8.27 -0.01
N THR C 228 -32.35 8.24 -1.28
CA THR C 228 -32.14 7.08 -2.14
C THR C 228 -32.05 7.53 -3.59
N LEU C 229 -31.49 6.65 -4.44
CA LEU C 229 -31.38 6.91 -5.87
C LEU C 229 -32.57 6.31 -6.59
N VAL C 230 -33.26 7.14 -7.39
CA VAL C 230 -34.34 6.67 -8.23
C VAL C 230 -33.81 6.52 -9.64
N GLN C 231 -33.98 5.34 -10.21
CA GLN C 231 -33.45 5.02 -11.52
C GLN C 231 -34.30 5.67 -12.61
N PRO C 232 -33.68 5.94 -13.78
CA PRO C 232 -34.46 6.43 -14.90
C PRO C 232 -35.58 5.46 -15.24
N GLY C 233 -36.81 5.98 -15.29
CA GLY C 233 -37.97 5.16 -15.62
C GLY C 233 -38.68 4.59 -14.41
N ASP C 234 -38.02 4.66 -13.25
CA ASP C 234 -38.61 4.18 -12.01
C ASP C 234 -39.44 5.26 -11.33
N ASN C 235 -40.37 4.82 -10.48
CA ASN C 235 -41.18 5.71 -9.67
C ASN C 235 -40.91 5.43 -8.16
N ILE C 236 -41.18 6.42 -7.31
CA ILE C 236 -41.02 6.26 -5.86
C ILE C 236 -42.26 6.78 -5.12
N THR C 237 -42.86 5.92 -4.30
CA THR C 237 -44.10 6.28 -3.63
C THR C 237 -43.94 6.51 -2.13
N PHE C 238 -44.59 7.55 -1.64
CA PHE C 238 -44.64 7.87 -0.22
C PHE C 238 -46.06 7.65 0.28
N SER C 239 -46.22 6.80 1.30
CA SER C 239 -47.50 6.64 2.02
C SER C 239 -47.32 7.09 3.45
N HIS C 240 -48.12 8.06 3.86
CA HIS C 240 -47.91 8.74 5.11
C HIS C 240 -49.19 9.34 5.66
N ASN C 241 -49.26 9.42 6.99
CA ASN C 241 -50.37 10.06 7.66
C ASN C 241 -49.90 11.04 8.73
N GLY C 242 -48.70 11.58 8.55
CA GLY C 242 -48.16 12.60 9.46
C GLY C 242 -46.72 12.35 9.82
N GLY C 243 -45.92 13.41 9.85
CA GLY C 243 -44.48 13.30 10.15
C GLY C 243 -43.54 13.34 8.94
N LEU C 244 -44.09 13.24 7.73
CA LEU C 244 -43.25 13.29 6.54
C LEU C 244 -42.86 14.73 6.19
N ILE C 245 -41.56 14.93 5.96
CA ILE C 245 -41.08 16.17 5.38
C ILE C 245 -40.82 15.81 3.93
N ALA C 246 -41.74 16.23 3.08
CA ALA C 246 -41.81 15.77 1.69
C ALA C 246 -41.02 16.66 0.74
N PRO C 247 -40.36 16.05 -0.26
CA PRO C 247 -39.59 16.82 -1.24
C PRO C 247 -40.48 17.53 -2.26
N SER C 248 -40.21 18.80 -2.51
CA SER C 248 -40.82 19.53 -3.62
C SER C 248 -39.91 19.53 -4.84
N ARG C 249 -38.63 19.22 -4.63
CA ARG C 249 -37.70 19.05 -5.74
C ARG C 249 -36.72 17.93 -5.45
N VAL C 250 -36.19 17.27 -6.49
CA VAL C 250 -35.13 16.27 -6.32
C VAL C 250 -33.89 16.66 -7.11
N SER C 251 -32.76 16.08 -6.73
CA SER C 251 -31.47 16.46 -7.30
C SER C 251 -31.00 15.47 -8.35
N LYS C 252 -30.18 15.97 -9.26
CA LYS C 252 -29.47 15.13 -10.21
C LYS C 252 -28.02 15.58 -10.18
N LEU C 253 -27.11 14.65 -9.86
CA LEU C 253 -25.68 14.97 -9.86
C LEU C 253 -25.08 14.92 -11.27
N ILE C 254 -24.31 15.93 -11.64
CA ILE C 254 -23.77 16.05 -13.00
C ILE C 254 -22.27 15.80 -13.01
N GLY C 255 -21.80 14.98 -13.95
CA GLY C 255 -20.37 14.81 -14.24
C GLY C 255 -19.45 14.52 -13.06
N ARG C 256 -18.17 14.86 -13.22
CA ARG C 256 -17.18 14.63 -12.16
C ARG C 256 -16.53 15.95 -11.72
N GLY C 257 -16.11 15.99 -10.46
CA GLY C 257 -15.37 17.13 -9.94
C GLY C 257 -14.52 16.73 -8.77
N LEU C 258 -13.53 17.58 -8.46
CA LEU C 258 -12.66 17.36 -7.31
C LEU C 258 -13.18 18.13 -6.09
N GLY C 259 -13.46 17.42 -5.01
CA GLY C 259 -13.87 18.05 -3.77
C GLY C 259 -12.69 18.39 -2.88
N ILE C 260 -12.70 19.59 -2.30
CA ILE C 260 -11.63 20.05 -1.40
C ILE C 260 -12.19 20.60 -0.10
N GLN C 261 -11.60 20.17 1.01
CA GLN C 261 -11.90 20.74 2.33
C GLN C 261 -10.72 21.61 2.76
N SER C 262 -10.96 22.91 2.90
CA SER C 262 -9.90 23.86 3.24
C SER C 262 -10.46 25.18 3.72
N ASP C 263 -9.70 25.92 4.51
CA ASP C 263 -10.03 27.33 4.73
C ASP C 263 -8.98 28.29 4.15
N ALA C 264 -8.17 27.81 3.21
CA ALA C 264 -7.26 28.67 2.46
C ALA C 264 -8.02 29.57 1.46
N PRO C 265 -7.62 30.85 1.35
CA PRO C 265 -8.28 31.75 0.38
C PRO C 265 -8.04 31.32 -1.07
N ILE C 266 -9.04 31.57 -1.92
CA ILE C 266 -8.99 31.24 -3.34
C ILE C 266 -8.17 32.25 -4.15
N ASP C 267 -7.27 31.75 -4.98
CA ASP C 267 -6.49 32.60 -5.88
C ASP C 267 -6.71 32.17 -7.33
N ASN C 268 -7.32 33.05 -8.13
CA ASN C 268 -7.63 32.78 -9.53
C ASN C 268 -6.48 32.92 -10.50
N ASN C 269 -5.29 33.26 -10.00
CA ASN C 269 -4.14 33.54 -10.84
C ASN C 269 -3.00 32.51 -10.82
N CYS C 270 -2.98 31.63 -9.82
CA CYS C 270 -2.06 30.51 -9.82
C CYS C 270 -2.80 29.22 -10.13
N GLU C 271 -2.15 28.30 -10.83
CA GLU C 271 -2.72 26.99 -11.03
C GLU C 271 -2.00 25.93 -10.20
N SER C 272 -2.70 24.83 -9.93
CA SER C 272 -2.17 23.74 -9.12
C SER C 272 -2.97 22.47 -9.38
N LYS C 273 -2.38 21.34 -9.02
CA LYS C 273 -3.07 20.08 -9.16
C LYS C 273 -3.14 19.35 -7.83
N CYS C 274 -2.53 19.94 -6.80
CA CYS C 274 -2.45 19.30 -5.50
C CYS C 274 -2.87 20.25 -4.39
N PHE C 275 -3.86 19.82 -3.62
CA PHE C 275 -4.44 20.64 -2.58
C PHE C 275 -4.42 19.91 -1.24
N TRP C 276 -4.43 20.66 -0.16
CA TRP C 276 -4.54 20.10 1.18
C TRP C 276 -5.24 21.12 2.07
N ARG C 277 -5.47 20.78 3.33
CA ARG C 277 -6.18 21.69 4.23
C ARG C 277 -5.54 23.09 4.28
N GLY C 278 -4.21 23.12 4.16
CA GLY C 278 -3.45 24.37 4.28
C GLY C 278 -3.26 25.14 2.98
N GLY C 279 -3.68 24.57 1.86
CA GLY C 279 -3.57 25.25 0.56
C GLY C 279 -3.16 24.38 -0.62
N SER C 280 -2.14 24.80 -1.34
CA SER C 280 -1.79 24.15 -2.60
C SER C 280 -0.33 23.79 -2.61
N ILE C 281 -0.03 22.67 -3.25
CA ILE C 281 1.36 22.28 -3.42
C ILE C 281 1.70 22.31 -4.89
N ASN C 282 2.57 23.25 -5.24
CA ASN C 282 3.09 23.40 -6.59
C ASN C 282 4.56 23.11 -6.62
N THR C 283 4.89 21.90 -7.00
CA THR C 283 6.27 21.49 -6.98
C THR C 283 6.52 20.51 -8.08
N ARG C 284 7.78 20.44 -8.50
CA ARG C 284 8.23 19.40 -9.39
C ARG C 284 8.86 18.23 -8.62
N LEU C 285 9.09 18.41 -7.32
CA LEU C 285 9.69 17.37 -6.47
C LEU C 285 8.76 16.17 -6.27
N PRO C 286 9.33 14.95 -6.24
CA PRO C 286 8.45 13.77 -6.17
C PRO C 286 7.89 13.51 -4.77
N PHE C 287 8.50 14.11 -3.76
CA PHE C 287 8.09 13.85 -2.39
C PHE C 287 7.73 15.12 -1.66
N GLN C 288 7.05 14.94 -0.54
CA GLN C 288 6.40 16.03 0.15
C GLN C 288 6.25 15.64 1.61
N ASN C 289 6.56 16.56 2.52
CA ASN C 289 6.38 16.35 3.95
C ASN C 289 5.40 17.32 4.64
N LEU C 290 4.53 17.97 3.87
CA LEU C 290 3.55 18.92 4.45
C LEU C 290 2.39 18.22 5.13
N SER C 291 1.76 17.28 4.43
CA SER C 291 0.59 16.62 4.96
C SER C 291 0.34 15.27 4.34
N PRO C 292 -0.05 14.29 5.17
CA PRO C 292 -0.53 13.01 4.65
C PRO C 292 -1.89 13.13 3.92
N ARG C 293 -2.67 14.16 4.22
CA ARG C 293 -4.00 14.28 3.61
C ARG C 293 -4.02 15.29 2.46
N THR C 294 -3.88 14.79 1.25
CA THR C 294 -3.86 15.66 0.07
C THR C 294 -4.87 15.16 -0.95
N VAL C 295 -5.29 16.03 -1.87
CA VAL C 295 -6.18 15.62 -2.96
C VAL C 295 -5.62 16.08 -4.30
N GLY C 296 -6.00 15.38 -5.37
CA GLY C 296 -5.55 15.72 -6.70
C GLY C 296 -4.37 14.86 -7.09
N GLN C 297 -3.46 15.44 -7.89
CA GLN C 297 -2.25 14.74 -8.32
C GLN C 297 -1.09 15.31 -7.55
N CYS C 298 -0.59 14.54 -6.60
CA CYS C 298 0.26 15.06 -5.55
C CYS C 298 1.62 14.38 -5.51
N PRO C 299 2.65 15.10 -5.03
CA PRO C 299 3.87 14.41 -4.63
C PRO C 299 3.52 13.45 -3.50
N LYS C 300 4.29 12.39 -3.34
CA LYS C 300 4.00 11.39 -2.31
C LYS C 300 4.46 11.91 -0.96
N TYR C 301 3.62 11.74 0.06
CA TYR C 301 3.98 12.17 1.41
C TYR C 301 5.00 11.22 2.08
N VAL C 302 6.03 11.81 2.69
CA VAL C 302 7.11 11.06 3.34
C VAL C 302 7.41 11.59 4.73
N ASN C 303 7.88 10.72 5.62
CA ASN C 303 8.27 11.07 6.99
C ASN C 303 9.75 11.45 7.06
N LYS C 304 10.10 12.51 6.34
CA LYS C 304 11.45 13.03 6.33
C LYS C 304 11.42 14.55 6.19
N LYS C 305 12.29 15.24 6.90
CA LYS C 305 12.36 16.68 6.76
C LYS C 305 13.12 17.01 5.46
N SER C 306 14.24 16.32 5.25
CA SER C 306 15.15 16.61 4.16
C SER C 306 15.78 15.35 3.57
N LEU C 307 16.01 15.38 2.26
CA LEU C 307 16.69 14.29 1.55
C LEU C 307 17.47 14.84 0.36
N MET C 308 18.78 14.91 0.50
CA MET C 308 19.61 15.59 -0.51
C MET C 308 20.13 14.65 -1.58
N LEU C 309 19.86 15.03 -2.82
CA LEU C 309 20.35 14.29 -3.98
C LEU C 309 21.61 14.97 -4.50
N ALA C 310 22.72 14.24 -4.45
CA ALA C 310 24.00 14.73 -4.95
C ALA C 310 23.90 15.14 -6.42
N THR C 311 24.45 16.31 -6.74
CA THR C 311 24.49 16.79 -8.12
C THR C 311 25.94 17.08 -8.56
N GLY C 312 26.88 16.52 -7.80
CA GLY C 312 28.30 16.69 -8.08
C GLY C 312 29.12 15.61 -7.40
N MET C 313 30.40 15.57 -7.74
CA MET C 313 31.32 14.55 -7.24
C MET C 313 31.63 14.71 -5.75
N ARG C 314 32.39 13.77 -5.21
CA ARG C 314 32.97 13.91 -3.87
C ARG C 314 33.75 15.20 -3.79
N ASN C 315 33.44 16.00 -2.76
CA ASN C 315 34.24 17.17 -2.48
C ASN C 315 35.44 16.81 -1.64
N VAL C 316 36.63 17.02 -2.20
CA VAL C 316 37.88 16.76 -1.50
C VAL C 316 38.66 18.08 -1.41
N PRO C 317 38.49 18.82 -0.29
CA PRO C 317 39.11 20.15 -0.14
C PRO C 317 40.63 20.10 -0.14
N GLU C 318 41.24 21.24 -0.44
CA GLU C 318 42.70 21.37 -0.51
C GLU C 318 43.33 21.34 0.88
N GLY D 1 37.68 5.99 -4.75
CA GLY D 1 36.44 5.17 -4.53
C GLY D 1 36.39 3.95 -5.42
N LEU D 2 35.29 3.75 -6.13
CA LEU D 2 35.16 2.62 -7.04
C LEU D 2 36.26 2.58 -8.09
N PHE D 3 36.65 3.75 -8.60
CA PHE D 3 37.56 3.83 -9.74
C PHE D 3 38.98 4.30 -9.39
N GLY D 4 39.16 4.71 -8.13
CA GLY D 4 40.48 4.97 -7.57
C GLY D 4 41.06 6.35 -7.78
N ALA D 5 40.41 7.17 -8.59
CA ALA D 5 40.91 8.52 -8.89
C ALA D 5 40.53 9.53 -7.80
N ILE D 6 39.26 9.97 -7.81
CA ILE D 6 38.76 10.97 -6.85
C ILE D 6 38.68 10.36 -5.45
N ALA D 7 39.35 11.00 -4.50
CA ALA D 7 39.56 10.46 -3.14
C ALA D 7 40.43 9.21 -3.17
N GLY D 8 41.21 9.06 -4.25
CA GLY D 8 42.13 7.95 -4.43
C GLY D 8 43.52 8.46 -4.76
N PHE D 9 44.08 8.04 -5.90
CA PHE D 9 45.44 8.43 -6.27
C PHE D 9 45.62 9.93 -6.53
N ILE D 10 44.53 10.62 -6.85
CA ILE D 10 44.57 12.09 -6.92
C ILE D 10 44.31 12.63 -5.52
N GLU D 11 45.27 13.41 -5.01
CA GLU D 11 45.27 13.85 -3.60
C GLU D 11 44.01 14.64 -3.21
N ASN D 12 43.69 15.68 -3.96
CA ASN D 12 42.54 16.53 -3.67
C ASN D 12 42.03 17.25 -4.92
N GLY D 13 40.90 17.95 -4.75
CA GLY D 13 40.36 18.80 -5.81
C GLY D 13 41.03 20.16 -5.87
N TRP D 14 40.82 20.86 -6.98
CA TRP D 14 41.35 22.20 -7.17
C TRP D 14 40.22 23.23 -7.03
N GLU D 15 40.30 24.06 -6.01
CA GLU D 15 39.27 25.08 -5.80
C GLU D 15 39.38 26.23 -6.81
N GLY D 16 40.56 26.35 -7.43
CA GLY D 16 40.79 27.34 -8.48
C GLY D 16 40.00 27.11 -9.75
N MET D 17 39.65 25.85 -10.01
CA MET D 17 38.83 25.49 -11.18
C MET D 17 37.38 25.91 -11.02
N VAL D 18 36.97 26.89 -11.82
CA VAL D 18 35.62 27.46 -11.72
C VAL D 18 34.81 27.34 -13.01
N ASP D 19 35.48 26.92 -14.08
CA ASP D 19 34.84 26.77 -15.38
C ASP D 19 34.89 25.32 -15.87
N GLY D 20 34.89 24.37 -14.92
CA GLY D 20 34.94 22.96 -15.26
C GLY D 20 34.99 22.02 -14.07
N TRP D 21 34.59 20.78 -14.30
CA TRP D 21 34.62 19.73 -13.29
C TRP D 21 35.97 19.04 -13.32
N TYR D 22 36.53 18.88 -14.51
CA TYR D 22 37.80 18.18 -14.70
C TYR D 22 38.74 19.03 -15.55
N GLY D 23 40.04 18.88 -15.34
CA GLY D 23 41.00 19.62 -16.15
C GLY D 23 42.47 19.33 -15.95
N PHE D 24 43.29 20.29 -16.37
CA PHE D 24 44.75 20.12 -16.49
C PHE D 24 45.52 21.22 -15.77
N ARG D 25 46.57 20.84 -15.05
CA ARG D 25 47.61 21.78 -14.64
C ARG D 25 48.92 21.37 -15.29
N HIS D 26 49.63 22.35 -15.85
CA HIS D 26 50.96 22.07 -16.42
C HIS D 26 52.06 22.91 -15.79
N GLN D 27 53.30 22.44 -15.95
CA GLN D 27 54.50 23.16 -15.52
C GLN D 27 55.63 22.82 -16.49
N ASN D 28 56.08 23.83 -17.24
CA ASN D 28 57.18 23.66 -18.20
C ASN D 28 58.20 24.80 -18.13
N ALA D 29 58.92 25.04 -19.23
CA ALA D 29 59.91 26.12 -19.28
C ALA D 29 59.30 27.50 -19.02
N GLN D 30 58.12 27.73 -19.59
CA GLN D 30 57.45 29.04 -19.51
C GLN D 30 56.48 29.17 -18.33
N GLY D 31 56.64 28.32 -17.32
CA GLY D 31 55.82 28.39 -16.11
C GLY D 31 54.62 27.46 -16.07
N THR D 32 53.60 27.88 -15.31
CA THR D 32 52.42 27.05 -15.08
C THR D 32 51.17 27.56 -15.80
N GLY D 33 50.14 26.73 -15.84
CA GLY D 33 48.88 27.04 -16.48
C GLY D 33 47.79 26.07 -16.09
N GLN D 34 46.54 26.47 -16.31
CA GLN D 34 45.39 25.67 -15.91
C GLN D 34 44.29 25.77 -16.95
N ALA D 35 43.74 24.62 -17.35
CA ALA D 35 42.65 24.56 -18.30
C ALA D 35 41.68 23.41 -18.03
N ALA D 36 40.40 23.73 -18.10
CA ALA D 36 39.34 22.74 -17.90
C ALA D 36 39.04 21.97 -19.20
N ASP D 37 38.81 20.66 -19.06
CA ASP D 37 38.38 19.81 -20.18
C ASP D 37 36.86 19.90 -20.36
N TYR D 38 36.43 20.34 -21.54
CA TYR D 38 35.03 20.53 -21.85
C TYR D 38 34.28 19.22 -22.02
N LYS D 39 34.93 18.25 -22.65
CA LYS D 39 34.31 16.98 -23.03
C LYS D 39 33.87 16.14 -21.82
N SER D 40 34.80 15.86 -20.90
CA SER D 40 34.48 15.04 -19.73
C SER D 40 33.62 15.78 -18.69
N THR D 41 33.70 17.10 -18.69
CA THR D 41 32.84 17.91 -17.84
C THR D 41 31.40 17.78 -18.33
N GLN D 42 31.19 17.87 -19.64
CA GLN D 42 29.85 17.74 -20.22
C GLN D 42 29.32 16.31 -20.16
N ALA D 43 30.22 15.33 -20.17
CA ALA D 43 29.84 13.92 -20.03
C ALA D 43 29.19 13.70 -18.67
N ALA D 44 29.85 14.20 -17.62
CA ALA D 44 29.33 14.09 -16.26
C ALA D 44 28.06 14.90 -16.02
N ILE D 45 28.05 16.16 -16.48
CA ILE D 45 26.90 17.05 -16.28
C ILE D 45 25.63 16.54 -16.99
N ASP D 46 25.77 16.03 -18.20
CA ASP D 46 24.65 15.43 -18.92
C ASP D 46 23.98 14.28 -18.16
N GLN D 47 24.80 13.46 -17.48
CA GLN D 47 24.28 12.34 -16.70
C GLN D 47 23.55 12.80 -15.44
N ILE D 48 24.09 13.85 -14.81
CA ILE D 48 23.41 14.50 -13.69
C ILE D 48 22.08 15.07 -14.14
N THR D 49 22.07 15.72 -15.31
CA THR D 49 20.86 16.30 -15.89
C THR D 49 19.83 15.21 -16.15
N GLY D 50 20.29 14.09 -16.70
CA GLY D 50 19.44 12.93 -16.93
C GLY D 50 18.71 12.48 -15.67
N LYS D 51 19.45 12.38 -14.56
CA LYS D 51 18.87 11.98 -13.27
C LYS D 51 17.84 12.98 -12.75
N LEU D 52 18.18 14.26 -12.84
CA LEU D 52 17.26 15.32 -12.42
C LEU D 52 15.94 15.31 -13.20
N ASN D 53 16.01 14.96 -14.50
CA ASN D 53 14.81 14.84 -15.33
C ASN D 53 13.92 13.63 -14.97
N ARG D 54 14.56 12.54 -14.56
CA ARG D 54 13.84 11.38 -14.04
C ARG D 54 13.13 11.72 -12.74
N LEU D 55 13.81 12.47 -11.89
CA LEU D 55 13.29 12.87 -10.59
C LEU D 55 11.95 13.63 -10.68
N ILE D 56 11.79 14.43 -11.73
CA ILE D 56 10.64 15.34 -11.85
C ILE D 56 9.48 14.89 -12.76
N GLU D 57 9.60 13.71 -13.38
CA GLU D 57 8.53 13.22 -14.26
C GLU D 57 7.27 12.82 -13.47
N LYS D 58 6.14 13.41 -13.82
CA LYS D 58 4.91 13.29 -13.02
C LYS D 58 4.00 12.13 -13.43
N THR D 59 3.30 11.60 -12.42
CA THR D 59 2.22 10.63 -12.62
C THR D 59 0.91 11.41 -12.51
N ASN D 60 -0.02 11.17 -13.42
CA ASN D 60 -1.27 11.92 -13.38
C ASN D 60 -2.40 11.26 -12.57
N THR D 61 -2.04 10.48 -11.56
CA THR D 61 -3.07 9.79 -10.78
C THR D 61 -3.75 10.79 -9.85
N GLU D 62 -5.03 11.02 -10.10
CA GLU D 62 -5.79 11.93 -9.26
C GLU D 62 -6.42 11.18 -8.09
N PHE D 63 -6.20 11.68 -6.87
CA PHE D 63 -6.73 11.07 -5.67
C PHE D 63 -7.81 11.95 -5.06
N GLU D 64 -8.92 11.32 -4.69
CA GLU D 64 -9.94 11.99 -3.91
C GLU D 64 -9.65 11.85 -2.42
N SER D 65 -10.36 12.62 -1.63
CA SER D 65 -10.26 12.51 -0.18
C SER D 65 -11.05 11.29 0.30
N ILE D 66 -10.49 10.57 1.27
CA ILE D 66 -11.22 9.49 1.95
C ILE D 66 -11.35 9.77 3.45
N GLU D 67 -10.87 10.94 3.87
CA GLU D 67 -10.92 11.39 5.25
C GLU D 67 -11.52 12.78 5.30
N SER D 68 -12.56 12.97 6.11
CA SER D 68 -13.12 14.31 6.29
C SER D 68 -12.23 15.15 7.21
N GLU D 69 -11.96 16.38 6.80
CA GLU D 69 -11.18 17.31 7.62
C GLU D 69 -12.04 17.95 8.71
N PHE D 70 -13.35 18.01 8.46
CA PHE D 70 -14.23 18.87 9.25
C PHE D 70 -15.31 18.13 10.00
N SER D 71 -15.32 16.81 9.90
CA SER D 71 -16.29 15.98 10.61
C SER D 71 -15.62 14.65 10.95
N GLU D 72 -16.21 13.93 11.89
CA GLU D 72 -15.59 12.70 12.40
C GLU D 72 -15.94 11.51 11.55
N ILE D 73 -14.93 10.68 11.27
CA ILE D 73 -15.11 9.44 10.56
C ILE D 73 -15.55 8.40 11.59
N GLU D 74 -16.34 7.42 11.16
CA GLU D 74 -16.65 6.27 12.00
C GLU D 74 -15.34 5.58 12.39
N HIS D 75 -15.24 5.20 13.66
CA HIS D 75 -13.99 4.79 14.26
C HIS D 75 -13.27 3.60 13.57
N GLN D 76 -14.01 2.54 13.25
CA GLN D 76 -13.40 1.38 12.62
C GLN D 76 -12.88 1.66 11.20
N ILE D 77 -13.72 2.27 10.37
CA ILE D 77 -13.27 2.65 9.03
C ILE D 77 -12.09 3.63 9.14
N GLY D 78 -12.17 4.54 10.11
CA GLY D 78 -11.08 5.48 10.38
C GLY D 78 -9.76 4.81 10.71
N ASN D 79 -9.81 3.73 11.48
CA ASN D 79 -8.60 2.98 11.85
C ASN D 79 -8.00 2.22 10.68
N VAL D 80 -8.86 1.64 9.86
CA VAL D 80 -8.42 0.97 8.64
C VAL D 80 -7.70 1.97 7.74
N ILE D 81 -8.35 3.12 7.49
CA ILE D 81 -7.77 4.17 6.67
C ILE D 81 -6.40 4.61 7.21
N ASN D 82 -6.33 4.87 8.51
CA ASN D 82 -5.08 5.26 9.14
C ASN D 82 -4.00 4.22 8.94
N TRP D 83 -4.37 2.94 9.09
CA TRP D 83 -3.43 1.83 8.95
C TRP D 83 -2.89 1.80 7.51
N THR D 84 -3.79 1.95 6.55
CA THR D 84 -3.44 1.91 5.15
C THR D 84 -2.54 3.09 4.77
N LYS D 85 -2.94 4.29 5.19
CA LYS D 85 -2.16 5.49 4.89
C LYS D 85 -0.77 5.41 5.47
N ASP D 86 -0.66 4.94 6.71
CA ASP D 86 0.64 4.85 7.37
C ASP D 86 1.54 3.81 6.74
N SER D 87 0.95 2.70 6.31
CA SER D 87 1.69 1.69 5.56
C SER D 87 2.23 2.24 4.25
N ILE D 88 1.38 2.94 3.50
CA ILE D 88 1.74 3.56 2.23
C ILE D 88 2.87 4.57 2.45
N THR D 89 2.76 5.37 3.50
CA THR D 89 3.80 6.35 3.84
C THR D 89 5.14 5.70 4.21
N ASP D 90 5.11 4.56 4.92
CA ASP D 90 6.35 3.84 5.26
C ASP D 90 7.04 3.32 3.99
N ILE D 91 6.27 2.89 3.01
CA ILE D 91 6.81 2.44 1.74
C ILE D 91 7.47 3.59 0.95
N TRP D 92 6.80 4.73 0.82
CA TRP D 92 7.36 5.85 0.08
C TRP D 92 8.57 6.44 0.76
N THR D 93 8.53 6.52 2.09
CA THR D 93 9.66 7.01 2.87
C THR D 93 10.87 6.11 2.65
N TYR D 94 10.63 4.80 2.65
CA TYR D 94 11.66 3.83 2.38
C TYR D 94 12.18 3.95 0.95
N GLN D 95 11.26 4.02 -0.01
CA GLN D 95 11.62 4.19 -1.42
C GLN D 95 12.42 5.44 -1.67
N ALA D 96 11.95 6.55 -1.11
CA ALA D 96 12.62 7.83 -1.22
C ALA D 96 14.04 7.74 -0.66
N GLU D 97 14.19 7.15 0.51
CA GLU D 97 15.51 7.04 1.13
C GLU D 97 16.43 6.17 0.31
N LEU D 98 15.90 5.07 -0.21
CA LEU D 98 16.67 4.13 -0.99
C LEU D 98 17.10 4.74 -2.32
N LEU D 99 16.15 5.36 -3.02
CA LEU D 99 16.42 6.03 -4.29
C LEU D 99 17.59 7.00 -4.17
N VAL D 100 17.49 7.92 -3.21
CA VAL D 100 18.48 8.97 -3.03
C VAL D 100 19.84 8.37 -2.68
N ALA D 101 19.87 7.41 -1.74
CA ALA D 101 21.10 6.74 -1.34
C ALA D 101 21.77 6.02 -2.50
N MET D 102 20.96 5.36 -3.31
CA MET D 102 21.44 4.66 -4.51
C MET D 102 21.94 5.62 -5.59
N GLU D 103 21.12 6.60 -5.95
CA GLU D 103 21.52 7.62 -6.92
C GLU D 103 22.82 8.30 -6.52
N ASN D 104 22.92 8.69 -5.25
CA ASN D 104 24.12 9.34 -4.72
C ASN D 104 25.37 8.48 -4.86
N GLN D 105 25.26 7.22 -4.45
CA GLN D 105 26.33 6.26 -4.61
C GLN D 105 26.78 6.25 -6.05
N HIS D 106 25.80 6.20 -6.95
CA HIS D 106 26.07 6.11 -8.38
C HIS D 106 26.66 7.40 -8.97
N THR D 107 26.15 8.56 -8.57
CA THR D 107 26.71 9.81 -9.13
C THR D 107 28.16 10.09 -8.67
N ILE D 108 28.47 9.73 -7.43
CA ILE D 108 29.84 9.82 -6.92
C ILE D 108 30.79 8.95 -7.75
N ASP D 109 30.40 7.69 -7.97
CA ASP D 109 31.21 6.74 -8.71
C ASP D 109 31.29 7.06 -10.20
N MET D 110 30.20 7.57 -10.76
CA MET D 110 30.18 8.06 -12.14
C MET D 110 31.17 9.21 -12.31
N ALA D 111 31.22 10.10 -11.34
CA ALA D 111 32.16 11.23 -11.39
C ALA D 111 33.61 10.78 -11.32
N ASP D 112 33.88 9.78 -10.47
CA ASP D 112 35.19 9.15 -10.37
C ASP D 112 35.58 8.55 -11.72
N SER D 113 34.66 7.79 -12.30
CA SER D 113 34.81 7.15 -13.61
C SER D 113 35.27 8.10 -14.72
N GLU D 114 34.64 9.27 -14.79
CA GLU D 114 34.96 10.25 -15.82
C GLU D 114 36.37 10.80 -15.67
N MET D 115 36.80 10.99 -14.43
CA MET D 115 38.16 11.41 -14.12
C MET D 115 39.17 10.36 -14.60
N LEU D 116 38.89 9.09 -14.30
CA LEU D 116 39.76 8.01 -14.76
C LEU D 116 39.78 7.93 -16.29
N ASN D 117 38.61 8.08 -16.92
CA ASN D 117 38.51 8.05 -18.38
C ASN D 117 39.31 9.15 -19.09
N LEU D 118 39.44 10.30 -18.44
CA LEU D 118 40.26 11.40 -18.98
C LEU D 118 41.74 11.09 -18.83
N TYR D 119 42.13 10.67 -17.64
CA TYR D 119 43.49 10.21 -17.31
C TYR D 119 43.98 9.15 -18.31
N GLU D 120 43.17 8.11 -18.51
CA GLU D 120 43.50 7.02 -19.43
C GLU D 120 43.65 7.49 -20.88
N ARG D 121 42.77 8.40 -21.29
CA ARG D 121 42.80 8.98 -22.64
C ARG D 121 44.11 9.75 -22.88
N VAL D 122 44.59 10.40 -21.82
CA VAL D 122 45.84 11.13 -21.87
C VAL D 122 47.03 10.18 -21.78
N ARG D 123 46.97 9.20 -20.88
CA ARG D 123 48.04 8.22 -20.74
C ARG D 123 48.39 7.56 -22.08
N LYS D 124 47.37 7.11 -22.79
CA LYS D 124 47.55 6.41 -24.06
C LYS D 124 48.00 7.35 -25.18
N GLN D 125 47.55 8.59 -25.10
CA GLN D 125 47.89 9.63 -26.08
C GLN D 125 49.40 9.90 -26.11
N LEU D 126 50.00 9.97 -24.92
CA LEU D 126 51.43 10.24 -24.77
C LEU D 126 52.29 9.03 -25.16
N ARG D 127 51.68 7.85 -25.10
CA ARG D 127 52.33 6.57 -25.43
C ARG D 127 53.60 6.37 -24.60
N GLN D 128 54.76 6.34 -25.25
CA GLN D 128 56.03 6.10 -24.55
C GLN D 128 56.78 7.38 -24.19
N ASN D 129 56.22 8.53 -24.56
CA ASN D 129 56.88 9.82 -24.35
C ASN D 129 56.81 10.37 -22.93
N ALA D 130 56.04 9.70 -22.06
CA ALA D 130 55.84 10.15 -20.67
C ALA D 130 55.72 8.99 -19.66
N GLU D 131 55.71 9.33 -18.38
CA GLU D 131 55.57 8.34 -17.31
C GLU D 131 54.61 8.80 -16.21
N GLU D 132 54.00 7.85 -15.51
CA GLU D 132 53.06 8.16 -14.43
C GLU D 132 53.80 8.44 -13.12
N ASP D 133 53.36 9.45 -12.39
CA ASP D 133 53.97 9.76 -11.08
C ASP D 133 53.16 9.15 -9.92
N GLY D 134 52.00 8.58 -10.23
CA GLY D 134 51.17 7.93 -9.23
C GLY D 134 50.25 8.88 -8.45
N LYS D 135 50.56 10.17 -8.50
CA LYS D 135 49.71 11.20 -7.91
C LYS D 135 48.84 11.87 -8.97
N GLY D 136 48.70 11.22 -10.13
CA GLY D 136 47.85 11.75 -11.21
C GLY D 136 48.53 12.64 -12.24
N CYS D 137 49.86 12.78 -12.15
CA CYS D 137 50.61 13.54 -13.15
C CYS D 137 51.35 12.64 -14.12
N PHE D 138 51.70 13.23 -15.26
CA PHE D 138 52.57 12.59 -16.23
C PHE D 138 53.84 13.39 -16.38
N GLU D 139 54.97 12.72 -16.18
CA GLU D 139 56.27 13.35 -16.34
C GLU D 139 56.72 13.16 -17.78
N ILE D 140 56.71 14.25 -18.52
CA ILE D 140 57.00 14.27 -19.95
C ILE D 140 58.51 14.37 -20.17
N TYR D 141 59.04 13.58 -21.10
CA TYR D 141 60.49 13.50 -21.32
C TYR D 141 60.95 14.23 -22.57
N HIS D 142 60.35 15.39 -22.86
CA HIS D 142 60.84 16.25 -23.92
C HIS D 142 60.52 17.73 -23.65
N ALA D 143 61.02 18.60 -24.52
CA ALA D 143 60.66 20.01 -24.50
C ALA D 143 59.22 20.12 -24.98
N CYS D 144 58.32 20.41 -24.05
CA CYS D 144 56.90 20.54 -24.36
C CYS D 144 56.42 21.94 -23.98
N ASP D 145 56.46 22.84 -24.97
CA ASP D 145 56.04 24.22 -24.80
C ASP D 145 54.53 24.35 -24.59
N ASP D 146 54.06 25.56 -24.29
CA ASP D 146 52.63 25.81 -24.13
C ASP D 146 51.84 25.28 -25.35
N SER D 147 52.45 25.38 -26.52
CA SER D 147 51.85 24.93 -27.77
C SER D 147 51.73 23.40 -27.86
N CYS D 148 52.71 22.69 -27.30
CA CYS D 148 52.66 21.23 -27.17
C CYS D 148 51.62 20.85 -26.12
N MET D 149 51.59 21.60 -25.02
CA MET D 149 50.61 21.38 -23.95
C MET D 149 49.19 21.49 -24.44
N GLU D 150 48.92 22.49 -25.28
CA GLU D 150 47.60 22.70 -25.87
C GLU D 150 47.16 21.52 -26.72
N SER D 151 48.10 20.93 -27.46
CA SER D 151 47.79 19.79 -28.32
C SER D 151 47.39 18.53 -27.54
N ILE D 152 47.99 18.32 -26.37
CA ILE D 152 47.58 17.24 -25.47
C ILE D 152 46.14 17.47 -24.99
N ARG D 153 45.83 18.71 -24.61
CA ARG D 153 44.48 19.07 -24.19
C ARG D 153 43.50 19.07 -25.36
N ASN D 154 43.99 19.43 -26.54
CA ASN D 154 43.20 19.48 -27.78
C ASN D 154 42.99 18.09 -28.38
N ASN D 155 43.61 17.08 -27.75
CA ASN D 155 43.63 15.70 -28.23
C ASN D 155 44.22 15.48 -29.64
N THR D 156 45.17 16.34 -30.02
CA THR D 156 45.81 16.22 -31.33
C THR D 156 47.34 16.02 -31.23
N TYR D 157 47.82 15.79 -30.01
CA TYR D 157 49.21 15.43 -29.74
C TYR D 157 49.65 14.21 -30.56
N ASP D 158 50.84 14.31 -31.14
CA ASP D 158 51.38 13.25 -31.98
C ASP D 158 52.71 12.76 -31.42
N HIS D 159 52.68 11.61 -30.76
CA HIS D 159 53.84 11.07 -30.06
C HIS D 159 55.04 10.80 -30.98
N SER D 160 54.77 10.57 -32.27
CA SER D 160 55.81 10.33 -33.28
C SER D 160 56.86 11.42 -33.29
N GLN D 161 56.39 12.65 -33.11
CA GLN D 161 57.20 13.85 -33.21
C GLN D 161 58.27 13.97 -32.13
N TYR D 162 58.05 13.29 -31.00
CA TYR D 162 58.91 13.46 -29.82
C TYR D 162 59.53 12.16 -29.31
N ARG D 163 59.00 11.02 -29.77
CA ARG D 163 59.43 9.71 -29.30
C ARG D 163 60.96 9.55 -29.28
N GLU D 164 61.61 10.00 -30.36
CA GLU D 164 63.07 9.92 -30.52
C GLU D 164 63.77 10.60 -29.35
N GLU D 165 63.40 11.87 -29.11
CA GLU D 165 63.92 12.66 -27.99
C GLU D 165 63.55 12.06 -26.62
N ALA D 166 62.31 11.61 -26.48
CA ALA D 166 61.79 11.12 -25.20
C ALA D 166 62.44 9.82 -24.73
N LEU D 167 62.44 8.81 -25.60
CA LEU D 167 63.04 7.51 -25.26
C LEU D 167 64.48 7.62 -24.82
N LEU D 168 65.22 8.56 -25.43
CA LEU D 168 66.61 8.81 -25.05
C LEU D 168 66.71 9.36 -23.64
N ASN D 169 65.81 10.29 -23.30
CA ASN D 169 65.73 10.83 -21.94
C ASN D 169 65.35 9.78 -20.89
N ARG D 170 64.48 8.84 -21.27
CA ARG D 170 64.01 7.82 -20.34
C ARG D 170 65.05 6.75 -20.02
N LEU D 171 65.75 6.28 -21.05
CA LEU D 171 66.71 5.20 -20.88
C LEU D 171 68.04 5.72 -20.35
N ASN D 172 68.22 7.04 -20.43
CA ASN D 172 69.38 7.76 -19.89
C ASN D 172 70.73 7.21 -20.36
N ASP E 1 62.80 -11.66 -6.26
CA ASP E 1 62.54 -10.69 -7.38
C ASP E 1 61.05 -10.60 -7.76
N LYS E 2 60.19 -11.20 -6.93
CA LYS E 2 58.76 -11.25 -7.20
C LYS E 2 57.90 -10.85 -6.01
N ILE E 3 56.84 -10.09 -6.29
CA ILE E 3 55.83 -9.76 -5.28
C ILE E 3 54.43 -9.90 -5.86
N CYS E 4 53.61 -10.69 -5.19
CA CYS E 4 52.27 -11.03 -5.66
C CYS E 4 51.19 -10.36 -4.82
N LEU E 5 50.10 -9.97 -5.48
CA LEU E 5 48.92 -9.44 -4.81
C LEU E 5 47.81 -10.44 -4.78
N GLY E 6 46.99 -10.36 -3.74
CA GLY E 6 45.90 -11.30 -3.54
C GLY E 6 44.91 -10.84 -2.50
N HIS E 7 43.99 -11.75 -2.16
CA HIS E 7 42.91 -11.46 -1.25
C HIS E 7 42.59 -12.75 -0.52
N HIS E 8 41.96 -12.63 0.64
CA HIS E 8 41.69 -13.81 1.45
C HIS E 8 40.55 -14.66 0.88
N ALA E 9 40.44 -15.89 1.40
CA ALA E 9 39.39 -16.83 1.04
C ALA E 9 39.10 -17.74 2.24
N VAL E 10 38.02 -18.53 2.15
CA VAL E 10 37.68 -19.48 3.21
C VAL E 10 37.36 -20.87 2.66
N ALA E 11 37.36 -21.86 3.55
CA ALA E 11 37.14 -23.26 3.16
C ALA E 11 35.69 -23.57 2.78
N ASN E 12 34.74 -22.95 3.49
CA ASN E 12 33.33 -22.96 3.06
C ASN E 12 32.64 -21.61 3.24
N GLY E 13 32.33 -20.98 2.12
CA GLY E 13 31.63 -19.70 2.14
C GLY E 13 30.13 -19.89 2.30
N THR E 14 29.37 -18.88 1.91
CA THR E 14 27.92 -18.91 2.01
C THR E 14 27.31 -18.37 0.71
N ILE E 15 26.16 -18.91 0.35
CA ILE E 15 25.45 -18.55 -0.88
C ILE E 15 24.56 -17.32 -0.67
N VAL E 16 24.67 -16.34 -1.58
CA VAL E 16 23.77 -15.19 -1.63
C VAL E 16 23.23 -14.99 -3.05
N LYS E 17 22.19 -14.19 -3.16
CA LYS E 17 21.63 -13.84 -4.46
C LYS E 17 22.06 -12.43 -4.85
N THR E 18 22.52 -12.29 -6.08
CA THR E 18 22.84 -10.99 -6.66
C THR E 18 21.80 -10.70 -7.72
N LEU E 19 21.95 -9.59 -8.44
CA LEU E 19 21.08 -9.28 -9.59
C LEU E 19 21.33 -10.23 -10.76
N THR E 20 22.54 -10.79 -10.83
CA THR E 20 22.93 -11.62 -11.96
C THR E 20 23.06 -13.11 -11.64
N ASN E 21 23.21 -13.45 -10.35
CA ASN E 21 23.53 -14.81 -9.93
C ASN E 21 22.76 -15.22 -8.67
N GLU E 22 21.94 -16.27 -8.81
CA GLU E 22 21.19 -16.83 -7.68
C GLU E 22 22.09 -17.53 -6.67
N GLN E 23 23.30 -17.88 -7.12
CA GLN E 23 24.21 -18.74 -6.37
C GLN E 23 25.62 -18.18 -6.33
N GLU E 24 25.77 -16.97 -5.80
CA GLU E 24 27.09 -16.38 -5.67
C GLU E 24 27.70 -16.72 -4.30
N GLU E 25 28.85 -17.39 -4.32
CA GLU E 25 29.53 -17.72 -3.06
C GLU E 25 30.39 -16.55 -2.59
N VAL E 26 30.16 -16.13 -1.36
CA VAL E 26 30.92 -15.02 -0.75
C VAL E 26 31.56 -15.49 0.57
N THR E 27 32.55 -14.73 1.04
CA THR E 27 33.29 -15.08 2.26
C THR E 27 32.41 -15.07 3.50
N ASN E 28 31.52 -14.08 3.58
CA ASN E 28 30.71 -13.89 4.76
C ASN E 28 29.38 -13.21 4.39
N ALA E 29 28.33 -13.51 5.17
CA ALA E 29 26.97 -12.97 4.93
C ALA E 29 26.10 -13.01 6.19
N THR E 30 25.07 -12.17 6.24
CA THR E 30 24.23 -12.06 7.44
C THR E 30 22.73 -11.92 7.16
N GLU E 31 21.92 -12.45 8.06
CA GLU E 31 20.47 -12.56 7.89
C GLU E 31 19.77 -11.20 8.00
N THR E 32 18.84 -10.92 7.07
CA THR E 32 18.07 -9.67 7.09
C THR E 32 16.61 -9.87 7.50
N VAL E 33 16.17 -11.12 7.63
CA VAL E 33 14.80 -11.44 8.01
C VAL E 33 14.77 -12.11 9.36
N GLU E 34 14.08 -11.51 10.33
CA GLU E 34 13.97 -12.12 11.65
C GLU E 34 13.03 -13.33 11.63
N SER E 35 13.51 -14.46 12.17
CA SER E 35 12.73 -15.69 12.24
C SER E 35 12.38 -16.07 13.67
N THR E 36 13.02 -15.41 14.63
CA THR E 36 12.84 -15.75 16.03
C THR E 36 11.94 -14.78 16.79
N SER E 37 10.94 -15.32 17.44
CA SER E 37 10.11 -14.60 18.38
C SER E 37 10.49 -14.94 19.82
N LEU E 38 10.28 -13.97 20.71
CA LEU E 38 10.25 -14.22 22.15
C LEU E 38 8.79 -14.50 22.48
N ASP E 39 8.54 -15.57 23.21
CA ASP E 39 7.17 -16.05 23.44
C ASP E 39 6.53 -15.49 24.71
N ARG E 40 6.94 -14.26 25.05
CA ARG E 40 6.40 -13.52 26.18
C ARG E 40 6.08 -12.11 25.72
N LEU E 41 5.33 -11.35 26.52
CA LEU E 41 5.10 -9.94 26.22
C LEU E 41 6.08 -9.08 27.00
N CYS E 42 7.11 -8.61 26.30
CA CYS E 42 8.18 -7.82 26.91
C CYS E 42 7.67 -6.46 27.38
N MET E 43 7.39 -6.33 28.67
CA MET E 43 6.71 -5.16 29.21
C MET E 43 7.60 -4.19 30.00
N LYS E 44 8.92 -4.28 29.79
CA LYS E 44 9.85 -3.43 30.53
C LYS E 44 9.83 -2.00 29.98
N GLY E 45 9.68 -1.04 30.89
CA GLY E 45 9.58 0.38 30.53
C GLY E 45 8.15 0.81 30.26
N ARG E 46 7.21 -0.12 30.45
CA ARG E 46 5.80 0.13 30.14
C ARG E 46 4.91 0.02 31.35
N SER E 47 3.98 0.95 31.47
CA SER E 47 2.96 0.92 32.50
C SER E 47 1.76 0.20 31.89
N HIS E 48 1.61 -1.08 32.23
CA HIS E 48 0.65 -1.96 31.54
C HIS E 48 -0.48 -2.49 32.41
N LYS E 49 -1.64 -2.72 31.79
CA LYS E 49 -2.76 -3.36 32.47
C LYS E 49 -3.13 -4.65 31.73
N ASP E 50 -2.92 -5.79 32.38
CA ASP E 50 -3.40 -7.09 31.92
C ASP E 50 -4.86 -7.23 32.35
N LEU E 51 -5.75 -7.43 31.40
CA LEU E 51 -7.17 -7.48 31.71
C LEU E 51 -7.66 -8.84 32.21
N GLY E 52 -6.76 -9.84 32.25
CA GLY E 52 -7.11 -11.19 32.70
C GLY E 52 -8.27 -11.72 31.88
N ASN E 53 -9.33 -12.17 32.55
CA ASN E 53 -10.55 -12.55 31.83
C ASN E 53 -11.60 -11.41 31.67
N CYS E 54 -11.15 -10.18 31.88
CA CYS E 54 -11.99 -9.00 31.64
C CYS E 54 -11.86 -8.47 30.19
N HIS E 55 -12.99 -8.34 29.50
CA HIS E 55 -13.04 -7.79 28.15
C HIS E 55 -13.09 -6.26 28.23
N PRO E 56 -12.35 -5.56 27.34
CA PRO E 56 -12.32 -4.10 27.27
C PRO E 56 -13.68 -3.45 27.53
N ILE E 57 -14.71 -3.94 26.87
CA ILE E 57 -16.06 -3.37 27.00
C ILE E 57 -16.63 -3.60 28.39
N GLY E 58 -16.36 -4.77 28.97
CA GLY E 58 -16.68 -5.05 30.36
C GLY E 58 -16.28 -3.94 31.31
N MET E 59 -15.12 -3.31 31.05
CA MET E 59 -14.61 -2.20 31.86
C MET E 59 -15.56 -1.00 31.93
N LEU E 60 -16.36 -0.80 30.88
CA LEU E 60 -17.23 0.36 30.82
C LEU E 60 -18.56 0.13 31.52
N ILE E 61 -19.12 -1.08 31.41
CA ILE E 61 -20.43 -1.36 31.99
C ILE E 61 -20.37 -2.00 33.38
N GLY E 62 -19.24 -2.66 33.68
CA GLY E 62 -18.98 -3.19 35.01
C GLY E 62 -19.36 -4.64 35.25
N THR E 63 -18.90 -5.53 34.36
CA THR E 63 -19.07 -6.97 34.54
C THR E 63 -18.23 -7.38 35.76
N PRO E 64 -18.76 -8.30 36.59
CA PRO E 64 -18.01 -8.77 37.75
C PRO E 64 -16.51 -9.03 37.47
N ALA E 65 -16.20 -9.70 36.36
CA ALA E 65 -14.82 -9.99 35.98
C ALA E 65 -13.95 -8.74 35.89
N CYS E 66 -14.57 -7.60 35.57
CA CYS E 66 -13.89 -6.33 35.35
C CYS E 66 -13.89 -5.39 36.56
N ASP E 67 -14.23 -5.91 37.73
CA ASP E 67 -14.34 -5.08 38.93
C ASP E 67 -13.01 -4.46 39.36
N LEU E 68 -11.91 -5.09 38.97
CA LEU E 68 -10.58 -4.58 39.28
C LEU E 68 -10.02 -3.69 38.15
N HIS E 69 -10.85 -3.39 37.15
CA HIS E 69 -10.44 -2.61 35.99
C HIS E 69 -11.45 -1.53 35.55
N LEU E 70 -12.26 -1.05 36.48
CA LEU E 70 -13.26 -0.02 36.17
C LEU E 70 -12.67 1.37 35.96
N THR E 71 -11.51 1.62 36.56
CA THR E 71 -10.74 2.85 36.33
C THR E 71 -9.26 2.49 36.27
N GLY E 72 -8.43 3.39 35.75
CA GLY E 72 -6.98 3.18 35.78
C GLY E 72 -6.25 3.92 34.69
N THR E 73 -4.93 3.78 34.67
CA THR E 73 -4.10 4.40 33.65
C THR E 73 -3.04 3.41 33.18
N TRP E 74 -2.71 3.47 31.89
CA TRP E 74 -1.75 2.55 31.29
C TRP E 74 -1.16 3.15 30.01
N ASP E 75 0.02 2.70 29.60
CA ASP E 75 0.53 3.02 28.26
C ASP E 75 0.44 1.78 27.34
N THR E 76 0.08 0.65 27.94
CA THR E 76 -0.10 -0.61 27.19
C THR E 76 -1.27 -1.39 27.81
N LEU E 77 -2.22 -1.79 26.98
CA LEU E 77 -3.39 -2.53 27.44
C LEU E 77 -3.43 -3.91 26.79
N ILE E 78 -3.62 -4.93 27.61
CA ILE E 78 -3.48 -6.32 27.16
C ILE E 78 -4.77 -7.12 27.30
N GLU E 79 -5.36 -7.46 26.16
CA GLU E 79 -6.58 -8.26 26.10
C GLU E 79 -6.26 -9.75 25.91
N ARG E 80 -6.97 -10.60 26.66
CA ARG E 80 -6.78 -12.04 26.58
C ARG E 80 -7.96 -12.73 25.90
N GLU E 81 -7.73 -13.95 25.44
CA GLU E 81 -8.77 -14.75 24.79
C GLU E 81 -9.86 -15.20 25.75
N ASN E 82 -11.11 -15.16 25.28
CA ASN E 82 -12.28 -15.64 26.04
C ASN E 82 -12.66 -14.71 27.20
N ALA E 83 -12.17 -13.48 27.14
CA ALA E 83 -12.46 -12.49 28.17
C ALA E 83 -13.95 -12.21 28.19
N ILE E 84 -14.49 -11.92 29.36
CA ILE E 84 -15.92 -11.72 29.51
C ILE E 84 -16.29 -10.23 29.43
N ALA E 85 -17.22 -9.91 28.55
CA ALA E 85 -17.82 -8.59 28.55
C ALA E 85 -19.24 -8.63 29.13
N TYR E 86 -20.00 -9.66 28.77
CA TYR E 86 -21.41 -9.72 29.10
C TYR E 86 -21.71 -10.93 29.96
N CYS E 87 -21.95 -10.70 31.24
CA CYS E 87 -22.44 -11.75 32.13
C CYS E 87 -23.86 -12.12 31.74
N TYR E 88 -24.75 -11.13 31.73
CA TYR E 88 -26.06 -11.29 31.13
C TYR E 88 -25.87 -11.23 29.61
N PRO E 89 -26.51 -12.16 28.89
CA PRO E 89 -26.35 -12.27 27.44
C PRO E 89 -26.82 -11.02 26.68
N GLY E 90 -26.06 -10.69 25.62
CA GLY E 90 -26.34 -9.54 24.77
C GLY E 90 -25.11 -9.16 23.97
N ALA E 91 -25.22 -8.06 23.22
CA ALA E 91 -24.10 -7.54 22.43
C ALA E 91 -24.15 -6.02 22.41
N THR E 92 -23.01 -5.40 22.13
CA THR E 92 -22.96 -3.96 21.90
C THR E 92 -23.04 -3.70 20.41
N VAL E 93 -23.97 -2.83 20.01
CA VAL E 93 -24.01 -2.28 18.65
C VAL E 93 -22.72 -1.48 18.38
N ASN E 94 -22.09 -1.76 17.23
CA ASN E 94 -20.77 -1.21 16.90
C ASN E 94 -19.69 -1.63 17.91
N GLU E 95 -19.68 -2.92 18.23
CA GLU E 95 -18.82 -3.45 19.28
C GLU E 95 -17.35 -3.24 18.95
N GLU E 96 -16.99 -3.49 17.70
CA GLU E 96 -15.60 -3.50 17.31
C GLU E 96 -15.00 -2.09 17.33
N ALA E 97 -15.83 -1.11 16.99
CA ALA E 97 -15.43 0.30 17.06
C ALA E 97 -15.09 0.64 18.51
N LEU E 98 -16.03 0.40 19.41
CA LEU E 98 -15.82 0.63 20.84
C LEU E 98 -14.62 -0.16 21.39
N ARG E 99 -14.49 -1.42 21.01
CA ARG E 99 -13.36 -2.19 21.50
C ARG E 99 -12.05 -1.51 21.12
N GLN E 100 -11.95 -1.11 19.85
CA GLN E 100 -10.75 -0.42 19.34
C GLN E 100 -10.50 0.93 20.01
N LYS E 101 -11.56 1.73 20.22
CA LYS E 101 -11.47 2.96 21.01
C LYS E 101 -10.81 2.70 22.35
N ILE E 102 -11.37 1.78 23.13
CA ILE E 102 -10.82 1.47 24.45
C ILE E 102 -9.35 1.04 24.32
N MET E 103 -9.04 0.27 23.28
CA MET E 103 -7.69 -0.23 23.08
C MET E 103 -6.67 0.80 22.55
N GLU E 104 -7.17 1.97 22.14
CA GLU E 104 -6.35 3.09 21.62
C GLU E 104 -6.08 4.07 22.81
N SER E 105 -6.80 3.88 23.91
CA SER E 105 -6.76 4.82 25.04
C SER E 105 -5.72 4.43 26.10
N GLY E 106 -5.40 5.39 26.98
CA GLY E 106 -4.41 5.19 28.03
C GLY E 106 -5.00 5.22 29.43
N GLY E 107 -6.32 5.10 29.52
CA GLY E 107 -6.99 5.13 30.81
C GLY E 107 -8.49 5.28 30.74
N ILE E 108 -9.13 5.08 31.90
CA ILE E 108 -10.58 5.27 32.05
C ILE E 108 -10.84 5.94 33.39
N SER E 109 -11.62 7.03 33.36
CA SER E 109 -12.18 7.65 34.56
C SER E 109 -13.66 7.34 34.57
N LYS E 110 -14.26 7.41 35.74
CA LYS E 110 -15.70 7.24 35.86
C LYS E 110 -16.32 8.43 36.57
N ILE E 111 -17.45 8.88 36.03
CA ILE E 111 -18.17 10.02 36.54
C ILE E 111 -19.63 9.59 36.71
N SER E 112 -20.17 9.82 37.90
CA SER E 112 -21.54 9.48 38.21
C SER E 112 -22.51 10.31 37.39
N THR E 113 -23.64 9.72 37.02
CA THR E 113 -24.67 10.42 36.24
C THR E 113 -25.60 11.19 37.17
N GLY E 114 -25.81 10.64 38.36
CA GLY E 114 -26.70 11.24 39.35
C GLY E 114 -28.16 10.93 39.09
N PHE E 115 -28.43 9.89 38.31
CA PHE E 115 -29.78 9.51 37.93
C PHE E 115 -30.54 8.95 39.13
N THR E 116 -31.61 9.63 39.52
CA THR E 116 -32.49 9.16 40.59
C THR E 116 -33.85 8.79 40.00
N TYR E 117 -34.55 7.85 40.65
CA TYR E 117 -35.81 7.31 40.13
C TYR E 117 -36.95 7.35 41.14
N GLY E 118 -38.16 7.61 40.63
CA GLY E 118 -39.37 7.69 41.46
C GLY E 118 -39.73 6.37 42.14
N SER E 119 -40.46 6.46 43.24
CA SER E 119 -40.77 5.31 44.10
C SER E 119 -41.62 4.22 43.42
N SER E 120 -42.08 4.50 42.21
CA SER E 120 -42.79 3.53 41.39
C SER E 120 -41.84 2.83 40.41
N ILE E 121 -40.54 2.97 40.62
CA ILE E 121 -39.52 2.28 39.85
C ILE E 121 -38.58 1.52 40.78
N ASN E 122 -38.27 0.28 40.43
CA ASN E 122 -37.27 -0.51 41.15
C ASN E 122 -35.94 -0.50 40.39
N SER E 123 -34.96 0.22 40.93
CA SER E 123 -33.66 0.37 40.28
C SER E 123 -32.71 -0.80 40.59
N ALA E 124 -33.16 -1.70 41.45
CA ALA E 124 -32.30 -2.77 41.98
C ALA E 124 -32.54 -4.14 41.32
N GLY E 125 -32.80 -4.15 40.02
CA GLY E 125 -32.90 -5.40 39.27
C GLY E 125 -31.55 -6.11 39.21
N THR E 126 -31.55 -7.41 39.54
CA THR E 126 -30.33 -8.20 39.51
C THR E 126 -30.55 -9.50 38.73
N THR E 127 -29.48 -10.27 38.56
CA THR E 127 -29.56 -11.53 37.83
C THR E 127 -28.56 -12.56 38.36
N LYS E 128 -28.90 -13.83 38.20
CA LYS E 128 -28.01 -14.95 38.53
C LYS E 128 -26.81 -15.07 37.56
N ALA E 129 -26.88 -14.38 36.43
CA ALA E 129 -25.79 -14.42 35.44
C ALA E 129 -24.60 -13.53 35.82
N CYS E 130 -24.85 -12.48 36.60
CA CYS E 130 -23.78 -11.63 37.12
C CYS E 130 -23.69 -11.80 38.63
N MET E 131 -22.78 -12.67 39.06
CA MET E 131 -22.64 -13.01 40.48
C MET E 131 -21.53 -12.20 41.15
N ARG E 132 -21.87 -11.60 42.29
CA ARG E 132 -20.88 -10.95 43.16
C ARG E 132 -21.01 -11.46 44.60
N ASN E 133 -19.93 -12.08 45.10
CA ASN E 133 -19.86 -12.64 46.46
C ASN E 133 -20.94 -13.69 46.71
N GLY E 134 -21.24 -14.49 45.69
CA GLY E 134 -22.23 -15.56 45.78
C GLY E 134 -23.67 -15.11 45.81
N GLY E 135 -23.96 -13.96 45.19
CA GLY E 135 -25.31 -13.41 45.15
C GLY E 135 -25.68 -12.78 43.82
N ASN E 136 -26.96 -12.84 43.48
CA ASN E 136 -27.49 -12.19 42.28
C ASN E 136 -27.13 -10.72 42.25
N SER E 137 -26.42 -10.31 41.20
CA SER E 137 -25.99 -8.94 41.08
C SER E 137 -26.21 -8.41 39.65
N PHE E 138 -25.54 -7.32 39.33
CA PHE E 138 -25.68 -6.67 38.04
C PHE E 138 -24.43 -5.88 37.69
N TYR E 139 -24.37 -5.39 36.46
CA TYR E 139 -23.30 -4.52 35.99
C TYR E 139 -23.11 -3.33 36.91
N ALA E 140 -21.88 -3.11 37.35
CA ALA E 140 -21.57 -2.07 38.35
C ALA E 140 -21.92 -0.65 37.89
N GLU E 141 -21.83 -0.39 36.59
CA GLU E 141 -22.02 0.96 36.05
C GLU E 141 -23.43 1.20 35.50
N LEU E 142 -24.32 0.24 35.73
CA LEU E 142 -25.66 0.32 35.18
C LEU E 142 -26.71 -0.08 36.20
N LYS E 143 -27.95 0.32 35.93
CA LYS E 143 -29.09 -0.08 36.73
C LYS E 143 -30.22 -0.63 35.85
N TRP E 144 -30.75 -1.77 36.26
CA TRP E 144 -31.88 -2.42 35.60
C TRP E 144 -33.20 -1.96 36.24
N LEU E 145 -33.84 -0.97 35.61
CA LEU E 145 -35.09 -0.42 36.12
C LEU E 145 -36.26 -1.27 35.65
N VAL E 146 -37.10 -1.65 36.62
CA VAL E 146 -38.34 -2.37 36.35
C VAL E 146 -39.46 -1.76 37.18
N SER E 147 -40.71 -2.00 36.78
CA SER E 147 -41.87 -1.53 37.53
C SER E 147 -41.83 -2.04 38.96
N LYS E 148 -42.09 -1.13 39.91
CA LYS E 148 -42.12 -1.48 41.33
C LYS E 148 -43.18 -2.54 41.59
N SER E 149 -44.40 -2.25 41.14
CA SER E 149 -45.51 -3.20 41.24
C SER E 149 -45.53 -4.12 40.03
N LYS E 150 -45.37 -5.42 40.30
CA LYS E 150 -45.38 -6.46 39.27
C LYS E 150 -46.57 -6.32 38.30
N GLY E 151 -46.27 -6.19 37.01
CA GLY E 151 -47.29 -6.12 35.99
C GLY E 151 -47.81 -4.73 35.68
N GLN E 152 -47.99 -3.91 36.71
CA GLN E 152 -48.49 -2.54 36.56
C GLN E 152 -47.51 -1.69 35.75
N ASN E 153 -48.04 -0.81 34.91
CA ASN E 153 -47.25 -0.10 33.90
C ASN E 153 -46.09 0.80 34.40
N PHE E 154 -45.01 0.83 33.62
CA PHE E 154 -43.81 1.61 33.92
C PHE E 154 -44.01 3.04 33.43
N PRO E 155 -43.82 4.03 34.32
CA PRO E 155 -44.14 5.44 34.04
C PRO E 155 -43.18 6.11 33.06
N GLN E 156 -43.68 7.11 32.33
CA GLN E 156 -42.85 7.91 31.43
C GLN E 156 -41.80 8.66 32.24
N THR E 157 -40.54 8.36 31.99
CA THR E 157 -39.45 8.88 32.81
C THR E 157 -38.37 9.58 31.99
N THR E 158 -37.95 10.73 32.50
CA THR E 158 -36.90 11.54 31.90
C THR E 158 -35.67 11.55 32.81
N ASN E 159 -34.50 11.31 32.23
CA ASN E 159 -33.23 11.41 32.94
C ASN E 159 -32.21 12.11 32.05
N THR E 160 -31.57 13.15 32.57
CA THR E 160 -30.58 13.88 31.79
C THR E 160 -29.22 13.90 32.48
N TYR E 161 -28.19 13.50 31.73
CA TYR E 161 -26.83 13.66 32.18
C TYR E 161 -26.24 14.88 31.51
N ARG E 162 -25.58 15.71 32.32
CA ARG E 162 -24.94 16.92 31.82
C ARG E 162 -23.43 16.76 31.95
N ASN E 163 -22.73 16.94 30.85
CA ASN E 163 -21.28 16.87 30.85
C ASN E 163 -20.73 18.26 31.14
N THR E 164 -20.27 18.44 32.38
CA THR E 164 -19.76 19.74 32.83
C THR E 164 -18.23 19.80 32.74
N ASP E 165 -17.62 18.67 32.40
CA ASP E 165 -16.16 18.55 32.21
C ASP E 165 -15.71 19.29 30.96
N THR E 166 -14.40 19.37 30.75
CA THR E 166 -13.83 20.04 29.58
C THR E 166 -13.48 19.05 28.46
N ALA E 167 -13.86 17.79 28.64
CA ALA E 167 -13.60 16.75 27.65
C ALA E 167 -14.82 15.88 27.42
N GLU E 168 -14.90 15.29 26.22
CA GLU E 168 -16.01 14.41 25.85
C GLU E 168 -16.02 13.14 26.71
N HIS E 169 -17.21 12.74 27.12
CA HIS E 169 -17.40 11.52 27.88
C HIS E 169 -18.05 10.49 27.01
N LEU E 170 -17.92 9.22 27.39
CA LEU E 170 -18.53 8.12 26.68
C LEU E 170 -19.66 7.56 27.53
N ILE E 171 -20.88 7.68 27.04
CA ILE E 171 -22.04 7.15 27.74
C ILE E 171 -22.54 5.86 27.09
N MET E 172 -22.93 4.91 27.93
CA MET E 172 -23.48 3.63 27.50
C MET E 172 -24.81 3.38 28.21
N TRP E 173 -25.67 2.62 27.55
CA TRP E 173 -26.94 2.24 28.11
C TRP E 173 -27.34 0.95 27.42
N GLY E 174 -28.27 0.22 28.00
CA GLY E 174 -28.69 -1.04 27.43
C GLY E 174 -30.17 -1.04 27.18
N ILE E 175 -30.61 -1.92 26.29
CA ILE E 175 -32.02 -2.14 26.06
C ILE E 175 -32.28 -3.60 26.38
N HIS E 176 -33.21 -3.83 27.30
CA HIS E 176 -33.56 -5.19 27.65
C HIS E 176 -34.62 -5.74 26.71
N HIS E 177 -34.30 -6.88 26.13
CA HIS E 177 -35.23 -7.61 25.28
C HIS E 177 -35.69 -8.85 26.04
N PRO E 178 -36.97 -8.89 26.44
CA PRO E 178 -37.55 -10.06 27.13
C PRO E 178 -37.66 -11.29 26.23
N SER E 179 -37.91 -12.43 26.86
CA SER E 179 -37.99 -13.71 26.14
C SER E 179 -39.43 -14.15 25.87
N SER E 180 -40.38 -13.40 26.43
CA SER E 180 -41.80 -13.69 26.28
C SER E 180 -42.58 -12.42 26.57
N THR E 181 -43.83 -12.37 26.11
CA THR E 181 -44.71 -11.23 26.39
C THR E 181 -45.11 -11.19 27.87
N GLN E 182 -45.19 -12.37 28.49
CA GLN E 182 -45.51 -12.49 29.92
C GLN E 182 -44.45 -11.79 30.77
N GLU E 183 -43.18 -12.16 30.56
CA GLU E 183 -42.04 -11.55 31.22
C GLU E 183 -42.02 -10.03 30.98
N LYS E 184 -42.28 -9.64 29.74
CA LYS E 184 -42.36 -8.24 29.34
C LYS E 184 -43.40 -7.46 30.15
N ASN E 185 -44.55 -8.08 30.40
CA ASN E 185 -45.61 -7.44 31.19
C ASN E 185 -45.23 -7.26 32.65
N ASP E 186 -44.75 -8.33 33.29
CA ASP E 186 -44.38 -8.29 34.70
C ASP E 186 -43.37 -7.19 34.99
N LEU E 187 -42.41 -7.04 34.09
CA LEU E 187 -41.33 -6.09 34.25
C LEU E 187 -41.74 -4.65 33.91
N TYR E 188 -42.52 -4.47 32.85
CA TYR E 188 -42.78 -3.13 32.33
C TYR E 188 -44.25 -2.74 32.10
N GLY E 189 -45.15 -3.73 32.06
CA GLY E 189 -46.57 -3.47 31.79
C GLY E 189 -46.99 -3.78 30.35
N THR E 190 -48.13 -3.23 29.95
CA THR E 190 -48.73 -3.54 28.65
C THR E 190 -48.42 -2.51 27.54
N GLN E 191 -48.21 -1.26 27.92
CA GLN E 191 -47.93 -0.16 26.97
C GLN E 191 -46.79 -0.49 26.01
N SER E 192 -46.81 0.10 24.82
CA SER E 192 -45.68 -0.07 23.90
C SER E 192 -44.46 0.69 24.41
N LEU E 193 -43.29 0.07 24.25
CA LEU E 193 -42.06 0.53 24.85
C LEU E 193 -41.25 1.43 23.91
N SER E 194 -41.04 2.67 24.34
CA SER E 194 -40.27 3.64 23.57
C SER E 194 -39.12 4.24 24.38
N ILE E 195 -37.89 4.02 23.91
CA ILE E 195 -36.72 4.60 24.52
C ILE E 195 -36.05 5.55 23.53
N SER E 196 -36.26 6.84 23.77
CA SER E 196 -35.64 7.89 22.97
C SER E 196 -34.43 8.40 23.74
N VAL E 197 -33.30 8.49 23.06
CA VAL E 197 -32.07 9.01 23.64
C VAL E 197 -31.58 10.16 22.76
N GLY E 198 -31.40 11.33 23.36
CA GLY E 198 -31.00 12.50 22.58
C GLY E 198 -30.06 13.47 23.26
N SER E 199 -28.96 13.78 22.60
CA SER E 199 -28.11 14.91 22.93
C SER E 199 -28.28 15.97 21.85
N SER E 200 -27.38 16.93 21.79
CA SER E 200 -27.42 17.93 20.74
C SER E 200 -26.69 17.49 19.47
N THR E 201 -25.94 16.38 19.56
CA THR E 201 -25.17 15.84 18.43
C THR E 201 -25.53 14.37 18.13
N TYR E 202 -26.64 13.91 18.69
CA TYR E 202 -27.05 12.51 18.57
C TYR E 202 -28.50 12.38 19.01
N GLN E 203 -29.27 11.59 18.26
CA GLN E 203 -30.54 11.04 18.76
C GLN E 203 -30.90 9.71 18.09
N SER E 204 -31.78 8.97 18.77
CA SER E 204 -32.14 7.63 18.35
C SER E 204 -33.29 7.13 19.21
N ASN E 205 -33.97 6.10 18.70
CA ASN E 205 -35.01 5.43 19.44
C ASN E 205 -34.79 3.92 19.47
N PHE E 206 -35.38 3.26 20.46
CA PHE E 206 -35.23 1.83 20.63
C PHE E 206 -36.53 1.15 21.03
N VAL E 207 -36.85 0.07 20.32
CA VAL E 207 -38.00 -0.76 20.59
C VAL E 207 -37.45 -2.14 20.97
N PRO E 208 -37.80 -2.63 22.17
CA PRO E 208 -37.23 -3.84 22.77
C PRO E 208 -37.84 -5.15 22.27
N VAL E 209 -36.98 -6.03 21.76
CA VAL E 209 -37.38 -7.31 21.14
C VAL E 209 -37.96 -8.30 22.16
N VAL E 210 -39.24 -8.63 21.99
CA VAL E 210 -39.91 -9.65 22.80
C VAL E 210 -40.13 -10.92 21.98
N GLY E 211 -39.42 -11.98 22.34
CA GLY E 211 -39.51 -13.25 21.61
C GLY E 211 -38.61 -14.34 22.12
N ALA E 212 -39.07 -15.59 21.97
CA ALA E 212 -38.34 -16.76 22.48
C ALA E 212 -37.00 -16.97 21.78
N ARG E 213 -36.01 -17.41 22.56
CA ARG E 213 -34.66 -17.69 22.05
C ARG E 213 -33.90 -18.61 23.02
N PRO E 214 -32.71 -19.10 22.62
CA PRO E 214 -31.94 -20.00 23.49
C PRO E 214 -31.53 -19.38 24.80
N GLN E 215 -31.28 -20.24 25.80
CA GLN E 215 -30.75 -19.81 27.08
C GLN E 215 -29.24 -19.68 27.00
N VAL E 216 -28.73 -18.52 27.40
CA VAL E 216 -27.29 -18.29 27.52
C VAL E 216 -27.05 -17.89 28.97
N ASN E 217 -26.24 -18.67 29.68
CA ASN E 217 -26.04 -18.52 31.13
C ASN E 217 -27.35 -18.62 31.93
N GLY E 218 -28.27 -19.44 31.44
CA GLY E 218 -29.58 -19.64 32.08
C GLY E 218 -30.64 -18.61 31.71
N GLN E 219 -30.30 -17.65 30.83
CA GLN E 219 -31.21 -16.57 30.47
C GLN E 219 -31.58 -16.55 28.99
N SER E 220 -32.86 -16.42 28.71
CA SER E 220 -33.34 -16.27 27.34
C SER E 220 -33.47 -14.80 26.96
N GLY E 221 -33.73 -13.95 27.95
CA GLY E 221 -33.73 -12.51 27.76
C GLY E 221 -32.35 -12.02 27.32
N ARG E 222 -32.32 -10.83 26.73
CA ARG E 222 -31.06 -10.24 26.28
C ARG E 222 -30.95 -8.78 26.71
N ILE E 223 -29.73 -8.31 26.93
CA ILE E 223 -29.47 -6.88 27.09
C ILE E 223 -28.48 -6.41 26.04
N ASP E 224 -28.94 -5.59 25.11
CA ASP E 224 -28.06 -5.00 24.11
C ASP E 224 -27.65 -3.57 24.45
N PHE E 225 -26.34 -3.33 24.43
CA PHE E 225 -25.76 -2.04 24.78
C PHE E 225 -25.54 -1.10 23.59
N HIS E 226 -25.70 0.20 23.84
CA HIS E 226 -25.51 1.24 22.84
C HIS E 226 -24.65 2.34 23.42
N TRP E 227 -23.85 2.97 22.56
CA TRP E 227 -22.95 3.99 23.05
C TRP E 227 -22.90 5.23 22.18
N THR E 228 -22.59 6.36 22.81
CA THR E 228 -22.34 7.62 22.11
C THR E 228 -21.43 8.55 22.94
N LEU E 229 -20.83 9.52 22.27
CA LEU E 229 -19.96 10.48 22.95
C LEU E 229 -20.74 11.74 23.29
N VAL E 230 -20.52 12.27 24.49
CA VAL E 230 -21.13 13.52 24.92
C VAL E 230 -20.06 14.60 25.02
N GLN E 231 -20.20 15.65 24.23
CA GLN E 231 -19.22 16.73 24.17
C GLN E 231 -19.28 17.61 25.41
N PRO E 232 -18.15 18.24 25.77
CA PRO E 232 -18.16 19.18 26.89
C PRO E 232 -19.30 20.21 26.75
N GLY E 233 -20.01 20.43 27.84
CA GLY E 233 -21.09 21.41 27.87
C GLY E 233 -22.44 20.89 27.41
N ASP E 234 -22.44 19.72 26.79
CA ASP E 234 -23.67 19.18 26.25
C ASP E 234 -24.38 18.24 27.20
N ASN E 235 -25.71 18.24 27.11
CA ASN E 235 -26.55 17.37 27.91
C ASN E 235 -27.13 16.26 27.03
N ILE E 236 -27.33 15.08 27.60
CA ILE E 236 -28.00 13.98 26.91
C ILE E 236 -29.17 13.48 27.74
N THR E 237 -30.34 13.43 27.11
CA THR E 237 -31.60 13.12 27.79
C THR E 237 -32.08 11.73 27.43
N PHE E 238 -32.58 11.01 28.43
CA PHE E 238 -33.18 9.70 28.24
C PHE E 238 -34.67 9.83 28.52
N SER E 239 -35.46 9.75 27.46
CA SER E 239 -36.90 9.69 27.56
C SER E 239 -37.29 8.24 27.37
N HIS E 240 -37.85 7.63 28.40
CA HIS E 240 -38.07 6.18 28.43
C HIS E 240 -39.24 5.80 29.33
N ASN E 241 -39.92 4.73 28.94
CA ASN E 241 -41.11 4.23 29.63
C ASN E 241 -41.05 2.71 29.88
N GLY E 242 -39.85 2.14 29.81
CA GLY E 242 -39.63 0.72 30.11
C GLY E 242 -38.56 0.10 29.23
N GLY E 243 -37.79 -0.83 29.80
CA GLY E 243 -36.80 -1.60 29.05
C GLY E 243 -35.41 -0.98 28.97
N LEU E 244 -35.24 0.18 29.59
CA LEU E 244 -33.94 0.85 29.58
C LEU E 244 -33.07 0.34 30.72
N ILE E 245 -31.82 0.05 30.38
CA ILE E 245 -30.79 -0.21 31.37
C ILE E 245 -30.00 1.07 31.44
N ALA E 246 -30.24 1.85 32.50
CA ALA E 246 -29.73 3.20 32.60
C ALA E 246 -28.34 3.27 33.24
N PRO E 247 -27.47 4.15 32.72
CA PRO E 247 -26.14 4.31 33.29
C PRO E 247 -26.14 5.03 34.64
N SER E 248 -25.45 4.44 35.63
CA SER E 248 -25.24 5.08 36.92
C SER E 248 -23.92 5.85 36.90
N ARG E 249 -23.06 5.52 35.95
CA ARG E 249 -21.81 6.24 35.72
C ARG E 249 -21.53 6.37 34.23
N VAL E 250 -20.70 7.33 33.85
CA VAL E 250 -20.22 7.45 32.48
C VAL E 250 -18.70 7.36 32.49
N SER E 251 -18.11 7.11 31.33
CA SER E 251 -16.67 6.94 31.23
C SER E 251 -15.97 8.07 30.50
N LYS E 252 -14.70 8.26 30.80
CA LYS E 252 -13.87 9.22 30.11
C LYS E 252 -12.59 8.51 29.72
N LEU E 253 -12.24 8.55 28.45
CA LEU E 253 -11.02 7.91 27.96
C LEU E 253 -9.86 8.89 28.03
N ILE E 254 -8.78 8.46 28.68
CA ILE E 254 -7.65 9.33 28.95
C ILE E 254 -6.48 8.95 28.06
N GLY E 255 -5.88 9.93 27.40
CA GLY E 255 -4.61 9.75 26.68
C GLY E 255 -4.57 8.71 25.59
N ARG E 256 -3.36 8.25 25.28
CA ARG E 256 -3.11 7.27 24.22
C ARG E 256 -2.41 6.04 24.79
N GLY E 257 -2.77 4.86 24.28
CA GLY E 257 -2.13 3.62 24.69
C GLY E 257 -2.05 2.62 23.56
N LEU E 258 -1.22 1.59 23.74
CA LEU E 258 -1.12 0.52 22.76
C LEU E 258 -1.91 -0.71 23.18
N GLY E 259 -2.85 -1.12 22.33
CA GLY E 259 -3.68 -2.30 22.57
C GLY E 259 -3.10 -3.58 22.01
N ILE E 260 -2.96 -4.59 22.86
CA ILE E 260 -2.41 -5.90 22.49
C ILE E 260 -3.40 -7.02 22.78
N GLN E 261 -3.70 -7.83 21.77
CA GLN E 261 -4.43 -9.08 21.96
C GLN E 261 -3.42 -10.21 21.85
N SER E 262 -3.22 -10.91 22.95
CA SER E 262 -2.24 -11.98 22.99
C SER E 262 -2.54 -12.80 24.21
N ASP E 263 -2.10 -14.06 24.19
CA ASP E 263 -2.15 -14.89 25.36
C ASP E 263 -0.76 -15.32 25.84
N ALA E 264 0.26 -14.61 25.36
CA ALA E 264 1.62 -14.79 25.84
C ALA E 264 1.84 -14.11 27.20
N PRO E 265 2.58 -14.78 28.10
CA PRO E 265 2.75 -14.25 29.46
C PRO E 265 3.63 -13.00 29.52
N ILE E 266 3.32 -12.12 30.47
CA ILE E 266 4.04 -10.87 30.68
C ILE E 266 5.46 -11.10 31.21
N ASP E 267 6.42 -10.35 30.68
CA ASP E 267 7.80 -10.38 31.16
C ASP E 267 8.31 -8.95 31.34
N ASN E 268 8.50 -8.55 32.59
CA ASN E 268 8.92 -7.19 32.93
C ASN E 268 10.43 -6.95 32.85
N ASN E 269 11.16 -7.95 32.35
CA ASN E 269 12.60 -7.89 32.29
C ASN E 269 13.20 -7.84 30.88
N CYS E 270 12.33 -7.86 29.87
CA CYS E 270 12.72 -7.48 28.50
C CYS E 270 11.90 -6.29 28.01
N GLU E 271 12.53 -5.40 27.27
CA GLU E 271 11.79 -4.35 26.58
C GLU E 271 11.61 -4.71 25.12
N SER E 272 10.50 -4.26 24.56
CA SER E 272 10.20 -4.45 23.14
C SER E 272 9.29 -3.35 22.62
N LYS E 273 9.30 -3.16 21.30
CA LYS E 273 8.39 -2.21 20.67
C LYS E 273 7.37 -2.88 19.76
N CYS E 274 7.57 -4.17 19.49
CA CYS E 274 6.75 -4.92 18.53
C CYS E 274 6.15 -6.16 19.17
N PHE E 275 4.85 -6.32 18.95
CA PHE E 275 4.09 -7.38 19.60
C PHE E 275 3.18 -8.08 18.61
N TRP E 276 2.93 -9.36 18.86
CA TRP E 276 1.93 -10.10 18.10
C TRP E 276 1.26 -11.13 19.00
N ARG E 277 0.36 -11.93 18.41
CA ARG E 277 -0.40 -12.91 19.17
C ARG E 277 0.49 -13.83 19.98
N GLY E 278 1.65 -14.17 19.42
CA GLY E 278 2.54 -15.14 20.03
C GLY E 278 3.66 -14.59 20.90
N GLY E 279 3.70 -13.27 21.08
CA GLY E 279 4.70 -12.65 21.95
C GLY E 279 5.31 -11.38 21.41
N SER E 280 6.62 -11.24 21.59
CA SER E 280 7.32 -10.00 21.25
C SER E 280 8.36 -10.21 20.15
N ILE E 281 8.55 -9.18 19.33
CA ILE E 281 9.62 -9.17 18.34
C ILE E 281 10.58 -8.00 18.57
N ASN E 282 11.72 -8.29 19.19
CA ASN E 282 12.77 -7.27 19.32
C ASN E 282 14.03 -7.66 18.55
N THR E 283 14.14 -7.08 17.37
CA THR E 283 15.26 -7.34 16.50
C THR E 283 15.67 -6.01 15.91
N ARG E 284 16.93 -5.89 15.52
CA ARG E 284 17.37 -4.72 14.78
C ARG E 284 17.17 -4.89 13.26
N LEU E 285 16.75 -6.08 12.84
CA LEU E 285 16.56 -6.41 11.43
C LEU E 285 15.33 -5.70 10.84
N PRO E 286 15.40 -5.26 9.58
CA PRO E 286 14.29 -4.49 9.03
C PRO E 286 13.09 -5.34 8.61
N PHE E 287 13.28 -6.65 8.48
CA PHE E 287 12.24 -7.55 7.99
C PHE E 287 12.02 -8.70 8.94
N GLN E 288 10.88 -9.36 8.77
CA GLN E 288 10.37 -10.26 9.78
C GLN E 288 9.41 -11.22 9.08
N ASN E 289 9.48 -12.51 9.41
CA ASN E 289 8.58 -13.48 8.77
C ASN E 289 7.71 -14.30 9.72
N LEU E 290 7.53 -13.79 10.95
CA LEU E 290 6.74 -14.46 11.97
C LEU E 290 5.24 -14.27 11.78
N SER E 291 4.79 -13.03 11.57
CA SER E 291 3.36 -12.77 11.48
C SER E 291 3.01 -11.48 10.74
N PRO E 292 1.96 -11.55 9.90
CA PRO E 292 1.43 -10.34 9.27
C PRO E 292 0.68 -9.44 10.25
N ARG E 293 0.22 -9.98 11.38
CA ARG E 293 -0.53 -9.19 12.37
C ARG E 293 0.33 -8.78 13.57
N THR E 294 0.98 -7.63 13.47
CA THR E 294 1.79 -7.12 14.58
C THR E 294 1.26 -5.77 14.99
N VAL E 295 1.56 -5.34 16.22
CA VAL E 295 1.26 -3.98 16.65
C VAL E 295 2.53 -3.34 17.20
N GLY E 296 2.56 -2.00 17.20
CA GLY E 296 3.71 -1.24 17.67
C GLY E 296 4.57 -0.72 16.53
N GLN E 297 5.87 -0.65 16.78
CA GLN E 297 6.83 -0.24 15.74
C GLN E 297 7.60 -1.47 15.32
N CYS E 298 7.22 -2.00 14.17
CA CYS E 298 7.60 -3.34 13.75
C CYS E 298 8.40 -3.38 12.46
N PRO E 299 9.33 -4.36 12.35
CA PRO E 299 9.91 -4.73 11.07
C PRO E 299 8.82 -5.26 10.14
N LYS E 300 8.97 -5.03 8.85
CA LYS E 300 7.92 -5.36 7.91
C LYS E 300 7.86 -6.87 7.66
N TYR E 301 6.64 -7.39 7.57
CA TYR E 301 6.43 -8.80 7.26
C TYR E 301 6.75 -9.08 5.80
N VAL E 302 7.51 -10.16 5.57
CA VAL E 302 7.86 -10.61 4.23
C VAL E 302 7.59 -12.11 4.09
N ASN E 303 7.30 -12.58 2.88
CA ASN E 303 7.13 -14.01 2.61
C ASN E 303 8.46 -14.64 2.20
N LYS E 304 9.40 -14.69 3.14
CA LYS E 304 10.74 -15.22 2.89
C LYS E 304 11.25 -15.90 4.13
N LYS E 305 11.75 -17.12 3.97
CA LYS E 305 12.43 -17.78 5.07
C LYS E 305 13.66 -16.95 5.42
N SER E 306 14.48 -16.67 4.40
CA SER E 306 15.81 -16.12 4.59
C SER E 306 16.26 -15.20 3.46
N LEU E 307 17.02 -14.18 3.81
CA LEU E 307 17.65 -13.28 2.86
C LEU E 307 19.01 -12.84 3.35
N MET E 308 20.05 -13.31 2.66
CA MET E 308 21.42 -13.12 3.12
C MET E 308 22.08 -11.92 2.45
N LEU E 309 22.56 -11.01 3.29
CA LEU E 309 23.32 -9.85 2.85
C LEU E 309 24.80 -10.19 2.91
N ALA E 310 25.50 -10.05 1.79
CA ALA E 310 26.93 -10.32 1.71
C ALA E 310 27.70 -9.33 2.57
N THR E 311 28.57 -9.84 3.42
CA THR E 311 29.39 -8.98 4.27
C THR E 311 30.90 -9.19 3.98
N GLY E 312 31.18 -9.62 2.75
CA GLY E 312 32.53 -9.87 2.30
C GLY E 312 32.56 -10.16 0.81
N MET E 313 33.76 -10.20 0.25
CA MET E 313 33.97 -10.40 -1.21
C MET E 313 33.54 -11.79 -1.72
N ARG E 314 33.62 -11.97 -3.02
CA ARG E 314 33.52 -13.30 -3.64
C ARG E 314 34.49 -14.28 -2.99
N ASN E 315 34.02 -15.49 -2.75
CA ASN E 315 34.88 -16.55 -2.23
C ASN E 315 35.42 -17.43 -3.36
N VAL E 316 36.71 -17.27 -3.66
CA VAL E 316 37.38 -18.05 -4.70
C VAL E 316 38.44 -18.94 -4.03
N PRO E 317 38.04 -20.15 -3.59
CA PRO E 317 38.91 -21.03 -2.78
C PRO E 317 40.12 -21.58 -3.53
N GLU E 318 41.14 -21.99 -2.77
CA GLU E 318 42.41 -22.46 -3.34
C GLU E 318 42.25 -23.78 -4.11
N GLY F 1 34.16 -10.56 -12.88
CA GLY F 1 33.34 -9.45 -12.28
C GLY F 1 33.69 -8.09 -12.86
N LEU F 2 33.09 -7.06 -12.27
CA LEU F 2 33.16 -5.70 -12.82
C LEU F 2 34.57 -5.14 -13.04
N PHE F 3 35.44 -5.29 -12.05
CA PHE F 3 36.75 -4.65 -12.10
C PHE F 3 37.87 -5.61 -12.45
N GLY F 4 37.50 -6.83 -12.84
CA GLY F 4 38.42 -7.78 -13.46
C GLY F 4 39.48 -8.43 -12.58
N ALA F 5 39.44 -8.18 -11.27
CA ALA F 5 40.49 -8.66 -10.35
C ALA F 5 40.11 -9.93 -9.58
N ILE F 6 39.21 -9.79 -8.61
CA ILE F 6 38.72 -10.94 -7.85
C ILE F 6 37.90 -11.86 -8.75
N ALA F 7 38.30 -13.13 -8.83
CA ALA F 7 37.75 -14.08 -9.80
C ALA F 7 37.90 -13.51 -11.22
N GLY F 8 39.05 -12.87 -11.44
CA GLY F 8 39.39 -12.28 -12.72
C GLY F 8 40.82 -12.67 -13.04
N PHE F 9 41.70 -11.68 -13.15
CA PHE F 9 43.10 -11.95 -13.49
C PHE F 9 43.89 -12.48 -12.29
N ILE F 10 43.33 -12.30 -11.09
CA ILE F 10 43.83 -13.00 -9.92
C ILE F 10 43.09 -14.32 -9.81
N GLU F 11 43.83 -15.42 -9.84
CA GLU F 11 43.26 -16.75 -9.98
C GLU F 11 42.42 -17.21 -8.79
N ASN F 12 42.98 -17.11 -7.59
CA ASN F 12 42.26 -17.52 -6.38
C ASN F 12 42.64 -16.75 -5.11
N GLY F 13 41.77 -16.80 -4.11
CA GLY F 13 42.03 -16.21 -2.81
C GLY F 13 43.04 -17.02 -2.01
N TRP F 14 43.53 -16.42 -0.93
CA TRP F 14 44.46 -17.09 -0.04
C TRP F 14 43.79 -17.41 1.29
N GLU F 15 43.56 -18.71 1.54
CA GLU F 15 42.97 -19.15 2.81
C GLU F 15 43.92 -18.91 3.98
N GLY F 16 45.22 -18.97 3.70
CA GLY F 16 46.27 -18.73 4.69
C GLY F 16 46.28 -17.32 5.26
N MET F 17 45.66 -16.39 4.54
CA MET F 17 45.57 -15.01 4.98
C MET F 17 44.39 -14.81 5.91
N VAL F 18 44.66 -14.83 7.22
CA VAL F 18 43.61 -14.72 8.24
C VAL F 18 43.59 -13.34 8.93
N ASP F 19 44.65 -12.56 8.73
CA ASP F 19 44.80 -11.27 9.40
C ASP F 19 44.45 -10.06 8.54
N GLY F 20 43.63 -10.28 7.50
CA GLY F 20 43.26 -9.20 6.59
C GLY F 20 42.55 -9.67 5.33
N TRP F 21 42.08 -8.68 4.55
CA TRP F 21 41.29 -8.94 3.34
C TRP F 21 42.13 -8.92 2.08
N TYR F 22 43.07 -7.99 2.00
CA TYR F 22 43.97 -7.86 0.85
C TYR F 22 45.42 -7.90 1.30
N GLY F 23 46.29 -8.48 0.47
CA GLY F 23 47.67 -8.64 0.90
C GLY F 23 48.72 -8.92 -0.13
N PHE F 24 49.92 -9.21 0.37
CA PHE F 24 51.10 -9.44 -0.44
C PHE F 24 51.70 -10.80 -0.13
N ARG F 25 52.18 -11.46 -1.17
CA ARG F 25 53.11 -12.56 -1.03
C ARG F 25 54.35 -12.18 -1.83
N HIS F 26 55.52 -12.49 -1.29
CA HIS F 26 56.77 -12.18 -1.99
C HIS F 26 57.72 -13.35 -2.02
N GLN F 27 58.65 -13.31 -2.99
CA GLN F 27 59.77 -14.24 -3.02
C GLN F 27 61.01 -13.51 -3.51
N ASN F 28 62.12 -13.75 -2.81
CA ASN F 28 63.42 -13.17 -3.12
C ASN F 28 64.54 -14.11 -2.66
N ALA F 29 65.71 -13.54 -2.35
CA ALA F 29 66.85 -14.32 -1.90
C ALA F 29 66.63 -14.98 -0.52
N GLN F 30 65.90 -14.31 0.37
CA GLN F 30 65.74 -14.79 1.74
C GLN F 30 64.44 -15.58 1.97
N GLY F 31 63.87 -16.11 0.89
CA GLY F 31 62.69 -16.96 0.99
C GLY F 31 61.39 -16.27 0.65
N THR F 32 60.32 -16.64 1.35
CA THR F 32 58.98 -16.11 1.10
C THR F 32 58.36 -15.47 2.34
N GLY F 33 57.34 -14.62 2.12
CA GLY F 33 56.62 -13.94 3.19
C GLY F 33 55.25 -13.45 2.79
N GLN F 34 54.35 -13.33 3.78
CA GLN F 34 52.97 -12.96 3.54
C GLN F 34 52.49 -11.92 4.56
N ALA F 35 52.03 -10.77 4.07
CA ALA F 35 51.53 -9.72 4.93
C ALA F 35 50.25 -9.10 4.38
N ALA F 36 49.36 -8.67 5.29
CA ALA F 36 48.12 -8.00 4.90
C ALA F 36 48.32 -6.51 4.62
N ASP F 37 47.42 -5.94 3.83
CA ASP F 37 47.41 -4.50 3.58
C ASP F 37 46.28 -3.85 4.39
N TYR F 38 46.64 -2.96 5.30
CA TYR F 38 45.68 -2.36 6.23
C TYR F 38 44.65 -1.45 5.53
N LYS F 39 45.14 -0.44 4.81
CA LYS F 39 44.28 0.59 4.21
C LYS F 39 43.20 0.07 3.26
N SER F 40 43.56 -0.84 2.37
CA SER F 40 42.58 -1.43 1.44
C SER F 40 41.53 -2.25 2.20
N THR F 41 42.00 -3.02 3.19
CA THR F 41 41.13 -3.85 4.05
C THR F 41 40.11 -3.00 4.81
N GLN F 42 40.59 -1.91 5.42
CA GLN F 42 39.74 -1.00 6.17
C GLN F 42 38.70 -0.34 5.27
N ALA F 43 39.16 0.20 4.14
CA ALA F 43 38.26 0.85 3.19
C ALA F 43 37.08 -0.06 2.91
N ALA F 44 37.36 -1.33 2.64
CA ALA F 44 36.33 -2.32 2.34
C ALA F 44 35.41 -2.60 3.54
N ILE F 45 36.00 -2.85 4.70
CA ILE F 45 35.24 -3.11 5.93
C ILE F 45 34.35 -1.91 6.31
N ASP F 46 34.92 -0.71 6.25
CA ASP F 46 34.19 0.53 6.55
C ASP F 46 32.95 0.70 5.67
N GLN F 47 33.09 0.42 4.38
CA GLN F 47 31.98 0.48 3.45
C GLN F 47 30.92 -0.59 3.75
N ILE F 48 31.35 -1.76 4.22
CA ILE F 48 30.43 -2.83 4.63
C ILE F 48 29.65 -2.38 5.89
N THR F 49 30.38 -1.81 6.84
CA THR F 49 29.81 -1.33 8.09
C THR F 49 28.72 -0.27 7.81
N GLY F 50 28.98 0.58 6.82
CA GLY F 50 28.04 1.63 6.43
C GLY F 50 26.70 1.09 5.94
N LYS F 51 26.74 -0.06 5.28
CA LYS F 51 25.53 -0.71 4.75
C LYS F 51 24.73 -1.37 5.87
N LEU F 52 25.44 -2.02 6.79
CA LEU F 52 24.80 -2.65 7.95
C LEU F 52 24.16 -1.60 8.85
N ASN F 53 24.83 -0.46 9.02
CA ASN F 53 24.26 0.69 9.73
C ASN F 53 22.94 1.17 9.11
N ARG F 54 22.92 1.29 7.78
CA ARG F 54 21.70 1.58 7.04
C ARG F 54 20.62 0.54 7.26
N LEU F 55 21.03 -0.72 7.28
CA LEU F 55 20.13 -1.86 7.45
C LEU F 55 19.38 -1.84 8.77
N ILE F 56 19.99 -1.26 9.80
CA ILE F 56 19.42 -1.35 11.16
C ILE F 56 18.78 -0.07 11.72
N GLU F 57 18.70 0.99 10.91
CA GLU F 57 18.07 2.25 11.34
C GLU F 57 16.54 2.11 11.37
N LYS F 58 15.94 2.50 12.49
CA LYS F 58 14.57 2.14 12.79
C LYS F 58 13.54 3.23 12.48
N THR F 59 12.61 2.90 11.58
CA THR F 59 11.41 3.73 11.40
C THR F 59 10.50 3.56 12.61
N ASN F 60 10.06 4.69 13.15
CA ASN F 60 9.27 4.71 14.37
C ASN F 60 7.75 4.75 14.15
N THR F 61 7.26 4.33 12.98
CA THR F 61 5.82 4.34 12.79
C THR F 61 5.16 3.30 13.69
N GLU F 62 4.30 3.81 14.57
CA GLU F 62 3.54 3.02 15.50
C GLU F 62 2.24 2.62 14.81
N PHE F 63 2.00 1.32 14.67
CA PHE F 63 0.77 0.78 14.10
C PHE F 63 -0.13 0.19 15.18
N GLU F 64 -1.44 0.32 15.00
CA GLU F 64 -2.41 -0.31 15.88
C GLU F 64 -2.94 -1.55 15.19
N SER F 65 -3.75 -2.32 15.92
CA SER F 65 -4.41 -3.46 15.32
C SER F 65 -5.65 -3.01 14.58
N ILE F 66 -5.89 -3.60 13.42
CA ILE F 66 -7.13 -3.39 12.70
C ILE F 66 -7.83 -4.74 12.48
N GLU F 67 -7.30 -5.78 13.10
CA GLU F 67 -7.81 -7.15 12.97
C GLU F 67 -7.84 -7.82 14.34
N SER F 68 -9.05 -8.05 14.87
CA SER F 68 -9.20 -8.75 16.14
C SER F 68 -8.71 -10.21 16.07
N GLU F 69 -7.91 -10.62 17.05
CA GLU F 69 -7.44 -12.02 17.13
C GLU F 69 -8.49 -12.91 17.75
N PHE F 70 -9.45 -12.31 18.46
CA PHE F 70 -10.31 -13.06 19.35
C PHE F 70 -11.81 -12.98 19.04
N SER F 71 -12.17 -12.19 18.04
CA SER F 71 -13.57 -12.08 17.64
C SER F 71 -13.71 -11.89 16.15
N GLU F 72 -14.88 -12.24 15.63
CA GLU F 72 -15.13 -12.24 14.19
C GLU F 72 -15.24 -10.82 13.65
N ILE F 73 -14.53 -10.59 12.55
CA ILE F 73 -14.52 -9.32 11.83
C ILE F 73 -15.57 -9.42 10.73
N GLU F 74 -16.35 -8.35 10.53
CA GLU F 74 -17.37 -8.36 9.48
C GLU F 74 -16.71 -8.72 8.13
N HIS F 75 -17.37 -9.58 7.37
CA HIS F 75 -16.76 -10.23 6.21
C HIS F 75 -16.22 -9.28 5.13
N GLN F 76 -17.03 -8.30 4.71
CA GLN F 76 -16.60 -7.34 3.69
C GLN F 76 -15.34 -6.55 4.07
N ILE F 77 -15.39 -5.89 5.23
CA ILE F 77 -14.24 -5.12 5.70
C ILE F 77 -13.04 -6.04 5.94
N GLY F 78 -13.30 -7.27 6.38
CA GLY F 78 -12.27 -8.28 6.56
C GLY F 78 -11.60 -8.64 5.25
N ASN F 79 -12.36 -8.65 4.17
CA ASN F 79 -11.80 -8.93 2.87
C ASN F 79 -10.97 -7.78 2.31
N VAL F 80 -11.42 -6.55 2.55
CA VAL F 80 -10.66 -5.37 2.17
C VAL F 80 -9.33 -5.33 2.92
N ILE F 81 -9.40 -5.49 4.24
CA ILE F 81 -8.20 -5.57 5.08
C ILE F 81 -7.19 -6.61 4.59
N ASN F 82 -7.67 -7.81 4.28
CA ASN F 82 -6.84 -8.91 3.75
C ASN F 82 -6.21 -8.58 2.39
N TRP F 83 -6.98 -7.92 1.53
CA TRP F 83 -6.49 -7.55 0.21
C TRP F 83 -5.34 -6.58 0.37
N THR F 84 -5.58 -5.57 1.20
CA THR F 84 -4.62 -4.54 1.54
C THR F 84 -3.34 -5.09 2.20
N LYS F 85 -3.50 -5.86 3.27
CA LYS F 85 -2.33 -6.48 3.94
C LYS F 85 -1.48 -7.33 3.01
N ASP F 86 -2.12 -8.15 2.18
CA ASP F 86 -1.39 -8.96 1.20
C ASP F 86 -0.70 -8.09 0.14
N SER F 87 -1.38 -7.06 -0.32
CA SER F 87 -0.76 -6.13 -1.26
C SER F 87 0.52 -5.52 -0.67
N ILE F 88 0.44 -5.06 0.57
CA ILE F 88 1.59 -4.46 1.26
C ILE F 88 2.72 -5.46 1.44
N THR F 89 2.35 -6.70 1.79
CA THR F 89 3.33 -7.76 1.99
C THR F 89 4.06 -8.08 0.69
N ASP F 90 3.33 -8.13 -0.42
CA ASP F 90 3.95 -8.35 -1.74
C ASP F 90 4.94 -7.26 -2.09
N ILE F 91 4.61 -6.02 -1.72
CA ILE F 91 5.50 -4.89 -1.96
C ILE F 91 6.80 -5.04 -1.15
N TRP F 92 6.66 -5.32 0.14
CA TRP F 92 7.81 -5.44 1.04
C TRP F 92 8.70 -6.63 0.73
N THR F 93 8.07 -7.77 0.45
CA THR F 93 8.79 -8.97 0.00
C THR F 93 9.62 -8.60 -1.22
N TYR F 94 8.98 -7.94 -2.17
CA TYR F 94 9.64 -7.50 -3.39
C TYR F 94 10.77 -6.50 -3.10
N GLN F 95 10.51 -5.55 -2.20
CA GLN F 95 11.52 -4.59 -1.78
C GLN F 95 12.73 -5.26 -1.14
N ALA F 96 12.48 -6.17 -0.22
CA ALA F 96 13.54 -6.85 0.50
C ALA F 96 14.45 -7.62 -0.47
N GLU F 97 13.84 -8.36 -1.39
CA GLU F 97 14.58 -9.16 -2.36
C GLU F 97 15.45 -8.34 -3.29
N LEU F 98 14.92 -7.20 -3.74
CA LEU F 98 15.66 -6.29 -4.60
C LEU F 98 16.77 -5.56 -3.83
N LEU F 99 16.48 -5.15 -2.60
CA LEU F 99 17.46 -4.46 -1.79
C LEU F 99 18.73 -5.32 -1.66
N VAL F 100 18.55 -6.57 -1.26
CA VAL F 100 19.66 -7.45 -0.95
C VAL F 100 20.41 -7.89 -2.22
N ALA F 101 19.66 -8.21 -3.27
CA ALA F 101 20.27 -8.56 -4.56
C ALA F 101 21.13 -7.43 -5.10
N MET F 102 20.64 -6.19 -5.01
CA MET F 102 21.42 -5.04 -5.44
C MET F 102 22.64 -4.80 -4.54
N GLU F 103 22.38 -4.77 -3.22
CA GLU F 103 23.43 -4.56 -2.23
C GLU F 103 24.57 -5.57 -2.39
N ASN F 104 24.22 -6.84 -2.55
CA ASN F 104 25.20 -7.88 -2.73
C ASN F 104 26.03 -7.69 -3.99
N GLN F 105 25.37 -7.29 -5.07
CA GLN F 105 26.03 -6.98 -6.33
C GLN F 105 27.02 -5.83 -6.12
N HIS F 106 26.63 -4.87 -5.28
CA HIS F 106 27.48 -3.73 -5.00
C HIS F 106 28.70 -4.09 -4.13
N THR F 107 28.49 -4.77 -3.01
CA THR F 107 29.62 -5.13 -2.12
C THR F 107 30.68 -6.01 -2.81
N ILE F 108 30.22 -6.95 -3.63
CA ILE F 108 31.09 -7.78 -4.45
C ILE F 108 31.95 -6.94 -5.41
N ASP F 109 31.33 -5.98 -6.09
CA ASP F 109 32.06 -5.12 -7.03
C ASP F 109 32.92 -4.06 -6.34
N MET F 110 32.48 -3.59 -5.17
CA MET F 110 33.27 -2.67 -4.36
C MET F 110 34.56 -3.34 -3.87
N ALA F 111 34.43 -4.59 -3.43
CA ALA F 111 35.56 -5.37 -2.96
C ALA F 111 36.55 -5.62 -4.10
N ASP F 112 36.00 -5.97 -5.26
CA ASP F 112 36.77 -6.20 -6.48
C ASP F 112 37.58 -4.95 -6.84
N SER F 113 36.95 -3.78 -6.73
CA SER F 113 37.60 -2.50 -7.02
C SER F 113 38.73 -2.14 -6.06
N GLU F 114 38.58 -2.53 -4.79
CA GLU F 114 39.60 -2.25 -3.78
C GLU F 114 40.85 -3.11 -4.00
N MET F 115 40.63 -4.30 -4.56
CA MET F 115 41.73 -5.13 -5.01
C MET F 115 42.45 -4.44 -6.17
N LEU F 116 41.66 -3.96 -7.15
CA LEU F 116 42.21 -3.28 -8.33
C LEU F 116 42.90 -1.96 -7.97
N ASN F 117 42.36 -1.25 -6.98
CA ASN F 117 42.97 0.00 -6.52
C ASN F 117 44.32 -0.21 -5.85
N LEU F 118 44.43 -1.29 -5.09
CA LEU F 118 45.68 -1.67 -4.44
C LEU F 118 46.71 -2.08 -5.48
N TYR F 119 46.27 -2.87 -6.45
CA TYR F 119 47.11 -3.33 -7.55
C TYR F 119 47.64 -2.16 -8.37
N GLU F 120 46.77 -1.21 -8.71
CA GLU F 120 47.15 -0.04 -9.48
C GLU F 120 48.10 0.89 -8.73
N ARG F 121 47.93 0.99 -7.42
CA ARG F 121 48.79 1.81 -6.57
C ARG F 121 50.22 1.27 -6.62
N VAL F 122 50.34 -0.05 -6.47
CA VAL F 122 51.63 -0.72 -6.45
C VAL F 122 52.30 -0.68 -7.83
N ARG F 123 51.49 -0.78 -8.88
CA ARG F 123 51.98 -0.69 -10.27
C ARG F 123 52.71 0.64 -10.49
N LYS F 124 52.09 1.73 -10.03
CA LYS F 124 52.69 3.07 -10.15
C LYS F 124 53.87 3.21 -9.21
N GLN F 125 53.76 2.61 -8.02
CA GLN F 125 54.84 2.54 -7.04
C GLN F 125 56.14 2.05 -7.68
N LEU F 126 56.04 0.95 -8.41
CA LEU F 126 57.21 0.32 -9.03
C LEU F 126 57.68 1.02 -10.30
N ARG F 127 56.80 1.84 -10.89
CA ARG F 127 57.10 2.58 -12.11
C ARG F 127 57.74 1.69 -13.19
N GLN F 128 58.98 2.01 -13.59
CA GLN F 128 59.65 1.27 -14.66
C GLN F 128 60.57 0.17 -14.16
N ASN F 129 60.49 -0.15 -12.87
CA ASN F 129 61.40 -1.11 -12.24
C ASN F 129 60.88 -2.56 -12.23
N ALA F 130 59.67 -2.76 -12.71
CA ALA F 130 59.02 -4.07 -12.69
C ALA F 130 58.00 -4.21 -13.82
N GLU F 131 57.61 -5.46 -14.09
CA GLU F 131 56.64 -5.78 -15.13
C GLU F 131 55.54 -6.70 -14.62
N GLU F 132 54.36 -6.55 -15.19
CA GLU F 132 53.21 -7.37 -14.83
C GLU F 132 53.31 -8.76 -15.44
N ASP F 133 52.88 -9.77 -14.69
CA ASP F 133 52.88 -11.15 -15.19
C ASP F 133 51.49 -11.64 -15.64
N GLY F 134 50.49 -10.79 -15.43
CA GLY F 134 49.13 -11.10 -15.85
C GLY F 134 48.31 -11.84 -14.81
N LYS F 135 48.95 -12.27 -13.73
CA LYS F 135 48.29 -13.10 -12.71
C LYS F 135 48.23 -12.43 -11.34
N GLY F 136 48.47 -11.12 -11.30
CA GLY F 136 48.45 -10.37 -10.06
C GLY F 136 49.80 -10.29 -9.36
N CYS F 137 50.87 -10.64 -10.08
CA CYS F 137 52.23 -10.49 -9.56
C CYS F 137 53.04 -9.50 -10.40
N PHE F 138 54.07 -8.93 -9.79
CA PHE F 138 54.99 -8.05 -10.49
C PHE F 138 56.40 -8.64 -10.44
N GLU F 139 57.01 -8.80 -11.60
CA GLU F 139 58.39 -9.29 -11.67
C GLU F 139 59.34 -8.10 -11.60
N ILE F 140 60.09 -8.03 -10.50
CA ILE F 140 60.99 -6.91 -10.20
C ILE F 140 62.38 -7.17 -10.77
N TYR F 141 62.82 -6.29 -11.68
CA TYR F 141 64.06 -6.50 -12.41
C TYR F 141 65.32 -5.96 -11.71
N HIS F 142 65.39 -6.19 -10.41
CA HIS F 142 66.59 -5.92 -9.61
C HIS F 142 66.53 -6.70 -8.31
N ALA F 143 67.64 -6.74 -7.58
CA ALA F 143 67.67 -7.37 -6.27
C ALA F 143 66.80 -6.58 -5.29
N CYS F 144 65.69 -7.18 -4.86
CA CYS F 144 64.77 -6.55 -3.93
C CYS F 144 64.66 -7.42 -2.67
N ASP F 145 65.38 -7.02 -1.61
CA ASP F 145 65.42 -7.78 -0.35
C ASP F 145 64.21 -7.49 0.55
N ASP F 146 64.19 -8.08 1.75
CA ASP F 146 63.06 -7.96 2.69
C ASP F 146 62.76 -6.52 3.11
N SER F 147 63.80 -5.70 3.21
CA SER F 147 63.67 -4.27 3.48
C SER F 147 63.04 -3.54 2.28
N CYS F 148 63.37 -4.02 1.08
CA CYS F 148 62.83 -3.48 -0.17
C CYS F 148 61.34 -3.85 -0.36
N MET F 149 60.97 -5.08 0.02
CA MET F 149 59.60 -5.56 -0.09
C MET F 149 58.67 -4.79 0.86
N GLU F 150 59.15 -4.63 2.09
CA GLU F 150 58.45 -3.91 3.14
C GLU F 150 58.11 -2.48 2.71
N SER F 151 59.05 -1.85 1.99
CA SER F 151 58.87 -0.46 1.52
C SER F 151 57.81 -0.35 0.43
N ILE F 152 57.56 -1.44 -0.28
CA ILE F 152 56.48 -1.50 -1.26
C ILE F 152 55.17 -1.63 -0.51
N ARG F 153 55.17 -2.51 0.50
CA ARG F 153 54.01 -2.73 1.36
C ARG F 153 53.64 -1.49 2.16
N ASN F 154 54.66 -0.76 2.62
CA ASN F 154 54.48 0.44 3.43
C ASN F 154 54.24 1.70 2.59
N ASN F 155 54.34 1.54 1.26
CA ASN F 155 54.16 2.66 0.32
C ASN F 155 55.26 3.72 0.40
N THR F 156 56.49 3.27 0.67
CA THR F 156 57.65 4.17 0.76
C THR F 156 58.76 3.76 -0.20
N TYR F 157 58.40 2.97 -1.22
CA TYR F 157 59.34 2.51 -2.23
C TYR F 157 59.73 3.63 -3.19
N ASP F 158 61.02 3.99 -3.18
CA ASP F 158 61.56 4.94 -4.15
C ASP F 158 62.14 4.20 -5.36
N HIS F 159 61.67 4.56 -6.54
CA HIS F 159 62.03 3.84 -7.77
C HIS F 159 63.35 4.32 -8.37
N SER F 160 63.69 5.59 -8.10
CA SER F 160 64.93 6.20 -8.60
C SER F 160 66.16 5.45 -8.12
N GLN F 161 66.03 4.83 -6.94
CA GLN F 161 67.13 4.10 -6.31
C GLN F 161 67.56 2.85 -7.10
N TYR F 162 66.59 2.17 -7.71
CA TYR F 162 66.88 0.94 -8.42
C TYR F 162 66.73 1.05 -9.94
N ARG F 163 66.34 2.23 -10.42
CA ARG F 163 66.04 2.42 -11.85
C ARG F 163 67.13 1.93 -12.80
N GLU F 164 68.37 2.29 -12.51
CA GLU F 164 69.52 1.90 -13.34
C GLU F 164 69.73 0.38 -13.42
N GLU F 165 69.73 -0.29 -12.26
CA GLU F 165 69.87 -1.75 -12.21
C GLU F 165 68.69 -2.44 -12.89
N ALA F 166 67.49 -1.89 -12.67
CA ALA F 166 66.26 -2.46 -13.21
C ALA F 166 66.19 -2.41 -14.72
N LEU F 167 66.43 -1.22 -15.29
CA LEU F 167 66.38 -1.04 -16.74
C LEU F 167 67.39 -1.91 -17.50
N LEU F 168 68.57 -2.11 -16.91
CA LEU F 168 69.59 -2.97 -17.51
C LEU F 168 69.15 -4.43 -17.58
N ASN F 169 68.52 -4.92 -16.52
CA ASN F 169 67.99 -6.29 -16.51
C ASN F 169 66.80 -6.44 -17.44
N ARG F 170 66.07 -5.35 -17.66
CA ARG F 170 64.89 -5.34 -18.52
C ARG F 170 65.25 -5.42 -19.99
N LEU F 171 66.40 -4.84 -20.36
CA LEU F 171 66.90 -4.92 -21.72
C LEU F 171 67.76 -6.18 -21.92
N ASN F 172 68.63 -6.46 -20.94
CA ASN F 172 69.35 -7.74 -20.79
C ASN F 172 70.68 -7.62 -20.04
C1 NAG G . -56.95 -8.82 -11.15
C2 NAG G . -55.99 -9.91 -10.63
C3 NAG G . -54.59 -9.37 -10.35
C4 NAG G . -54.10 -8.48 -11.50
C5 NAG G . -55.18 -7.47 -11.93
C6 NAG G . -54.70 -6.62 -13.11
C7 NAG G . -56.90 -11.77 -9.35
C8 NAG G . -57.49 -12.23 -8.04
N2 NAG G . -56.56 -10.48 -9.42
O1 NAG G . -58.15 -9.42 -11.54
O3 NAG G . -53.67 -10.44 -10.19
O4 NAG G . -52.94 -7.80 -11.09
O5 NAG G . -56.38 -8.15 -12.25
O6 NAG G . -55.11 -7.19 -14.34
O7 NAG G . -56.76 -12.56 -10.28
C1 GAL G . -53.14 -10.53 -8.85
C2 GAL G . -51.92 -11.48 -8.81
C3 GAL G . -51.32 -11.58 -7.41
C4 GAL G . -51.17 -10.19 -6.78
C5 GAL G . -52.45 -9.39 -6.91
C6 GAL G . -52.34 -7.99 -6.32
O2 GAL G . -52.28 -12.77 -9.26
O3 GAL G . -50.01 -12.11 -7.52
O4 GAL G . -50.10 -9.51 -7.41
O5 GAL G . -52.79 -9.29 -8.29
O6 GAL G . -53.62 -7.42 -6.26
C1 SIA G . -48.47 -13.86 -7.68
C2 SIA G . -49.77 -13.43 -6.99
C3 SIA G . -50.64 -14.66 -6.70
C4 SIA G . -50.02 -15.54 -5.61
C5 SIA G . -49.80 -14.74 -4.33
C6 SIA G . -49.04 -13.44 -4.61
C7 SIA G . -49.09 -12.52 -3.38
C8 SIA G . -48.47 -11.15 -3.59
C9 SIA G . -48.08 -10.58 -2.24
C10 SIA G . -49.52 -15.64 -2.06
C11 SIA G . -48.69 -16.50 -1.16
N5 SIA G . -49.10 -15.54 -3.33
O1A SIA G . -47.37 -13.46 -7.25
O1B SIA G . -48.52 -14.57 -8.72
O4 SIA G . -50.85 -16.66 -5.32
O6 SIA G . -49.53 -12.73 -5.75
O7 SIA G . -50.44 -12.33 -2.96
O8 SIA G . -47.30 -11.23 -4.41
O9 SIA G . -47.49 -9.29 -2.39
O10 SIA G . -50.51 -15.06 -1.63
C1 NAG H . -14.19 3.82 -7.93
C2 NAG H . -15.42 4.68 -8.15
C3 NAG H . -16.31 4.03 -9.22
C4 NAG H . -15.52 3.86 -10.51
C5 NAG H . -14.28 3.03 -10.19
C6 NAG H . -13.38 2.81 -11.41
C7 NAG H . -16.32 5.98 -6.21
C8 NAG H . -15.61 7.31 -6.49
N2 NAG H . -16.19 4.87 -6.94
O3 NAG H . -17.47 4.78 -9.44
O4 NAG H . -16.30 3.23 -11.48
O5 NAG H . -13.53 3.67 -9.17
O6 NAG H . -12.75 4.01 -11.78
O7 NAG H . -17.05 5.86 -5.23
C1 NAG H . -16.39 4.03 -12.68
C2 NAG H . -16.78 3.16 -13.87
C3 NAG H . -17.07 3.97 -15.14
C4 NAG H . -17.78 5.29 -14.88
C5 NAG H . -17.27 5.98 -13.62
C6 NAG H . -18.11 7.20 -13.26
C7 NAG H . -15.79 0.94 -13.84
C8 NAG H . -14.63 0.09 -14.25
N2 NAG H . -15.73 2.22 -14.19
O3 NAG H . -17.88 3.21 -16.00
O4 NAG H . -17.53 6.12 -16.00
O5 NAG H . -17.31 5.08 -12.53
O6 NAG H . -17.26 8.21 -12.77
O7 NAG H . -16.73 0.45 -13.21
C1 BMA H . -18.70 6.32 -16.81
C2 BMA H . -18.64 7.76 -17.31
C3 BMA H . -19.66 8.04 -18.42
C4 BMA H . -19.72 6.94 -19.47
C5 BMA H . -19.85 5.58 -18.79
C6 BMA H . -19.86 4.45 -19.82
O2 BMA H . -17.30 8.06 -17.77
O3 BMA H . -19.40 9.31 -19.05
O4 BMA H . -20.85 7.16 -20.33
O5 BMA H . -18.77 5.38 -17.88
O6 BMA H . -19.87 3.23 -19.10
C1 MAN H . -19.99 10.36 -18.24
C2 MAN H . -21.52 10.40 -18.42
C3 MAN H . -22.09 11.52 -19.33
C4 MAN H . -21.14 12.70 -19.57
C5 MAN H . -19.67 12.25 -19.63
C6 MAN H . -18.70 13.41 -19.82
O2 MAN H . -22.10 10.46 -17.13
O3 MAN H . -23.29 11.99 -18.78
O4 MAN H . -21.50 13.33 -20.79
O5 MAN H . -19.35 11.62 -18.42
O6 MAN H . -17.79 13.08 -20.84
C1 MAN H . -19.59 2.14 -20.01
C2 MAN H . -19.97 0.83 -19.34
C3 MAN H . -18.96 0.50 -18.22
C4 MAN H . -17.52 0.57 -18.72
C5 MAN H . -17.24 1.84 -19.54
C6 MAN H . -15.92 1.75 -20.32
O2 MAN H . -20.01 -0.20 -20.30
O3 MAN H . -19.24 -0.76 -17.64
O4 MAN H . -16.67 0.49 -17.59
O5 MAN H . -18.26 2.10 -20.49
O6 MAN H . -14.84 1.43 -19.47
C1 NAG I . -43.99 4.66 -13.52
C2 NAG I . -44.23 3.23 -13.99
C3 NAG I . -44.34 3.22 -15.52
C4 NAG I . -45.51 4.12 -15.94
C5 NAG I . -45.34 5.50 -15.30
C6 NAG I . -46.56 6.38 -15.53
C7 NAG I . -42.19 1.70 -13.67
C8 NAG I . -41.53 1.99 -15.00
N2 NAG I . -43.34 2.26 -13.34
O3 NAG I . -44.51 1.91 -16.01
O4 NAG I . -45.63 4.23 -17.36
O5 NAG I . -45.11 5.42 -13.89
O6 NAG I . -47.65 5.85 -14.80
O7 NAG I . -41.64 0.92 -12.91
C1 NAG I . -46.64 3.33 -17.88
C2 NAG I . -47.80 4.08 -18.55
C3 NAG I . -48.11 3.63 -19.99
C4 NAG I . -47.96 2.13 -20.25
C5 NAG I . -47.05 1.44 -19.24
C6 NAG I . -46.33 0.25 -19.89
C7 NAG I . -49.85 4.97 -17.52
C8 NAG I . -51.07 4.64 -16.70
N2 NAG I . -49.02 3.95 -17.77
O3 NAG I . -47.27 4.34 -20.88
O4 NAG I . -49.22 1.49 -20.25
O5 NAG I . -46.09 2.37 -18.76
O6 NAG I . -45.81 -0.57 -18.88
O7 NAG I . -49.67 6.11 -17.92
C1 NAG J . -6.46 8.47 12.59
C2 NAG J . -7.26 8.58 13.89
C3 NAG J . -7.60 10.04 14.18
C4 NAG J . -6.35 10.93 14.13
C5 NAG J . -5.69 10.73 12.77
C6 NAG J . -4.41 11.54 12.58
C7 NAG J . -8.77 6.75 14.59
C8 NAG J . -10.13 6.16 14.36
N2 NAG J . -8.49 7.82 13.84
O3 NAG J . -8.22 10.16 15.42
O4 NAG J . -6.75 12.26 14.33
O5 NAG J . -5.36 9.36 12.58
O6 NAG J . -3.45 11.13 13.51
O7 NAG J . -8.02 6.22 15.41
C1 NAG J . -6.00 12.91 15.37
C2 NAG J . -6.06 14.43 15.20
C3 NAG J . -5.39 15.17 16.35
C4 NAG J . -5.75 14.61 17.73
C5 NAG J . -5.66 13.08 17.69
C6 NAG J . -6.09 12.43 18.99
C7 NAG J . -6.17 15.16 12.88
C8 NAG J . -5.38 15.56 11.66
N2 NAG J . -5.45 14.83 13.95
O3 NAG J . -5.76 16.54 16.31
O4 NAG J . -4.86 15.13 18.69
O5 NAG J . -6.47 12.58 16.65
O6 NAG J . -5.29 11.29 19.22
O7 NAG J . -7.39 15.14 12.85
C1 BMA J . -5.50 16.06 19.59
C2 BMA J . -4.88 15.85 20.97
C3 BMA J . -5.33 16.89 22.00
C4 BMA J . -5.45 18.31 21.43
C5 BMA J . -5.97 18.39 19.99
C6 BMA J . -5.67 19.76 19.41
O2 BMA J . -3.46 15.87 20.86
O3 BMA J . -4.36 16.92 23.05
O4 BMA J . -6.33 19.07 22.27
O5 BMA J . -5.35 17.41 19.16
O6 BMA J . -6.60 20.07 18.36
C1 MAN J . -4.82 16.21 24.22
C2 MAN J . -4.79 17.13 25.46
C3 MAN J . -5.01 16.35 26.76
C4 MAN J . -4.01 15.20 26.86
C5 MAN J . -3.20 15.09 25.56
C6 MAN J . -2.25 13.90 25.55
O2 MAN J . -5.73 18.17 25.34
O3 MAN J . -6.31 15.82 26.82
O4 MAN J . -3.16 15.42 27.96
O5 MAN J . -4.08 15.02 24.44
O6 MAN J . -0.93 14.38 25.39
C1 MAN J . -5.95 20.44 17.13
C2 MAN J . -6.91 20.09 15.99
C3 MAN J . -6.24 19.46 14.76
C4 MAN J . -4.80 19.93 14.48
C5 MAN J . -3.96 20.23 15.73
C6 MAN J . -3.46 21.67 15.76
O2 MAN J . -7.64 21.24 15.60
O3 MAN J . -7.03 19.71 13.62
O4 MAN J . -4.14 18.93 13.73
O5 MAN J . -4.65 19.90 16.94
O6 MAN J . -2.34 21.81 14.91
C1 GAL K . -36.04 -18.33 37.05
C2 GAL K . -34.92 -17.29 36.89
C3 GAL K . -35.43 -15.89 36.54
C4 GAL K . -36.53 -15.95 35.49
C5 GAL K . -37.58 -17.01 35.86
C6 GAL K . -38.76 -17.07 34.90
O2 GAL K . -34.20 -17.22 38.11
O3 GAL K . -34.38 -15.08 36.05
O4 GAL K . -35.97 -16.25 34.24
O5 GAL K . -36.94 -18.27 35.95
O6 GAL K . -38.36 -17.59 33.66
C1 SIA K . -32.34 -14.04 36.85
C2 SIA K . -33.85 -14.11 37.00
C3 SIA K . -34.26 -13.49 38.34
C4 SIA K . -34.10 -11.97 38.34
C5 SIA K . -34.90 -11.35 37.20
C6 SIA K . -34.50 -12.00 35.87
C7 SIA K . -35.42 -11.54 34.74
C8 SIA K . -34.93 -11.96 33.36
C9 SIA K . -35.41 -10.97 32.31
C10 SIA K . -35.63 -9.01 36.94
C11 SIA K . -35.15 -7.59 36.89
N5 SIA K . -34.65 -9.91 37.12
O1A SIA K . -31.61 -14.41 37.82
O1B SIA K . -31.84 -13.64 35.78
O4 SIA K . -34.53 -11.42 39.59
O6 SIA K . -34.53 -13.44 35.91
O7 SIA K . -36.74 -12.05 34.98
O8 SIA K . -33.50 -12.02 33.33
O9 SIA K . -34.99 -11.41 31.02
O10 SIA K . -36.81 -9.29 36.84
C1 NAG L . -8.62 -12.87 6.12
C2 NAG L . -9.88 -13.72 6.11
C3 NAG L . -9.91 -14.68 7.32
C4 NAG L . -8.59 -15.44 7.45
C5 NAG L . -7.48 -14.39 7.52
C6 NAG L . -6.10 -14.99 7.77
C7 NAG L . -12.06 -12.99 5.25
C8 NAG L . -13.22 -12.08 5.47
N2 NAG L . -11.08 -12.89 6.14
O3 NAG L . -10.97 -15.59 7.21
O4 NAG L . -8.62 -16.23 8.62
O5 NAG L . -7.48 -13.69 6.30
O6 NAG L . -5.69 -15.69 6.61
O7 NAG L . -12.04 -13.76 4.29
C1 NAG L . -8.29 -17.61 8.36
C2 NAG L . -7.91 -18.22 9.71
C3 NAG L . -7.93 -19.76 9.79
C4 NAG L . -8.86 -20.47 8.80
C5 NAG L . -9.03 -19.67 7.50
C6 NAG L . -10.12 -20.26 6.60
C7 NAG L . -6.40 -16.85 11.01
C8 NAG L . -4.98 -16.47 11.31
N2 NAG L . -6.58 -17.76 10.06
O3 NAG L . -8.35 -20.12 11.08
O4 NAG L . -8.29 -21.73 8.50
O5 NAG L . -9.36 -18.33 7.79
O6 NAG L . -9.98 -19.76 5.29
O7 NAG L . -7.34 -16.33 11.63
C1 BMA L . -8.79 -22.84 9.28
C2 BMA L . -8.80 -24.05 8.32
C3 BMA L . -8.74 -25.41 9.03
C4 BMA L . -7.54 -25.38 9.98
C5 BMA L . -7.83 -24.34 11.08
C6 BMA L . -6.66 -24.28 12.08
O2 BMA L . -7.70 -23.95 7.41
O3 BMA L . -8.68 -26.49 8.07
O4 BMA L . -7.27 -26.68 10.53
O5 BMA L . -8.05 -23.01 10.52
O6 BMA L . -7.05 -23.60 13.29
C1 MAN L . -9.92 -26.57 7.31
C2 MAN L . -10.49 -28.00 7.19
C3 MAN L . -11.92 -27.89 6.67
C4 MAN L . -11.96 -27.04 5.39
C5 MAN L . -10.54 -26.61 4.97
C6 MAN L . -10.53 -25.71 3.74
O2 MAN L . -10.44 -28.71 8.41
O3 MAN L . -12.76 -27.27 7.63
O4 MAN L . -12.64 -27.76 4.38
O5 MAN L . -9.86 -25.94 6.03
O6 MAN L . -9.52 -26.12 2.84
C1 NAG M . -30.37 -26.59 21.67
C2 NAG M . -29.54 -26.43 22.95
C3 NAG M . -29.32 -27.76 23.66
C4 NAG M . -30.67 -28.45 23.86
C5 NAG M . -31.26 -28.66 22.47
C6 NAG M . -32.55 -29.48 22.51
C7 NAG M . -27.98 -24.53 23.01
C8 NAG M . -26.59 -24.04 22.72
N2 NAG M . -28.25 -25.80 22.71
O3 NAG M . -28.68 -27.56 24.89
O4 NAG M . -30.51 -29.66 24.57
O5 NAG M . -31.51 -27.41 21.86
O6 NAG M . -33.53 -28.74 23.20
O7 NAG M . -28.81 -23.75 23.50
C1 NAG N . 16.87 -10.27 -29.14
C2 NAG N . 16.03 -11.36 -28.44
C3 NAG N . 16.98 -12.36 -27.80
C4 NAG N . 17.93 -12.94 -28.87
C5 NAG N . 18.48 -11.85 -29.80
C6 NAG N . 19.16 -12.42 -31.03
C7 NAG N . 13.83 -10.48 -27.98
C8 NAG N . 12.85 -9.96 -26.97
N2 NAG N . 15.03 -10.84 -27.53
O3 NAG N . 16.23 -13.38 -27.20
O4 NAG N . 19.00 -13.60 -28.24
O5 NAG N . 17.45 -10.96 -30.23
O6 NAG N . 19.70 -11.35 -31.76
O7 NAG N . 13.49 -10.57 -29.16
C1 EDO O . -11.69 -9.50 -11.67
O1 EDO O . -12.55 -8.60 -10.97
C2 EDO O . -12.53 -10.49 -12.48
O2 EDO O . -13.53 -11.06 -11.62
C1 EDO P . -2.27 -6.30 -9.57
O1 EDO P . -3.33 -5.37 -9.82
C2 EDO P . -2.71 -7.67 -10.05
O2 EDO P . -2.82 -7.68 -11.49
C1 EDO Q . -4.96 -7.33 -7.28
O1 EDO Q . -5.73 -7.95 -8.30
C2 EDO Q . -3.89 -8.32 -6.81
O2 EDO Q . -2.61 -7.70 -6.74
C1 NAG R . -12.71 0.50 -21.85
C2 NAG R . -13.71 -0.65 -21.70
C3 NAG R . -13.40 -1.80 -22.67
C4 NAG R . -12.98 -1.33 -24.07
C5 NAG R . -12.04 -0.11 -24.03
C6 NAG R . -11.75 0.44 -25.43
C7 NAG R . -14.18 -2.17 -19.71
C8 NAG R . -14.05 -2.19 -18.22
N2 NAG R . -13.74 -1.03 -20.28
O3 NAG R . -14.54 -2.61 -22.80
O4 NAG R . -12.36 -2.39 -24.72
O5 NAG R . -12.59 0.90 -23.21
O6 NAG R . -12.79 1.28 -25.89
O7 NAG R . -14.65 -3.14 -20.31
C1 NAG S . 44.66 -23.58 -29.78
C2 NAG S . 44.09 -24.86 -30.40
C3 NAG S . 43.35 -25.72 -29.37
C4 NAG S . 44.09 -25.82 -28.03
C5 NAG S . 44.62 -24.46 -27.58
C6 NAG S . 45.44 -24.55 -26.31
C7 NAG S . 43.67 -24.34 -32.78
C8 NAG S . 42.61 -24.03 -33.81
N2 NAG S . 43.23 -24.55 -31.53
O3 NAG S . 43.18 -27.02 -29.88
O4 NAG S . 43.23 -26.34 -27.04
O5 NAG S . 45.40 -23.87 -28.61
O6 NAG S . 44.74 -23.91 -25.27
O7 NAG S . 44.85 -24.37 -33.12
C1 EDO T . -3.63 -2.49 -7.35
O1 EDO T . -4.38 -1.33 -7.70
C2 EDO T . -4.49 -3.70 -7.72
O2 EDO T . -5.03 -3.49 -9.03
C1 NAG U . 24.61 23.51 -7.87
C2 NAG U . 23.39 23.69 -8.78
C3 NAG U . 23.77 24.09 -10.21
C4 NAG U . 24.93 25.08 -10.29
C5 NAG U . 26.03 24.72 -9.30
C6 NAG U . 27.17 25.73 -9.28
C7 NAG U . 21.29 22.45 -9.06
C8 NAG U . 20.65 21.08 -9.03
N2 NAG U . 22.60 22.47 -8.81
O3 NAG U . 22.65 24.66 -10.83
O4 NAG U . 25.46 25.08 -11.60
O5 NAG U . 25.44 24.64 -8.01
O6 NAG U . 28.24 25.15 -8.57
O7 NAG U . 20.60 23.43 -9.29
C1 EDO V . -14.70 12.38 -1.35
O1 EDO V . -13.69 13.36 -1.11
C2 EDO V . -15.22 12.52 -2.78
O2 EDO V . -15.43 11.22 -3.33
C1 EDO W . -8.00 18.23 1.02
O1 EDO W . -9.23 18.74 1.58
C2 EDO W . -7.17 17.53 2.08
O2 EDO W . -7.94 16.49 2.71
C1 NAG X . -27.60 21.89 29.46
C2 NAG X . -27.93 23.19 28.69
C3 NAG X . -28.91 24.11 29.40
C4 NAG X . -28.64 24.29 30.90
C5 NAG X . -27.59 23.29 31.40
C6 NAG X . -27.53 23.20 32.92
C7 NAG X . -25.88 23.66 27.38
C8 NAG X . -24.70 24.57 27.24
N2 NAG X . -26.72 23.94 28.37
O3 NAG X . -30.23 23.65 29.23
O4 NAG X . -28.22 25.62 31.16
O5 NAG X . -27.86 22.01 30.84
O6 NAG X . -28.73 22.66 33.42
O7 NAG X . -26.03 22.72 26.59
C1 EDO Y . 3.56 -3.21 10.83
O1 EDO Y . 3.35 -2.85 9.46
C2 EDO Y . 2.23 -3.44 11.53
O2 EDO Y . 1.21 -3.83 10.60
C1 EDO Z . -21.21 4.78 30.46
O1 EDO Z . -22.58 4.43 30.63
C2 EDO Z . -20.31 3.64 30.90
O2 EDO Z . -19.07 3.75 30.20
C1 EDO AA . -18.05 -12.76 35.53
O1 EDO AA . -18.03 -11.40 35.04
C2 EDO AA . -19.35 -13.46 35.09
O2 EDO AA . -19.74 -12.96 33.79
C1 EDO BA . 1.42 -5.54 6.26
O1 EDO BA . 1.54 -6.48 5.19
C2 EDO BA . 0.90 -6.25 7.51
O2 EDO BA . 1.16 -7.66 7.41
C1 EDO CA . -9.95 -17.28 14.09
O1 EDO CA . -11.37 -17.07 14.08
C2 EDO CA . -9.32 -16.55 15.27
O2 EDO CA . -8.61 -17.47 16.10
#